data_4ZCQ
# 
_entry.id   4ZCQ 
# 
_audit_conform.dict_name       mmcif_pdbx.dic 
_audit_conform.dict_version    5.383 
_audit_conform.dict_location   http://mmcif.pdb.org/dictionaries/ascii/mmcif_pdbx.dic 
# 
loop_
_database_2.database_id 
_database_2.database_code 
_database_2.pdbx_database_accession 
_database_2.pdbx_DOI 
PDB   4ZCQ         pdb_00004zcq 10.2210/pdb4zcq/pdb 
WWPDB D_1000208910 ?            ?                   
# 
loop_
_pdbx_audit_revision_history.ordinal 
_pdbx_audit_revision_history.data_content_type 
_pdbx_audit_revision_history.major_revision 
_pdbx_audit_revision_history.minor_revision 
_pdbx_audit_revision_history.revision_date 
1 'Structure model' 1 0 2016-09-14 
2 'Structure model' 1 1 2018-08-29 
3 'Structure model' 1 2 2024-01-10 
# 
_pdbx_audit_revision_details.ordinal             1 
_pdbx_audit_revision_details.revision_ordinal    1 
_pdbx_audit_revision_details.data_content_type   'Structure model' 
_pdbx_audit_revision_details.provider            repository 
_pdbx_audit_revision_details.type                'Initial release' 
_pdbx_audit_revision_details.description         ? 
_pdbx_audit_revision_details.details             ? 
# 
loop_
_pdbx_audit_revision_group.ordinal 
_pdbx_audit_revision_group.revision_ordinal 
_pdbx_audit_revision_group.data_content_type 
_pdbx_audit_revision_group.group 
1 2 'Structure model' 'Data collection'        
2 2 'Structure model' 'Database references'    
3 3 'Structure model' 'Data collection'        
4 3 'Structure model' 'Database references'    
5 3 'Structure model' 'Refinement description' 
# 
loop_
_pdbx_audit_revision_category.ordinal 
_pdbx_audit_revision_category.revision_ordinal 
_pdbx_audit_revision_category.data_content_type 
_pdbx_audit_revision_category.category 
1 2 'Structure model' citation                      
2 2 'Structure model' citation_author               
3 3 'Structure model' chem_comp_atom                
4 3 'Structure model' chem_comp_bond                
5 3 'Structure model' database_2                    
6 3 'Structure model' pdbx_initial_refinement_model 
# 
loop_
_pdbx_audit_revision_item.ordinal 
_pdbx_audit_revision_item.revision_ordinal 
_pdbx_audit_revision_item.data_content_type 
_pdbx_audit_revision_item.item 
1  2 'Structure model' '_citation.country'                   
2  2 'Structure model' '_citation.journal_abbrev'            
3  2 'Structure model' '_citation.journal_id_CSD'            
4  2 'Structure model' '_citation.journal_id_ISSN'           
5  2 'Structure model' '_citation.journal_volume'            
6  2 'Structure model' '_citation.page_first'                
7  2 'Structure model' '_citation.page_last'                 
8  2 'Structure model' '_citation.pdbx_database_id_DOI'      
9  2 'Structure model' '_citation.pdbx_database_id_PubMed'   
10 2 'Structure model' '_citation.title'                     
11 2 'Structure model' '_citation.year'                      
12 3 'Structure model' '_database_2.pdbx_DOI'                
13 3 'Structure model' '_database_2.pdbx_database_accession' 
# 
_pdbx_database_status.status_code                     REL 
_pdbx_database_status.status_code_sf                  REL 
_pdbx_database_status.status_code_mr                  ? 
_pdbx_database_status.entry_id                        4ZCQ 
_pdbx_database_status.recvd_initial_deposition_date   2015-04-16 
_pdbx_database_status.SG_entry                        N 
_pdbx_database_status.deposit_site                    RCSB 
_pdbx_database_status.process_site                    PDBE 
_pdbx_database_status.status_code_cs                  ? 
_pdbx_database_status.methods_development_category    ? 
_pdbx_database_status.pdb_format_compatible           Y 
_pdbx_database_status.status_code_nmr_data            ? 
# 
_pdbx_database_related.db_name        PDB 
_pdbx_database_related.details        '4ZCP contains the protein complexed with CMP.' 
_pdbx_database_related.db_id          4ZCP 
_pdbx_database_related.content_type   unspecified 
# 
loop_
_audit_author.name 
_audit_author.pdbx_ordinal 
'Guca, E.'       1 
'Hoh, F.'        2 
'Guichou, J.-F.' 3 
'Cerdan, R.'     4 
# 
_citation.abstract                  ? 
_citation.abstract_id_CAS           ? 
_citation.book_id_ISBN              ? 
_citation.book_publisher            ? 
_citation.book_publisher_city       ? 
_citation.book_title                ? 
_citation.coordinate_linkage        ? 
_citation.country                   UK 
_citation.database_id_Medline       ? 
_citation.details                   ? 
_citation.id                        primary 
_citation.journal_abbrev            'Sci Rep' 
_citation.journal_id_ASTM           ? 
_citation.journal_id_CSD            ? 
_citation.journal_id_ISSN           2045-2322 
_citation.journal_full              ? 
_citation.journal_issue             ? 
_citation.journal_volume            8 
_citation.language                  ? 
_citation.page_first                11215 
_citation.page_last                 11215 
_citation.title                     
'Structural determinants of the catalytic mechanism of Plasmodium CCT, a key enzyme of malaria lipid biosynthesis.' 
_citation.year                      2018 
_citation.database_id_CSD           ? 
_citation.pdbx_database_id_DOI      10.1038/s41598-018-29500-9 
_citation.pdbx_database_id_PubMed   30046154 
_citation.unpublished_flag          ? 
# 
loop_
_citation_author.citation_id 
_citation_author.name 
_citation_author.ordinal 
_citation_author.identifier_ORCID 
primary 'Guca, E.'       1  ? 
primary 'Nagy, G.N.'     2  ? 
primary 'Hajdu, F.'      3  ? 
primary 'Marton, L.'     4  ? 
primary 'Izrael, R.'     5  ? 
primary 'Hoh, F.'        6  ? 
primary 'Yang, Y.'       7  ? 
primary 'Vial, H.'       8  ? 
primary 'Vertessy, B.G.' 9  ? 
primary 'Guichou, J.F.'  10 ? 
primary 'Cerdan, R.'     11 ? 
# 
loop_
_entity.id 
_entity.type 
_entity.src_method 
_entity.pdbx_description 
_entity.formula_weight 
_entity.pdbx_number_of_molecules 
_entity.pdbx_ec 
_entity.pdbx_mutation 
_entity.pdbx_fragment 
_entity.details 
1 polymer     man 'Cholinephosphate cytidylyltransferase' 20810.123 1  2.7.7.15 ? 'UNP residues 581-775' ? 
2 non-polymer syn 'CHOLINE ION'                           104.171   1  ?        ? ?                      ? 
3 water       nat water                                   18.015    63 ?        ? ?                      ? 
# 
_entity_poly.entity_id                      1 
_entity_poly.type                           'polypeptide(L)' 
_entity_poly.nstd_linkage                   no 
_entity_poly.nstd_monomer                   no 
_entity_poly.pdbx_seq_one_letter_code       
;GHMAVPDDDDDDDNSNDESEYESSQMDSEKNKGSIKNSKNVVIYADGVYDMLHLGHMKQLEQAKKLFENTTLIVGVTSDN
ETKLFKGQVVQTLEERTETLKHIRWVDEIISPCPWVVTPEFLEKYKIDYVAHDDIPYANNQKEDIYAWLKRAGKFKATQR
TEGVSTTDLIVRILKNYEDY
;
_entity_poly.pdbx_seq_one_letter_code_can   
;GHMAVPDDDDDDDNSNDESEYESSQMDSEKNKGSIKNSKNVVIYADGVYDMLHLGHMKQLEQAKKLFENTTLIVGVTSDN
ETKLFKGQVVQTLEERTETLKHIRWVDEIISPCPWVVTPEFLEKYKIDYVAHDDIPYANNQKEDIYAWLKRAGKFKATQR
TEGVSTTDLIVRILKNYEDY
;
_entity_poly.pdbx_strand_id                 A 
_entity_poly.pdbx_target_identifier         ? 
# 
loop_
_pdbx_entity_nonpoly.entity_id 
_pdbx_entity_nonpoly.name 
_pdbx_entity_nonpoly.comp_id 
2 'CHOLINE ION' CHT 
3 water         HOH 
# 
loop_
_entity_poly_seq.entity_id 
_entity_poly_seq.num 
_entity_poly_seq.mon_id 
_entity_poly_seq.hetero 
1 1   GLY n 
1 2   HIS n 
1 3   MET n 
1 4   ALA n 
1 5   VAL n 
1 6   PRO n 
1 7   ASP n 
1 8   ASP n 
1 9   ASP n 
1 10  ASP n 
1 11  ASP n 
1 12  ASP n 
1 13  ASP n 
1 14  ASN n 
1 15  SER n 
1 16  ASN n 
1 17  ASP n 
1 18  GLU n 
1 19  SER n 
1 20  GLU n 
1 21  TYR n 
1 22  GLU n 
1 23  SER n 
1 24  SER n 
1 25  GLN n 
1 26  MET n 
1 27  ASP n 
1 28  SER n 
1 29  GLU n 
1 30  LYS n 
1 31  ASN n 
1 32  LYS n 
1 33  GLY n 
1 34  SER n 
1 35  ILE n 
1 36  LYS n 
1 37  ASN n 
1 38  SER n 
1 39  LYS n 
1 40  ASN n 
1 41  VAL n 
1 42  VAL n 
1 43  ILE n 
1 44  TYR n 
1 45  ALA n 
1 46  ASP n 
1 47  GLY n 
1 48  VAL n 
1 49  TYR n 
1 50  ASP n 
1 51  MET n 
1 52  LEU n 
1 53  HIS n 
1 54  LEU n 
1 55  GLY n 
1 56  HIS n 
1 57  MET n 
1 58  LYS n 
1 59  GLN n 
1 60  LEU n 
1 61  GLU n 
1 62  GLN n 
1 63  ALA n 
1 64  LYS n 
1 65  LYS n 
1 66  LEU n 
1 67  PHE n 
1 68  GLU n 
1 69  ASN n 
1 70  THR n 
1 71  THR n 
1 72  LEU n 
1 73  ILE n 
1 74  VAL n 
1 75  GLY n 
1 76  VAL n 
1 77  THR n 
1 78  SER n 
1 79  ASP n 
1 80  ASN n 
1 81  GLU n 
1 82  THR n 
1 83  LYS n 
1 84  LEU n 
1 85  PHE n 
1 86  LYS n 
1 87  GLY n 
1 88  GLN n 
1 89  VAL n 
1 90  VAL n 
1 91  GLN n 
1 92  THR n 
1 93  LEU n 
1 94  GLU n 
1 95  GLU n 
1 96  ARG n 
1 97  THR n 
1 98  GLU n 
1 99  THR n 
1 100 LEU n 
1 101 LYS n 
1 102 HIS n 
1 103 ILE n 
1 104 ARG n 
1 105 TRP n 
1 106 VAL n 
1 107 ASP n 
1 108 GLU n 
1 109 ILE n 
1 110 ILE n 
1 111 SER n 
1 112 PRO n 
1 113 CYS n 
1 114 PRO n 
1 115 TRP n 
1 116 VAL n 
1 117 VAL n 
1 118 THR n 
1 119 PRO n 
1 120 GLU n 
1 121 PHE n 
1 122 LEU n 
1 123 GLU n 
1 124 LYS n 
1 125 TYR n 
1 126 LYS n 
1 127 ILE n 
1 128 ASP n 
1 129 TYR n 
1 130 VAL n 
1 131 ALA n 
1 132 HIS n 
1 133 ASP n 
1 134 ASP n 
1 135 ILE n 
1 136 PRO n 
1 137 TYR n 
1 138 ALA n 
1 139 ASN n 
1 140 ASN n 
1 141 GLN n 
1 142 LYS n 
1 143 GLU n 
1 144 ASP n 
1 145 ILE n 
1 146 TYR n 
1 147 ALA n 
1 148 TRP n 
1 149 LEU n 
1 150 LYS n 
1 151 ARG n 
1 152 ALA n 
1 153 GLY n 
1 154 LYS n 
1 155 PHE n 
1 156 LYS n 
1 157 ALA n 
1 158 THR n 
1 159 GLN n 
1 160 ARG n 
1 161 THR n 
1 162 GLU n 
1 163 GLY n 
1 164 VAL n 
1 165 SER n 
1 166 THR n 
1 167 THR n 
1 168 ASP n 
1 169 LEU n 
1 170 ILE n 
1 171 VAL n 
1 172 ARG n 
1 173 ILE n 
1 174 LEU n 
1 175 LYS n 
1 176 ASN n 
1 177 TYR n 
1 178 GLU n 
1 179 ASP n 
1 180 TYR n 
# 
_entity_src_gen.entity_id                          1 
_entity_src_gen.pdbx_src_id                        1 
_entity_src_gen.pdbx_alt_source_flag               sample 
_entity_src_gen.pdbx_seq_type                      'Biological sequence' 
_entity_src_gen.pdbx_beg_seq_num                   1 
_entity_src_gen.pdbx_end_seq_num                   180 
_entity_src_gen.gene_src_common_name               ? 
_entity_src_gen.gene_src_genus                     ? 
_entity_src_gen.pdbx_gene_src_gene                 'ctP, MAL13P1.86' 
_entity_src_gen.gene_src_species                   ? 
_entity_src_gen.gene_src_strain                    'isolate 3D7' 
_entity_src_gen.gene_src_tissue                    ? 
_entity_src_gen.gene_src_tissue_fraction           ? 
_entity_src_gen.gene_src_details                   ? 
_entity_src_gen.pdbx_gene_src_fragment             ? 
_entity_src_gen.pdbx_gene_src_scientific_name      'Plasmodium falciparum' 
_entity_src_gen.pdbx_gene_src_ncbi_taxonomy_id     36329 
_entity_src_gen.pdbx_gene_src_variant              ? 
_entity_src_gen.pdbx_gene_src_cell_line            ? 
_entity_src_gen.pdbx_gene_src_atcc                 ? 
_entity_src_gen.pdbx_gene_src_organ                ? 
_entity_src_gen.pdbx_gene_src_organelle            ? 
_entity_src_gen.pdbx_gene_src_cell                 ? 
_entity_src_gen.pdbx_gene_src_cellular_location    ? 
_entity_src_gen.host_org_common_name               ? 
_entity_src_gen.pdbx_host_org_scientific_name      'Escherichia coli' 
_entity_src_gen.pdbx_host_org_ncbi_taxonomy_id     562 
_entity_src_gen.host_org_genus                     ? 
_entity_src_gen.pdbx_host_org_gene                 ? 
_entity_src_gen.pdbx_host_org_organ                ? 
_entity_src_gen.host_org_species                   ? 
_entity_src_gen.pdbx_host_org_tissue               ? 
_entity_src_gen.pdbx_host_org_tissue_fraction      ? 
_entity_src_gen.pdbx_host_org_strain               ? 
_entity_src_gen.pdbx_host_org_variant              ? 
_entity_src_gen.pdbx_host_org_cell_line            ? 
_entity_src_gen.pdbx_host_org_atcc                 ? 
_entity_src_gen.pdbx_host_org_culture_collection   ? 
_entity_src_gen.pdbx_host_org_cell                 ? 
_entity_src_gen.pdbx_host_org_organelle            ? 
_entity_src_gen.pdbx_host_org_cellular_location    ? 
_entity_src_gen.pdbx_host_org_vector_type          ? 
_entity_src_gen.pdbx_host_org_vector               ? 
_entity_src_gen.host_org_details                   ? 
_entity_src_gen.expression_system_id               ? 
_entity_src_gen.plasmid_name                       ? 
_entity_src_gen.plasmid_details                    ? 
_entity_src_gen.pdbx_description                   ? 
# 
loop_
_chem_comp.id 
_chem_comp.type 
_chem_comp.mon_nstd_flag 
_chem_comp.name 
_chem_comp.pdbx_synonyms 
_chem_comp.formula 
_chem_comp.formula_weight 
ALA 'L-peptide linking' y ALANINE         ? 'C3 H7 N O2'     89.093  
ARG 'L-peptide linking' y ARGININE        ? 'C6 H15 N4 O2 1' 175.209 
ASN 'L-peptide linking' y ASPARAGINE      ? 'C4 H8 N2 O3'    132.118 
ASP 'L-peptide linking' y 'ASPARTIC ACID' ? 'C4 H7 N O4'     133.103 
CHT non-polymer         . 'CHOLINE ION'   ? 'C5 H14 N O 1'   104.171 
CYS 'L-peptide linking' y CYSTEINE        ? 'C3 H7 N O2 S'   121.158 
GLN 'L-peptide linking' y GLUTAMINE       ? 'C5 H10 N2 O3'   146.144 
GLU 'L-peptide linking' y 'GLUTAMIC ACID' ? 'C5 H9 N O4'     147.129 
GLY 'peptide linking'   y GLYCINE         ? 'C2 H5 N O2'     75.067  
HIS 'L-peptide linking' y HISTIDINE       ? 'C6 H10 N3 O2 1' 156.162 
HOH non-polymer         . WATER           ? 'H2 O'           18.015  
ILE 'L-peptide linking' y ISOLEUCINE      ? 'C6 H13 N O2'    131.173 
LEU 'L-peptide linking' y LEUCINE         ? 'C6 H13 N O2'    131.173 
LYS 'L-peptide linking' y LYSINE          ? 'C6 H15 N2 O2 1' 147.195 
MET 'L-peptide linking' y METHIONINE      ? 'C5 H11 N O2 S'  149.211 
PHE 'L-peptide linking' y PHENYLALANINE   ? 'C9 H11 N O2'    165.189 
PRO 'L-peptide linking' y PROLINE         ? 'C5 H9 N O2'     115.130 
SER 'L-peptide linking' y SERINE          ? 'C3 H7 N O3'     105.093 
THR 'L-peptide linking' y THREONINE       ? 'C4 H9 N O3'     119.119 
TRP 'L-peptide linking' y TRYPTOPHAN      ? 'C11 H12 N2 O2'  204.225 
TYR 'L-peptide linking' y TYROSINE        ? 'C9 H11 N O3'    181.189 
VAL 'L-peptide linking' y VALINE          ? 'C5 H11 N O2'    117.146 
# 
loop_
_pdbx_poly_seq_scheme.asym_id 
_pdbx_poly_seq_scheme.entity_id 
_pdbx_poly_seq_scheme.seq_id 
_pdbx_poly_seq_scheme.mon_id 
_pdbx_poly_seq_scheme.ndb_seq_num 
_pdbx_poly_seq_scheme.pdb_seq_num 
_pdbx_poly_seq_scheme.auth_seq_num 
_pdbx_poly_seq_scheme.pdb_mon_id 
_pdbx_poly_seq_scheme.auth_mon_id 
_pdbx_poly_seq_scheme.pdb_strand_id 
_pdbx_poly_seq_scheme.pdb_ins_code 
_pdbx_poly_seq_scheme.hetero 
A 1 1   GLY 1   578 ?   ?   ?   A . n 
A 1 2   HIS 2   579 ?   ?   ?   A . n 
A 1 3   MET 3   580 ?   ?   ?   A . n 
A 1 4   ALA 4   581 ?   ?   ?   A . n 
A 1 5   VAL 5   582 ?   ?   ?   A . n 
A 1 6   PRO 6   583 ?   ?   ?   A . n 
A 1 7   ASP 7   584 ?   ?   ?   A . n 
A 1 8   ASP 8   585 ?   ?   ?   A . n 
A 1 9   ASP 9   586 ?   ?   ?   A . n 
A 1 10  ASP 10  587 ?   ?   ?   A . n 
A 1 11  ASP 11  588 ?   ?   ?   A . n 
A 1 12  ASP 12  589 ?   ?   ?   A . n 
A 1 13  ASP 13  590 ?   ?   ?   A . n 
A 1 14  ASN 14  591 ?   ?   ?   A . n 
A 1 15  SER 15  592 ?   ?   ?   A . n 
A 1 16  ASN 16  593 ?   ?   ?   A . n 
A 1 17  ASP 17  594 ?   ?   ?   A . n 
A 1 18  GLU 18  595 ?   ?   ?   A . n 
A 1 19  SER 19  596 ?   ?   ?   A . n 
A 1 20  GLU 20  597 ?   ?   ?   A . n 
A 1 21  TYR 21  598 ?   ?   ?   A . n 
A 1 22  GLU 22  599 ?   ?   ?   A . n 
A 1 23  SER 23  600 ?   ?   ?   A . n 
A 1 24  SER 24  601 ?   ?   ?   A . n 
A 1 25  GLN 25  602 ?   ?   ?   A . n 
A 1 26  MET 26  603 ?   ?   ?   A . n 
A 1 27  ASP 27  604 ?   ?   ?   A . n 
A 1 28  SER 28  605 ?   ?   ?   A . n 
A 1 29  GLU 29  606 ?   ?   ?   A . n 
A 1 30  LYS 30  607 ?   ?   ?   A . n 
A 1 31  ASN 31  608 ?   ?   ?   A . n 
A 1 32  LYS 32  609 ?   ?   ?   A . n 
A 1 33  GLY 33  610 ?   ?   ?   A . n 
A 1 34  SER 34  611 ?   ?   ?   A . n 
A 1 35  ILE 35  612 ?   ?   ?   A . n 
A 1 36  LYS 36  613 ?   ?   ?   A . n 
A 1 37  ASN 37  614 ?   ?   ?   A . n 
A 1 38  SER 38  615 ?   ?   ?   A . n 
A 1 39  LYS 39  616 616 LYS LYS A . n 
A 1 40  ASN 40  617 617 ASN ASN A . n 
A 1 41  VAL 41  618 618 VAL VAL A . n 
A 1 42  VAL 42  619 619 VAL VAL A . n 
A 1 43  ILE 43  620 620 ILE ILE A . n 
A 1 44  TYR 44  621 621 TYR TYR A . n 
A 1 45  ALA 45  622 622 ALA ALA A . n 
A 1 46  ASP 46  623 623 ASP ASP A . n 
A 1 47  GLY 47  624 624 GLY GLY A . n 
A 1 48  VAL 48  625 625 VAL VAL A . n 
A 1 49  TYR 49  626 626 TYR TYR A . n 
A 1 50  ASP 50  627 627 ASP ASP A . n 
A 1 51  MET 51  628 628 MET MET A . n 
A 1 52  LEU 52  629 629 LEU LEU A . n 
A 1 53  HIS 53  630 630 HIS HIS A . n 
A 1 54  LEU 54  631 631 LEU LEU A . n 
A 1 55  GLY 55  632 632 GLY GLY A . n 
A 1 56  HIS 56  633 633 HIS HIS A . n 
A 1 57  MET 57  634 634 MET MET A . n 
A 1 58  LYS 58  635 635 LYS LYS A . n 
A 1 59  GLN 59  636 636 GLN GLN A . n 
A 1 60  LEU 60  637 637 LEU LEU A . n 
A 1 61  GLU 61  638 638 GLU GLU A . n 
A 1 62  GLN 62  639 639 GLN GLN A . n 
A 1 63  ALA 63  640 640 ALA ALA A . n 
A 1 64  LYS 64  641 641 LYS LYS A . n 
A 1 65  LYS 65  642 642 LYS LYS A . n 
A 1 66  LEU 66  643 643 LEU LEU A . n 
A 1 67  PHE 67  644 644 PHE PHE A . n 
A 1 68  GLU 68  645 645 GLU GLU A . n 
A 1 69  ASN 69  646 646 ASN ASN A . n 
A 1 70  THR 70  647 647 THR THR A . n 
A 1 71  THR 71  648 648 THR THR A . n 
A 1 72  LEU 72  649 649 LEU LEU A . n 
A 1 73  ILE 73  650 650 ILE ILE A . n 
A 1 74  VAL 74  651 651 VAL VAL A . n 
A 1 75  GLY 75  652 652 GLY GLY A . n 
A 1 76  VAL 76  653 653 VAL VAL A . n 
A 1 77  THR 77  654 654 THR THR A . n 
A 1 78  SER 78  655 655 SER SER A . n 
A 1 79  ASP 79  656 656 ASP ASP A . n 
A 1 80  ASN 80  657 657 ASN ASN A . n 
A 1 81  GLU 81  658 658 GLU GLU A . n 
A 1 82  THR 82  659 659 THR THR A . n 
A 1 83  LYS 83  660 660 LYS LYS A . n 
A 1 84  LEU 84  661 661 LEU LEU A . n 
A 1 85  PHE 85  662 662 PHE PHE A . n 
A 1 86  LYS 86  663 663 LYS LYS A . n 
A 1 87  GLY 87  664 664 GLY GLY A . n 
A 1 88  GLN 88  665 665 GLN GLN A . n 
A 1 89  VAL 89  666 666 VAL VAL A . n 
A 1 90  VAL 90  667 667 VAL VAL A . n 
A 1 91  GLN 91  668 668 GLN GLN A . n 
A 1 92  THR 92  669 669 THR THR A . n 
A 1 93  LEU 93  670 670 LEU LEU A . n 
A 1 94  GLU 94  671 671 GLU GLU A . n 
A 1 95  GLU 95  672 672 GLU GLU A . n 
A 1 96  ARG 96  673 673 ARG ARG A . n 
A 1 97  THR 97  674 674 THR THR A . n 
A 1 98  GLU 98  675 675 GLU GLU A . n 
A 1 99  THR 99  676 676 THR THR A . n 
A 1 100 LEU 100 677 677 LEU LEU A . n 
A 1 101 LYS 101 678 678 LYS LYS A . n 
A 1 102 HIS 102 679 679 HIS HIS A . n 
A 1 103 ILE 103 680 680 ILE ILE A . n 
A 1 104 ARG 104 681 681 ARG ARG A . n 
A 1 105 TRP 105 682 682 TRP TRP A . n 
A 1 106 VAL 106 683 683 VAL VAL A . n 
A 1 107 ASP 107 684 684 ASP ASP A . n 
A 1 108 GLU 108 685 685 GLU GLU A . n 
A 1 109 ILE 109 686 686 ILE ILE A . n 
A 1 110 ILE 110 687 687 ILE ILE A . n 
A 1 111 SER 111 688 688 SER SER A . n 
A 1 112 PRO 112 689 689 PRO PRO A . n 
A 1 113 CYS 113 690 690 CYS CYS A . n 
A 1 114 PRO 114 691 691 PRO PRO A . n 
A 1 115 TRP 115 692 692 TRP TRP A . n 
A 1 116 VAL 116 693 693 VAL VAL A . n 
A 1 117 VAL 117 694 694 VAL VAL A . n 
A 1 118 THR 118 695 695 THR THR A . n 
A 1 119 PRO 119 696 696 PRO PRO A . n 
A 1 120 GLU 120 697 697 GLU GLU A . n 
A 1 121 PHE 121 698 698 PHE PHE A . n 
A 1 122 LEU 122 699 699 LEU LEU A . n 
A 1 123 GLU 123 700 700 GLU GLU A . n 
A 1 124 LYS 124 701 701 LYS LYS A . n 
A 1 125 TYR 125 702 702 TYR TYR A . n 
A 1 126 LYS 126 703 703 LYS LYS A . n 
A 1 127 ILE 127 704 704 ILE ILE A . n 
A 1 128 ASP 128 705 705 ASP ASP A . n 
A 1 129 TYR 129 706 706 TYR TYR A . n 
A 1 130 VAL 130 707 707 VAL VAL A . n 
A 1 131 ALA 131 708 708 ALA ALA A . n 
A 1 132 HIS 132 709 709 HIS HIS A . n 
A 1 133 ASP 133 710 710 ASP ASP A . n 
A 1 134 ASP 134 729 ?   ?   ?   A . n 
A 1 135 ILE 135 730 ?   ?   ?   A . n 
A 1 136 PRO 136 731 ?   ?   ?   A . n 
A 1 137 TYR 137 732 ?   ?   ?   A . n 
A 1 138 ALA 138 733 ?   ?   ?   A . n 
A 1 139 ASN 139 734 ?   ?   ?   A . n 
A 1 140 ASN 140 735 ?   ?   ?   A . n 
A 1 141 GLN 141 736 ?   ?   ?   A . n 
A 1 142 LYS 142 737 ?   ?   ?   A . n 
A 1 143 GLU 143 738 738 GLU GLU A . n 
A 1 144 ASP 144 739 739 ASP ASP A . n 
A 1 145 ILE 145 740 740 ILE ILE A . n 
A 1 146 TYR 146 741 741 TYR TYR A . n 
A 1 147 ALA 147 742 742 ALA ALA A . n 
A 1 148 TRP 148 743 743 TRP TRP A . n 
A 1 149 LEU 149 744 744 LEU LEU A . n 
A 1 150 LYS 150 745 745 LYS LYS A . n 
A 1 151 ARG 151 746 746 ARG ARG A . n 
A 1 152 ALA 152 747 747 ALA ALA A . n 
A 1 153 GLY 153 748 748 GLY GLY A . n 
A 1 154 LYS 154 749 749 LYS LYS A . n 
A 1 155 PHE 155 750 750 PHE PHE A . n 
A 1 156 LYS 156 751 751 LYS LYS A . n 
A 1 157 ALA 157 752 752 ALA ALA A . n 
A 1 158 THR 158 753 753 THR THR A . n 
A 1 159 GLN 159 754 754 GLN GLN A . n 
A 1 160 ARG 160 755 755 ARG ARG A . n 
A 1 161 THR 161 756 756 THR THR A . n 
A 1 162 GLU 162 757 757 GLU GLU A . n 
A 1 163 GLY 163 758 758 GLY GLY A . n 
A 1 164 VAL 164 759 759 VAL VAL A . n 
A 1 165 SER 165 760 760 SER SER A . n 
A 1 166 THR 166 761 761 THR THR A . n 
A 1 167 THR 167 762 762 THR THR A . n 
A 1 168 ASP 168 763 763 ASP ASP A . n 
A 1 169 LEU 169 764 764 LEU LEU A . n 
A 1 170 ILE 170 765 765 ILE ILE A . n 
A 1 171 VAL 171 766 766 VAL VAL A . n 
A 1 172 ARG 172 767 767 ARG ARG A . n 
A 1 173 ILE 173 768 768 ILE ILE A . n 
A 1 174 LEU 174 769 769 LEU LEU A . n 
A 1 175 LYS 175 770 770 LYS LYS A . n 
A 1 176 ASN 176 771 771 ASN ASN A . n 
A 1 177 TYR 177 772 772 TYR TYR A . n 
A 1 178 GLU 178 773 ?   ?   ?   A . n 
A 1 179 ASP 179 774 ?   ?   ?   A . n 
A 1 180 TYR 180 775 ?   ?   ?   A . n 
# 
loop_
_pdbx_nonpoly_scheme.asym_id 
_pdbx_nonpoly_scheme.entity_id 
_pdbx_nonpoly_scheme.mon_id 
_pdbx_nonpoly_scheme.ndb_seq_num 
_pdbx_nonpoly_scheme.pdb_seq_num 
_pdbx_nonpoly_scheme.auth_seq_num 
_pdbx_nonpoly_scheme.pdb_mon_id 
_pdbx_nonpoly_scheme.auth_mon_id 
_pdbx_nonpoly_scheme.pdb_strand_id 
_pdbx_nonpoly_scheme.pdb_ins_code 
B 2 CHT 1  801 1  CHT CHT A . 
C 3 HOH 1  901 10 HOH HOH A . 
C 3 HOH 2  902 19 HOH HOH A . 
C 3 HOH 3  903 3  HOH HOH A . 
C 3 HOH 4  904 48 HOH HOH A . 
C 3 HOH 5  905 40 HOH HOH A . 
C 3 HOH 6  906 34 HOH HOH A . 
C 3 HOH 7  907 44 HOH HOH A . 
C 3 HOH 8  908 33 HOH HOH A . 
C 3 HOH 9  909 16 HOH HOH A . 
C 3 HOH 10 910 9  HOH HOH A . 
C 3 HOH 11 911 1  HOH HOH A . 
C 3 HOH 12 912 35 HOH HOH A . 
C 3 HOH 13 913 46 HOH HOH A . 
C 3 HOH 14 914 45 HOH HOH A . 
C 3 HOH 15 915 12 HOH HOH A . 
C 3 HOH 16 916 41 HOH HOH A . 
C 3 HOH 17 917 8  HOH HOH A . 
C 3 HOH 18 918 25 HOH HOH A . 
C 3 HOH 19 919 14 HOH HOH A . 
C 3 HOH 20 920 5  HOH HOH A . 
C 3 HOH 21 921 23 HOH HOH A . 
C 3 HOH 22 922 17 HOH HOH A . 
C 3 HOH 23 923 42 HOH HOH A . 
C 3 HOH 24 924 27 HOH HOH A . 
C 3 HOH 25 925 18 HOH HOH A . 
C 3 HOH 26 926 28 HOH HOH A . 
C 3 HOH 27 927 50 HOH HOH A . 
C 3 HOH 28 928 24 HOH HOH A . 
C 3 HOH 29 929 36 HOH HOH A . 
C 3 HOH 30 930 62 HOH HOH A . 
C 3 HOH 31 931 57 HOH HOH A . 
C 3 HOH 32 932 30 HOH HOH A . 
C 3 HOH 33 933 6  HOH HOH A . 
C 3 HOH 34 934 39 HOH HOH A . 
C 3 HOH 35 935 26 HOH HOH A . 
C 3 HOH 36 936 11 HOH HOH A . 
C 3 HOH 37 937 54 HOH HOH A . 
C 3 HOH 38 938 21 HOH HOH A . 
C 3 HOH 39 939 7  HOH HOH A . 
C 3 HOH 40 940 29 HOH HOH A . 
C 3 HOH 41 941 15 HOH HOH A . 
C 3 HOH 42 942 61 HOH HOH A . 
C 3 HOH 43 943 20 HOH HOH A . 
C 3 HOH 44 944 43 HOH HOH A . 
C 3 HOH 45 945 59 HOH HOH A . 
C 3 HOH 46 946 49 HOH HOH A . 
C 3 HOH 47 947 53 HOH HOH A . 
C 3 HOH 48 948 22 HOH HOH A . 
C 3 HOH 49 949 32 HOH HOH A . 
C 3 HOH 50 950 56 HOH HOH A . 
C 3 HOH 51 951 38 HOH HOH A . 
C 3 HOH 52 952 37 HOH HOH A . 
C 3 HOH 53 953 55 HOH HOH A . 
C 3 HOH 54 954 13 HOH HOH A . 
C 3 HOH 55 955 63 HOH HOH A . 
C 3 HOH 56 956 2  HOH HOH A . 
C 3 HOH 57 957 4  HOH HOH A . 
C 3 HOH 58 958 31 HOH HOH A . 
C 3 HOH 59 959 58 HOH HOH A . 
C 3 HOH 60 960 60 HOH HOH A . 
C 3 HOH 61 961 52 HOH HOH A . 
C 3 HOH 62 962 51 HOH HOH A . 
C 3 HOH 63 963 47 HOH HOH A . 
# 
loop_
_pdbx_unobs_or_zero_occ_atoms.id 
_pdbx_unobs_or_zero_occ_atoms.PDB_model_num 
_pdbx_unobs_or_zero_occ_atoms.polymer_flag 
_pdbx_unobs_or_zero_occ_atoms.occupancy_flag 
_pdbx_unobs_or_zero_occ_atoms.auth_asym_id 
_pdbx_unobs_or_zero_occ_atoms.auth_comp_id 
_pdbx_unobs_or_zero_occ_atoms.auth_seq_id 
_pdbx_unobs_or_zero_occ_atoms.PDB_ins_code 
_pdbx_unobs_or_zero_occ_atoms.auth_atom_id 
_pdbx_unobs_or_zero_occ_atoms.label_alt_id 
_pdbx_unobs_or_zero_occ_atoms.label_asym_id 
_pdbx_unobs_or_zero_occ_atoms.label_comp_id 
_pdbx_unobs_or_zero_occ_atoms.label_seq_id 
_pdbx_unobs_or_zero_occ_atoms.label_atom_id 
1  1 Y 1 A LYS 616 ? CE  ? A LYS 39  CE  
2  1 Y 1 A LYS 616 ? NZ  ? A LYS 39  NZ  
3  1 Y 1 A GLU 645 ? CD  ? A GLU 68  CD  
4  1 Y 1 A GLU 645 ? OE1 ? A GLU 68  OE1 
5  1 Y 1 A GLU 645 ? OE2 ? A GLU 68  OE2 
6  1 Y 1 A LYS 660 ? CD  ? A LYS 83  CD  
7  1 Y 1 A LYS 660 ? CE  ? A LYS 83  CE  
8  1 Y 1 A LYS 660 ? NZ  ? A LYS 83  NZ  
9  1 Y 1 A LYS 663 ? NZ  ? A LYS 86  NZ  
10 1 Y 1 A GLN 665 ? CG  ? A GLN 88  CG  
11 1 Y 1 A GLN 665 ? CD  ? A GLN 88  CD  
12 1 Y 1 A GLN 665 ? OE1 ? A GLN 88  OE1 
13 1 Y 1 A GLN 665 ? NE2 ? A GLN 88  NE2 
14 1 Y 1 A GLU 738 ? CG  ? A GLU 143 CG  
15 1 Y 1 A GLU 738 ? CD  ? A GLU 143 CD  
16 1 Y 1 A GLU 738 ? OE1 ? A GLU 143 OE1 
17 1 Y 1 A GLU 738 ? OE2 ? A GLU 143 OE2 
18 1 Y 1 A ILE 740 ? CD1 ? A ILE 145 CD1 
19 1 Y 1 A ARG 755 ? CG  ? A ARG 160 CG  
20 1 Y 1 A ARG 755 ? CD  ? A ARG 160 CD  
21 1 Y 1 A ARG 755 ? NE  ? A ARG 160 NE  
22 1 Y 1 A ARG 755 ? CZ  ? A ARG 160 CZ  
23 1 Y 1 A ARG 755 ? NH1 ? A ARG 160 NH1 
24 1 Y 1 A ARG 755 ? NH2 ? A ARG 160 NH2 
25 1 Y 1 A GLU 757 ? CG  ? A GLU 162 CG  
26 1 Y 1 A GLU 757 ? CD  ? A GLU 162 CD  
27 1 Y 1 A GLU 757 ? OE1 ? A GLU 162 OE1 
28 1 Y 1 A GLU 757 ? OE2 ? A GLU 162 OE2 
29 1 Y 1 A LYS 770 ? CD  ? A LYS 175 CD  
30 1 Y 1 A LYS 770 ? CE  ? A LYS 175 CE  
31 1 Y 1 A LYS 770 ? NZ  ? A LYS 175 NZ  
# 
loop_
_software.citation_id 
_software.classification 
_software.compiler_name 
_software.compiler_version 
_software.contact_author 
_software.contact_author_email 
_software.date 
_software.description 
_software.dependencies 
_software.hardware 
_software.language 
_software.location 
_software.mods 
_software.name 
_software.os 
_software.os_version 
_software.type 
_software.version 
_software.pdbx_ordinal 
? refinement       ? ? ? ? ? ? ? ? ? ? ? PHENIX ? ? ? 1.9_1692 1 
? 'data reduction' ? ? ? ? ? ? ? ? ? ? ? XDS    ? ? ? .        2 
? 'model building' ? ? ? ? ? ? ? ? ? ? ? Coot   ? ? ? .        3 
? phasing          ? ? ? ? ? ? ? ? ? ? ? PHASER ? ? ? .        4 
? 'data scaling'   ? ? ? ? ? ? ? ? ? ? ? XSCALE ? ? ? .        5 
# 
_cell.angle_alpha                  90.00 
_cell.angle_alpha_esd              ? 
_cell.angle_beta                   90.00 
_cell.angle_beta_esd               ? 
_cell.angle_gamma                  90.00 
_cell.angle_gamma_esd              ? 
_cell.entry_id                     4ZCQ 
_cell.details                      ? 
_cell.formula_units_Z              ? 
_cell.length_a                     50.630 
_cell.length_a_esd                 ? 
_cell.length_b                     69.350 
_cell.length_b_esd                 ? 
_cell.length_c                     118.990 
_cell.length_c_esd                 ? 
_cell.volume                       ? 
_cell.volume_esd                   ? 
_cell.Z_PDB                        8 
_cell.reciprocal_angle_alpha       ? 
_cell.reciprocal_angle_beta        ? 
_cell.reciprocal_angle_gamma       ? 
_cell.reciprocal_angle_alpha_esd   ? 
_cell.reciprocal_angle_beta_esd    ? 
_cell.reciprocal_angle_gamma_esd   ? 
_cell.reciprocal_length_a          ? 
_cell.reciprocal_length_b          ? 
_cell.reciprocal_length_c          ? 
_cell.reciprocal_length_a_esd      ? 
_cell.reciprocal_length_b_esd      ? 
_cell.reciprocal_length_c_esd      ? 
_cell.pdbx_unique_axis             ? 
# 
_symmetry.entry_id                         4ZCQ 
_symmetry.cell_setting                     ? 
_symmetry.Int_Tables_number                23 
_symmetry.space_group_name_Hall            ? 
_symmetry.space_group_name_H-M             'I 2 2 2' 
_symmetry.pdbx_full_space_group_name_H-M   ? 
# 
_exptl.absorpt_coefficient_mu     ? 
_exptl.absorpt_correction_T_max   ? 
_exptl.absorpt_correction_T_min   ? 
_exptl.absorpt_correction_type    ? 
_exptl.absorpt_process_details    ? 
_exptl.entry_id                   4ZCQ 
_exptl.crystals_number            ? 
_exptl.details                    ? 
_exptl.method                     'X-RAY DIFFRACTION' 
_exptl.method_details             ? 
# 
_exptl_crystal.colour                      ? 
_exptl_crystal.density_diffrn              ? 
_exptl_crystal.density_Matthews            2.51 
_exptl_crystal.density_method              ? 
_exptl_crystal.density_percent_sol         50.99 
_exptl_crystal.description                 ? 
_exptl_crystal.F_000                       ? 
_exptl_crystal.id                          1 
_exptl_crystal.preparation                 ? 
_exptl_crystal.size_max                    ? 
_exptl_crystal.size_mid                    ? 
_exptl_crystal.size_min                    ? 
_exptl_crystal.size_rad                    ? 
_exptl_crystal.colour_lustre               ? 
_exptl_crystal.colour_modifier             ? 
_exptl_crystal.colour_primary              ? 
_exptl_crystal.density_meas                ? 
_exptl_crystal.density_meas_esd            ? 
_exptl_crystal.density_meas_gt             ? 
_exptl_crystal.density_meas_lt             ? 
_exptl_crystal.density_meas_temp           ? 
_exptl_crystal.density_meas_temp_esd       ? 
_exptl_crystal.density_meas_temp_gt        ? 
_exptl_crystal.density_meas_temp_lt        ? 
_exptl_crystal.pdbx_crystal_image_url      ? 
_exptl_crystal.pdbx_crystal_image_format   ? 
_exptl_crystal.pdbx_mosaicity              ? 
_exptl_crystal.pdbx_mosaicity_esd          ? 
# 
_exptl_crystal_grow.apparatus       ? 
_exptl_crystal_grow.atmosphere      ? 
_exptl_crystal_grow.crystal_id      1 
_exptl_crystal_grow.details         ? 
_exptl_crystal_grow.method          'VAPOR DIFFUSION, HANGING DROP' 
_exptl_crystal_grow.method_ref      ? 
_exptl_crystal_grow.pH              7.5 
_exptl_crystal_grow.pressure        ? 
_exptl_crystal_grow.pressure_esd    ? 
_exptl_crystal_grow.seeding         ? 
_exptl_crystal_grow.seeding_ref     ? 
_exptl_crystal_grow.temp            293 
_exptl_crystal_grow.temp_details    ? 
_exptl_crystal_grow.temp_esd        ? 
_exptl_crystal_grow.time            ? 
_exptl_crystal_grow.pdbx_details    '24% PEG 3350, 0.08M NaF' 
_exptl_crystal_grow.pdbx_pH_range   ? 
# 
_diffrn.ambient_environment    ? 
_diffrn.ambient_temp           100 
_diffrn.ambient_temp_details   ? 
_diffrn.ambient_temp_esd       ? 
_diffrn.crystal_id             1 
_diffrn.crystal_support        ? 
_diffrn.crystal_treatment      ? 
_diffrn.details                ? 
_diffrn.id                     1 
_diffrn.ambient_pressure       ? 
_diffrn.ambient_pressure_esd   ? 
_diffrn.ambient_pressure_gt    ? 
_diffrn.ambient_pressure_lt    ? 
_diffrn.ambient_temp_gt        ? 
_diffrn.ambient_temp_lt        ? 
# 
_diffrn_detector.details                      ? 
_diffrn_detector.detector                     PIXEL 
_diffrn_detector.diffrn_id                    1 
_diffrn_detector.type                         'DECTRIS PILATUS 6M-F' 
_diffrn_detector.area_resol_mean              ? 
_diffrn_detector.dtime                        ? 
_diffrn_detector.pdbx_frames_total            ? 
_diffrn_detector.pdbx_collection_time_total   ? 
_diffrn_detector.pdbx_collection_date         2015-03-14 
# 
_diffrn_radiation.collimation                      ? 
_diffrn_radiation.diffrn_id                        1 
_diffrn_radiation.filter_edge                      ? 
_diffrn_radiation.inhomogeneity                    ? 
_diffrn_radiation.monochromator                    ? 
_diffrn_radiation.polarisn_norm                    ? 
_diffrn_radiation.polarisn_ratio                   ? 
_diffrn_radiation.probe                            ? 
_diffrn_radiation.type                             ? 
_diffrn_radiation.xray_symbol                      ? 
_diffrn_radiation.wavelength_id                    1 
_diffrn_radiation.pdbx_monochromatic_or_laue_m_l   M 
_diffrn_radiation.pdbx_wavelength_list             ? 
_diffrn_radiation.pdbx_wavelength                  ? 
_diffrn_radiation.pdbx_diffrn_protocol             'SINGLE WAVELENGTH' 
_diffrn_radiation.pdbx_analyzer                    ? 
_diffrn_radiation.pdbx_scattering_type             x-ray 
# 
_diffrn_radiation_wavelength.id           1 
_diffrn_radiation_wavelength.wavelength   0.972957 
_diffrn_radiation_wavelength.wt           1.0 
# 
_diffrn_source.current                     ? 
_diffrn_source.details                     ? 
_diffrn_source.diffrn_id                   1 
_diffrn_source.power                       ? 
_diffrn_source.size                        ? 
_diffrn_source.source                      SYNCHROTRON 
_diffrn_source.target                      ? 
_diffrn_source.type                        'ESRF BEAMLINE ID23-1' 
_diffrn_source.voltage                     ? 
_diffrn_source.take-off_angle              ? 
_diffrn_source.pdbx_wavelength_list        0.972957 
_diffrn_source.pdbx_wavelength             ? 
_diffrn_source.pdbx_synchrotron_beamline   ID23-1 
_diffrn_source.pdbx_synchrotron_site       ESRF 
# 
_reflns.B_iso_Wilson_estimate            ? 
_reflns.entry_id                         4ZCQ 
_reflns.data_reduction_details           ? 
_reflns.data_reduction_method            ? 
_reflns.d_resolution_high                1.92 
_reflns.d_resolution_low                 34.43 
_reflns.details                          ? 
_reflns.limit_h_max                      ? 
_reflns.limit_h_min                      ? 
_reflns.limit_k_max                      ? 
_reflns.limit_k_min                      ? 
_reflns.limit_l_max                      ? 
_reflns.limit_l_min                      ? 
_reflns.number_all                       ? 
_reflns.number_obs                       16280 
_reflns.observed_criterion               ? 
_reflns.observed_criterion_F_max         ? 
_reflns.observed_criterion_F_min         ? 
_reflns.observed_criterion_I_max         ? 
_reflns.observed_criterion_I_min         ? 
_reflns.observed_criterion_sigma_F       ? 
_reflns.observed_criterion_sigma_I       ? 
_reflns.percent_possible_obs             99.22 
_reflns.R_free_details                   ? 
_reflns.Rmerge_F_all                     ? 
_reflns.Rmerge_F_obs                     ? 
_reflns.Friedel_coverage                 ? 
_reflns.number_gt                        ? 
_reflns.threshold_expression             ? 
_reflns.pdbx_redundancy                  4.0 
_reflns.pdbx_Rmerge_I_obs                ? 
_reflns.pdbx_Rmerge_I_all                ? 
_reflns.pdbx_Rsym_value                  0.038 
_reflns.pdbx_netI_over_av_sigmaI         ? 
_reflns.pdbx_netI_over_sigmaI            15.0 
_reflns.pdbx_res_netI_over_av_sigmaI_2   ? 
_reflns.pdbx_res_netI_over_sigmaI_2      ? 
_reflns.pdbx_chi_squared                 ? 
_reflns.pdbx_scaling_rejects             ? 
_reflns.pdbx_d_res_high_opt              ? 
_reflns.pdbx_d_res_low_opt               ? 
_reflns.pdbx_d_res_opt_method            ? 
_reflns.phase_calculation_details        ? 
_reflns.pdbx_Rrim_I_all                  ? 
_reflns.pdbx_Rpim_I_all                  ? 
_reflns.pdbx_d_opt                       ? 
_reflns.pdbx_number_measured_all         ? 
_reflns.pdbx_diffrn_id                   1 
_reflns.pdbx_ordinal                     1 
_reflns.pdbx_CC_half                     ? 
_reflns.pdbx_R_split                     ? 
# 
_refine.aniso_B[1][1]                            ? 
_refine.aniso_B[1][2]                            ? 
_refine.aniso_B[1][3]                            ? 
_refine.aniso_B[2][2]                            ? 
_refine.aniso_B[2][3]                            ? 
_refine.aniso_B[3][3]                            ? 
_refine.B_iso_max                                ? 
_refine.B_iso_mean                               ? 
_refine.B_iso_min                                ? 
_refine.correlation_coeff_Fo_to_Fc               ? 
_refine.correlation_coeff_Fo_to_Fc_free          ? 
_refine.details                                  ? 
_refine.diff_density_max                         ? 
_refine.diff_density_max_esd                     ? 
_refine.diff_density_min                         ? 
_refine.diff_density_min_esd                     ? 
_refine.diff_density_rms                         ? 
_refine.diff_density_rms_esd                     ? 
_refine.entry_id                                 4ZCQ 
_refine.pdbx_refine_id                           'X-RAY DIFFRACTION' 
_refine.ls_abs_structure_details                 ? 
_refine.ls_abs_structure_Flack                   ? 
_refine.ls_abs_structure_Flack_esd               ? 
_refine.ls_abs_structure_Rogers                  ? 
_refine.ls_abs_structure_Rogers_esd              ? 
_refine.ls_d_res_high                            1.920 
_refine.ls_d_res_low                             34.430 
_refine.ls_extinction_coef                       ? 
_refine.ls_extinction_coef_esd                   ? 
_refine.ls_extinction_expression                 ? 
_refine.ls_extinction_method                     ? 
_refine.ls_goodness_of_fit_all                   ? 
_refine.ls_goodness_of_fit_all_esd               ? 
_refine.ls_goodness_of_fit_obs                   ? 
_refine.ls_goodness_of_fit_obs_esd               ? 
_refine.ls_hydrogen_treatment                    ? 
_refine.ls_matrix_type                           ? 
_refine.ls_number_constraints                    ? 
_refine.ls_number_parameters                     ? 
_refine.ls_number_reflns_all                     ? 
_refine.ls_number_reflns_obs                     16280 
_refine.ls_number_reflns_R_free                  821 
_refine.ls_number_reflns_R_work                  ? 
_refine.ls_number_restraints                     ? 
_refine.ls_percent_reflns_obs                    99.22 
_refine.ls_percent_reflns_R_free                 5.04 
_refine.ls_R_factor_all                          ? 
_refine.ls_R_factor_obs                          0.2040 
_refine.ls_R_factor_R_free                       0.2260 
_refine.ls_R_factor_R_free_error                 ? 
_refine.ls_R_factor_R_free_error_details         ? 
_refine.ls_R_factor_R_work                       0.2028 
_refine.ls_R_Fsqd_factor_obs                     ? 
_refine.ls_R_I_factor_obs                        ? 
_refine.ls_redundancy_reflns_all                 ? 
_refine.ls_redundancy_reflns_obs                 ? 
_refine.ls_restrained_S_all                      ? 
_refine.ls_restrained_S_obs                      ? 
_refine.ls_shift_over_esd_max                    ? 
_refine.ls_shift_over_esd_mean                   ? 
_refine.ls_structure_factor_coef                 ? 
_refine.ls_weighting_details                     ? 
_refine.ls_weighting_scheme                      ? 
_refine.ls_wR_factor_all                         ? 
_refine.ls_wR_factor_obs                         ? 
_refine.ls_wR_factor_R_free                      ? 
_refine.ls_wR_factor_R_work                      ? 
_refine.occupancy_max                            ? 
_refine.occupancy_min                            ? 
_refine.solvent_model_details                    'FLAT BULK SOLVENT MODEL' 
_refine.solvent_model_param_bsol                 ? 
_refine.solvent_model_param_ksol                 ? 
_refine.ls_R_factor_gt                           ? 
_refine.ls_goodness_of_fit_gt                    ? 
_refine.ls_goodness_of_fit_ref                   ? 
_refine.ls_shift_over_su_max                     ? 
_refine.ls_shift_over_su_max_lt                  ? 
_refine.ls_shift_over_su_mean                    ? 
_refine.ls_shift_over_su_mean_lt                 ? 
_refine.pdbx_ls_sigma_I                          ? 
_refine.pdbx_ls_sigma_F                          1.35 
_refine.pdbx_ls_sigma_Fsqd                       ? 
_refine.pdbx_data_cutoff_high_absF               ? 
_refine.pdbx_data_cutoff_high_rms_absF           ? 
_refine.pdbx_data_cutoff_low_absF                ? 
_refine.pdbx_isotropic_thermal_model             ? 
_refine.pdbx_ls_cross_valid_method               'FREE R-VALUE' 
_refine.pdbx_method_to_determine_struct          'MOLECULAR REPLACEMENT' 
_refine.pdbx_starting_model                      4ZCT 
_refine.pdbx_stereochemistry_target_values       ML 
_refine.pdbx_R_Free_selection_details            random 
_refine.pdbx_stereochem_target_val_spec_case     ? 
_refine.pdbx_overall_ESU_R                       ? 
_refine.pdbx_overall_ESU_R_Free                  ? 
_refine.pdbx_solvent_vdw_probe_radii             1.11 
_refine.pdbx_solvent_ion_probe_radii             ? 
_refine.pdbx_solvent_shrinkage_radii             0.90 
_refine.pdbx_real_space_R                        ? 
_refine.pdbx_density_correlation                 ? 
_refine.pdbx_pd_number_of_powder_patterns        ? 
_refine.pdbx_pd_number_of_points                 ? 
_refine.pdbx_pd_meas_number_of_points            ? 
_refine.pdbx_pd_proc_ls_prof_R_factor            ? 
_refine.pdbx_pd_proc_ls_prof_wR_factor           ? 
_refine.pdbx_pd_Marquardt_correlation_coeff      ? 
_refine.pdbx_pd_Fsqrd_R_factor                   ? 
_refine.pdbx_pd_ls_matrix_band_width             ? 
_refine.pdbx_overall_phase_error                 26.52 
_refine.pdbx_overall_SU_R_free_Cruickshank_DPI   ? 
_refine.pdbx_overall_SU_R_free_Blow_DPI          ? 
_refine.pdbx_overall_SU_R_Blow_DPI               ? 
_refine.pdbx_TLS_residual_ADP_flag               ? 
_refine.pdbx_diffrn_id                           1 
_refine.overall_SU_B                             ? 
_refine.overall_SU_ML                            0.24 
_refine.overall_SU_R_Cruickshank_DPI             ? 
_refine.overall_SU_R_free                        ? 
_refine.overall_FOM_free_R_set                   ? 
_refine.overall_FOM_work_R_set                   ? 
_refine.pdbx_average_fsc_overall                 ? 
_refine.pdbx_average_fsc_work                    ? 
_refine.pdbx_average_fsc_free                    ? 
# 
_refine_hist.pdbx_refine_id                   'X-RAY DIFFRACTION' 
_refine_hist.cycle_id                         LAST 
_refine_hist.pdbx_number_atoms_protein        1037 
_refine_hist.pdbx_number_atoms_nucleic_acid   0 
_refine_hist.pdbx_number_atoms_ligand         7 
_refine_hist.number_atoms_solvent             63 
_refine_hist.number_atoms_total               1107 
_refine_hist.d_res_high                       1.920 
_refine_hist.d_res_low                        34.430 
# 
loop_
_refine_ls_restr.pdbx_refine_id 
_refine_ls_restr.criterion 
_refine_ls_restr.dev_ideal 
_refine_ls_restr.dev_ideal_target 
_refine_ls_restr.number 
_refine_ls_restr.rejects 
_refine_ls_restr.type 
_refine_ls_restr.weight 
_refine_ls_restr.pdbx_restraint_function 
'X-RAY DIFFRACTION' ? 0.008  ? 1070 ? f_bond_d           ? ? 
'X-RAY DIFFRACTION' ? 0.965  ? 1454 ? f_angle_d          ? ? 
'X-RAY DIFFRACTION' ? 11.778 ? 382  ? f_dihedral_angle_d ? ? 
'X-RAY DIFFRACTION' ? 0.040  ? 172  ? f_chiral_restr     ? ? 
'X-RAY DIFFRACTION' ? 0.004  ? 177  ? f_plane_restr      ? ? 
# 
loop_
_refine_ls_shell.pdbx_refine_id 
_refine_ls_shell.d_res_high 
_refine_ls_shell.d_res_low 
_refine_ls_shell.number_reflns_all 
_refine_ls_shell.number_reflns_obs 
_refine_ls_shell.number_reflns_R_free 
_refine_ls_shell.number_reflns_R_work 
_refine_ls_shell.percent_reflns_obs 
_refine_ls_shell.percent_reflns_R_free 
_refine_ls_shell.R_factor_all 
_refine_ls_shell.R_factor_obs 
_refine_ls_shell.R_factor_R_free 
_refine_ls_shell.R_factor_R_free_error 
_refine_ls_shell.R_factor_R_work 
_refine_ls_shell.redundancy_reflns_all 
_refine_ls_shell.redundancy_reflns_obs 
_refine_ls_shell.wR_factor_all 
_refine_ls_shell.wR_factor_obs 
_refine_ls_shell.wR_factor_R_free 
_refine_ls_shell.wR_factor_R_work 
_refine_ls_shell.pdbx_total_number_of_bins_used 
_refine_ls_shell.pdbx_phase_error 
_refine_ls_shell.pdbx_fsc_work 
_refine_ls_shell.pdbx_fsc_free 
'X-RAY DIFFRACTION' 1.9200 2.0403  . . 123 2560 99.00  . . . 0.3148 . 0.2885 . . . . . . . . . . 
'X-RAY DIFFRACTION' 2.0403 2.1978  . . 115 2536 99.00  . . . 0.2575 . 0.2367 . . . . . . . . . . 
'X-RAY DIFFRACTION' 2.1978 2.4189  . . 162 2530 100.00 . . . 0.2551 . 0.2258 . . . . . . . . . . 
'X-RAY DIFFRACTION' 2.4189 2.7688  . . 134 2576 99.00  . . . 0.2772 . 0.2285 . . . . . . . . . . 
'X-RAY DIFFRACTION' 2.7688 3.4879  . . 147 2583 99.00  . . . 0.2542 . 0.2264 . . . . . . . . . . 
'X-RAY DIFFRACTION' 3.4879 34.4355 . . 140 2674 98.00  . . . 0.1893 . 0.1758 . . . . . . . . . . 
# 
_struct.entry_id                     4ZCQ 
_struct.title                        
;Crystal structure of the C-terminal catalytic domain of Plasmodium falciparum CTP:phosphocholine cytidylyltransferase in complex with choline
;
_struct.pdbx_model_details           ? 
_struct.pdbx_formula_weight          ? 
_struct.pdbx_formula_weight_method   ? 
_struct.pdbx_model_type_details      ? 
_struct.pdbx_CASP_flag               ? 
# 
_struct_keywords.entry_id        4ZCQ 
_struct_keywords.text            'enzyme, malaria, cytidylyltransferase, phosphatidylcholine, transferase' 
_struct_keywords.pdbx_keywords   TRANSFERASE 
# 
loop_
_struct_asym.id 
_struct_asym.pdbx_blank_PDB_chainid_flag 
_struct_asym.pdbx_modified 
_struct_asym.entity_id 
_struct_asym.details 
A N N 1 ? 
B N N 2 ? 
C N N 3 ? 
# 
_struct_ref.id                         1 
_struct_ref.db_name                    UNP 
_struct_ref.db_code                    Q8IEE9_PLAF7 
_struct_ref.pdbx_db_accession          Q8IEE9 
_struct_ref.pdbx_db_isoform            ? 
_struct_ref.entity_id                  1 
_struct_ref.pdbx_seq_one_letter_code   
;AVPDDDDDDDNSNDESEYESSQMDSEKNKGSIKNSKNVVIYADGVYDMLHLGHMKQLEQAKKLFENTTLIVGVTSDNETK
LFKGQVVQTLEERTETLKHIRWVDEIISPCPWVVTPEFLEKYKIDYVAHDDIPYANNQKKKKKKKSKGKSFSFDEENEDI
YAWLKRAGKFKATQRTEGVSTTDLIVRILKNYEDY
;
_struct_ref.pdbx_align_begin           581 
# 
_struct_ref_seq.align_id                      1 
_struct_ref_seq.ref_id                        1 
_struct_ref_seq.pdbx_PDB_id_code              4ZCQ 
_struct_ref_seq.pdbx_strand_id                A 
_struct_ref_seq.seq_align_beg                 4 
_struct_ref_seq.pdbx_seq_align_beg_ins_code   ? 
_struct_ref_seq.seq_align_end                 180 
_struct_ref_seq.pdbx_seq_align_end_ins_code   ? 
_struct_ref_seq.pdbx_db_accession             Q8IEE9 
_struct_ref_seq.db_align_beg                  581 
_struct_ref_seq.pdbx_db_align_beg_ins_code    ? 
_struct_ref_seq.db_align_end                  775 
_struct_ref_seq.pdbx_db_align_end_ins_code    ? 
_struct_ref_seq.pdbx_auth_seq_align_beg       581 
_struct_ref_seq.pdbx_auth_seq_align_end       775 
# 
loop_
_struct_ref_seq_dif.align_id 
_struct_ref_seq_dif.pdbx_pdb_id_code 
_struct_ref_seq_dif.mon_id 
_struct_ref_seq_dif.pdbx_pdb_strand_id 
_struct_ref_seq_dif.seq_num 
_struct_ref_seq_dif.pdbx_pdb_ins_code 
_struct_ref_seq_dif.pdbx_seq_db_name 
_struct_ref_seq_dif.pdbx_seq_db_accession_code 
_struct_ref_seq_dif.db_mon_id 
_struct_ref_seq_dif.pdbx_seq_db_seq_num 
_struct_ref_seq_dif.details 
_struct_ref_seq_dif.pdbx_auth_seq_num 
_struct_ref_seq_dif.pdbx_ordinal 
1 4ZCQ GLY A 1 ? UNP Q8IEE9 ?   ?   'expression tag' 578 1  
1 4ZCQ HIS A 2 ? UNP Q8IEE9 ?   ?   'expression tag' 579 2  
1 4ZCQ MET A 3 ? UNP Q8IEE9 ?   ?   'expression tag' 580 3  
1 4ZCQ ?   A ? ? UNP Q8IEE9 LYS 720 deletion         ?   4  
1 4ZCQ ?   A ? ? UNP Q8IEE9 LYS 721 deletion         ?   5  
1 4ZCQ ?   A ? ? UNP Q8IEE9 LYS 722 deletion         ?   6  
1 4ZCQ ?   A ? ? UNP Q8IEE9 LYS 723 deletion         ?   7  
1 4ZCQ ?   A ? ? UNP Q8IEE9 LYS 724 deletion         ?   8  
1 4ZCQ ?   A ? ? UNP Q8IEE9 LYS 725 deletion         ?   9  
1 4ZCQ ?   A ? ? UNP Q8IEE9 SER 726 deletion         ?   10 
1 4ZCQ ?   A ? ? UNP Q8IEE9 LYS 727 deletion         ?   11 
1 4ZCQ ?   A ? ? UNP Q8IEE9 GLY 728 deletion         ?   12 
1 4ZCQ ?   A ? ? UNP Q8IEE9 LYS 729 deletion         ?   13 
1 4ZCQ ?   A ? ? UNP Q8IEE9 SER 730 deletion         ?   14 
1 4ZCQ ?   A ? ? UNP Q8IEE9 PHE 731 deletion         ?   15 
1 4ZCQ ?   A ? ? UNP Q8IEE9 SER 732 deletion         ?   16 
1 4ZCQ ?   A ? ? UNP Q8IEE9 PHE 733 deletion         ?   17 
1 4ZCQ ?   A ? ? UNP Q8IEE9 ASP 734 deletion         ?   18 
1 4ZCQ ?   A ? ? UNP Q8IEE9 GLU 735 deletion         ?   19 
1 4ZCQ ?   A ? ? UNP Q8IEE9 GLU 736 deletion         ?   20 
1 4ZCQ ?   A ? ? UNP Q8IEE9 ASN 737 deletion         ?   21 
# 
_pdbx_struct_assembly.id                   1 
_pdbx_struct_assembly.details              author_and_software_defined_assembly 
_pdbx_struct_assembly.method_details       PISA 
_pdbx_struct_assembly.oligomeric_details   dimeric 
_pdbx_struct_assembly.oligomeric_count     2 
# 
loop_
_pdbx_struct_assembly_prop.biol_id 
_pdbx_struct_assembly_prop.type 
_pdbx_struct_assembly_prop.value 
_pdbx_struct_assembly_prop.details 
1 'ABSA (A^2)' 2810  ? 
1 MORE         2     ? 
1 'SSA (A^2)'  13800 ? 
# 
_pdbx_struct_assembly_gen.assembly_id       1 
_pdbx_struct_assembly_gen.oper_expression   1,2 
_pdbx_struct_assembly_gen.asym_id_list      A,B,C 
# 
loop_
_pdbx_struct_oper_list.id 
_pdbx_struct_oper_list.type 
_pdbx_struct_oper_list.name 
_pdbx_struct_oper_list.symmetry_operation 
_pdbx_struct_oper_list.matrix[1][1] 
_pdbx_struct_oper_list.matrix[1][2] 
_pdbx_struct_oper_list.matrix[1][3] 
_pdbx_struct_oper_list.vector[1] 
_pdbx_struct_oper_list.matrix[2][1] 
_pdbx_struct_oper_list.matrix[2][2] 
_pdbx_struct_oper_list.matrix[2][3] 
_pdbx_struct_oper_list.vector[2] 
_pdbx_struct_oper_list.matrix[3][1] 
_pdbx_struct_oper_list.matrix[3][2] 
_pdbx_struct_oper_list.matrix[3][3] 
_pdbx_struct_oper_list.vector[3] 
1 'identity operation'         1_555 x,y,z       1.0000000000  0.0000000000  0.0000000000  0.0000000000   0.0000000000  1.0000000000  0.0000000000 0.0000000000  0.0000000000  0.0000000000 1.0000000000 0.0000000000   
2 'crystal symmetry operation' 2_625 -x+1,-y-3,z -0.7941348137 -0.1471700626 -0.5896531780 -19.0602896260 -0.1471700626 -0.8947902376 0.4215345815 15.8580207987 -0.5896531780 0.4215345815 0.6889250513 -10.6124688592 
# 
loop_
_struct_conf.conf_type_id 
_struct_conf.id 
_struct_conf.pdbx_PDB_helix_id 
_struct_conf.beg_label_comp_id 
_struct_conf.beg_label_asym_id 
_struct_conf.beg_label_seq_id 
_struct_conf.pdbx_beg_PDB_ins_code 
_struct_conf.end_label_comp_id 
_struct_conf.end_label_asym_id 
_struct_conf.end_label_seq_id 
_struct_conf.pdbx_end_PDB_ins_code 
_struct_conf.beg_auth_comp_id 
_struct_conf.beg_auth_asym_id 
_struct_conf.beg_auth_seq_id 
_struct_conf.end_auth_comp_id 
_struct_conf.end_auth_asym_id 
_struct_conf.end_auth_seq_id 
_struct_conf.pdbx_PDB_helix_class 
_struct_conf.details 
_struct_conf.pdbx_PDB_helix_length 
HELX_P HELX_P1 AA1 HIS A 53  ? LYS A 65  ? HIS A 630 LYS A 642 1 ? 13 
HELX_P HELX_P2 AA2 SER A 78  ? LYS A 86  ? SER A 655 LYS A 663 1 ? 9  
HELX_P HELX_P3 AA3 THR A 92  ? HIS A 102 ? THR A 669 HIS A 679 1 ? 11 
HELX_P HELX_P4 AA4 THR A 118 ? TYR A 125 ? THR A 695 TYR A 702 1 ? 8  
HELX_P HELX_P5 AA5 TYR A 146 ? ALA A 152 ? TYR A 741 ALA A 747 1 ? 7  
HELX_P HELX_P6 AA6 SER A 165 ? LYS A 175 ? SER A 760 LYS A 770 1 ? 11 
# 
_struct_conf_type.id          HELX_P 
_struct_conf_type.criteria    ? 
_struct_conf_type.reference   ? 
# 
_struct_mon_prot_cis.pdbx_id                1 
_struct_mon_prot_cis.label_comp_id          SER 
_struct_mon_prot_cis.label_seq_id           111 
_struct_mon_prot_cis.label_asym_id          A 
_struct_mon_prot_cis.label_alt_id           . 
_struct_mon_prot_cis.pdbx_PDB_ins_code      ? 
_struct_mon_prot_cis.auth_comp_id           SER 
_struct_mon_prot_cis.auth_seq_id            688 
_struct_mon_prot_cis.auth_asym_id           A 
_struct_mon_prot_cis.pdbx_label_comp_id_2   PRO 
_struct_mon_prot_cis.pdbx_label_seq_id_2    112 
_struct_mon_prot_cis.pdbx_label_asym_id_2   A 
_struct_mon_prot_cis.pdbx_PDB_ins_code_2    ? 
_struct_mon_prot_cis.pdbx_auth_comp_id_2    PRO 
_struct_mon_prot_cis.pdbx_auth_seq_id_2     689 
_struct_mon_prot_cis.pdbx_auth_asym_id_2    A 
_struct_mon_prot_cis.pdbx_PDB_model_num     1 
_struct_mon_prot_cis.pdbx_omega_angle       -4.42 
# 
_struct_sheet.id               AA1 
_struct_sheet.type             ? 
_struct_sheet.number_strands   5 
_struct_sheet.details          ? 
# 
loop_
_struct_sheet_order.sheet_id 
_struct_sheet_order.range_id_1 
_struct_sheet_order.range_id_2 
_struct_sheet_order.offset 
_struct_sheet_order.sense 
AA1 1 2 ? parallel 
AA1 2 3 ? parallel 
AA1 3 4 ? parallel 
AA1 4 5 ? parallel 
# 
loop_
_struct_sheet_range.sheet_id 
_struct_sheet_range.id 
_struct_sheet_range.beg_label_comp_id 
_struct_sheet_range.beg_label_asym_id 
_struct_sheet_range.beg_label_seq_id 
_struct_sheet_range.pdbx_beg_PDB_ins_code 
_struct_sheet_range.end_label_comp_id 
_struct_sheet_range.end_label_asym_id 
_struct_sheet_range.end_label_seq_id 
_struct_sheet_range.pdbx_end_PDB_ins_code 
_struct_sheet_range.beg_auth_comp_id 
_struct_sheet_range.beg_auth_asym_id 
_struct_sheet_range.beg_auth_seq_id 
_struct_sheet_range.end_auth_comp_id 
_struct_sheet_range.end_auth_asym_id 
_struct_sheet_range.end_auth_seq_id 
AA1 1 GLU A 108 ? CYS A 113 ? GLU A 685 CYS A 690 
AA1 2 THR A 70  ? THR A 77  ? THR A 647 THR A 654 
AA1 3 VAL A 41  ? GLY A 47  ? VAL A 618 GLY A 624 
AA1 4 TYR A 129 ? HIS A 132 ? TYR A 706 HIS A 709 
AA1 5 PHE A 155 ? ALA A 157 ? PHE A 750 ALA A 752 
# 
loop_
_pdbx_struct_sheet_hbond.sheet_id 
_pdbx_struct_sheet_hbond.range_id_1 
_pdbx_struct_sheet_hbond.range_id_2 
_pdbx_struct_sheet_hbond.range_1_label_atom_id 
_pdbx_struct_sheet_hbond.range_1_label_comp_id 
_pdbx_struct_sheet_hbond.range_1_label_asym_id 
_pdbx_struct_sheet_hbond.range_1_label_seq_id 
_pdbx_struct_sheet_hbond.range_1_PDB_ins_code 
_pdbx_struct_sheet_hbond.range_1_auth_atom_id 
_pdbx_struct_sheet_hbond.range_1_auth_comp_id 
_pdbx_struct_sheet_hbond.range_1_auth_asym_id 
_pdbx_struct_sheet_hbond.range_1_auth_seq_id 
_pdbx_struct_sheet_hbond.range_2_label_atom_id 
_pdbx_struct_sheet_hbond.range_2_label_comp_id 
_pdbx_struct_sheet_hbond.range_2_label_asym_id 
_pdbx_struct_sheet_hbond.range_2_label_seq_id 
_pdbx_struct_sheet_hbond.range_2_PDB_ins_code 
_pdbx_struct_sheet_hbond.range_2_auth_atom_id 
_pdbx_struct_sheet_hbond.range_2_auth_comp_id 
_pdbx_struct_sheet_hbond.range_2_auth_asym_id 
_pdbx_struct_sheet_hbond.range_2_auth_seq_id 
AA1 1 2 O GLU A 108 ? O GLU A 685 N VAL A 74  ? N VAL A 651 
AA1 2 3 O ILE A 73  ? O ILE A 650 N ILE A 43  ? N ILE A 620 
AA1 3 4 N TYR A 44  ? N TYR A 621 O ALA A 131 ? O ALA A 708 
AA1 4 5 N VAL A 130 ? N VAL A 707 O LYS A 156 ? O LYS A 751 
# 
_struct_site.id                   AC1 
_struct_site.pdbx_evidence_code   Software 
_struct_site.pdbx_auth_asym_id    A 
_struct_site.pdbx_auth_comp_id    CHT 
_struct_site.pdbx_auth_seq_id     801 
_struct_site.pdbx_auth_ins_code   ? 
_struct_site.pdbx_num_residues    6 
_struct_site.details              'binding site for residue CHT A 801' 
# 
loop_
_struct_site_gen.id 
_struct_site_gen.site_id 
_struct_site_gen.pdbx_num_res 
_struct_site_gen.label_comp_id 
_struct_site_gen.label_asym_id 
_struct_site_gen.label_seq_id 
_struct_site_gen.pdbx_auth_ins_code 
_struct_site_gen.auth_comp_id 
_struct_site_gen.auth_asym_id 
_struct_site_gen.auth_seq_id 
_struct_site_gen.label_atom_id 
_struct_site_gen.label_alt_id 
_struct_site_gen.symmetry 
_struct_site_gen.details 
1 AC1 6 ASP A 46  ? ASP A 623 . ? 1_555 ? 
2 AC1 6 GLY A 47  ? GLY A 624 . ? 1_555 ? 
3 AC1 6 THR A 77  ? THR A 654 . ? 1_555 ? 
4 AC1 6 TRP A 115 ? TRP A 692 . ? 1_555 ? 
5 AC1 6 HIS A 132 ? HIS A 709 . ? 1_555 ? 
6 AC1 6 TYR A 146 ? TYR A 741 . ? 1_555 ? 
# 
_pdbx_validate_torsion.id              1 
_pdbx_validate_torsion.PDB_model_num   1 
_pdbx_validate_torsion.auth_comp_id    LYS 
_pdbx_validate_torsion.auth_asym_id    A 
_pdbx_validate_torsion.auth_seq_id     770 
_pdbx_validate_torsion.PDB_ins_code    ? 
_pdbx_validate_torsion.label_alt_id    ? 
_pdbx_validate_torsion.phi             -78.41 
_pdbx_validate_torsion.psi             40.73 
# 
_pdbx_distant_solvent_atoms.id                                1 
_pdbx_distant_solvent_atoms.PDB_model_num                     1 
_pdbx_distant_solvent_atoms.auth_atom_id                      O 
_pdbx_distant_solvent_atoms.label_alt_id                      ? 
_pdbx_distant_solvent_atoms.auth_asym_id                      A 
_pdbx_distant_solvent_atoms.auth_comp_id                      HOH 
_pdbx_distant_solvent_atoms.auth_seq_id                       963 
_pdbx_distant_solvent_atoms.PDB_ins_code                      ? 
_pdbx_distant_solvent_atoms.neighbor_macromolecule_distance   5.91 
_pdbx_distant_solvent_atoms.neighbor_ligand_distance          . 
# 
loop_
_pdbx_unobs_or_zero_occ_residues.id 
_pdbx_unobs_or_zero_occ_residues.PDB_model_num 
_pdbx_unobs_or_zero_occ_residues.polymer_flag 
_pdbx_unobs_or_zero_occ_residues.occupancy_flag 
_pdbx_unobs_or_zero_occ_residues.auth_asym_id 
_pdbx_unobs_or_zero_occ_residues.auth_comp_id 
_pdbx_unobs_or_zero_occ_residues.auth_seq_id 
_pdbx_unobs_or_zero_occ_residues.PDB_ins_code 
_pdbx_unobs_or_zero_occ_residues.label_asym_id 
_pdbx_unobs_or_zero_occ_residues.label_comp_id 
_pdbx_unobs_or_zero_occ_residues.label_seq_id 
1  1 Y 1 A GLY 578 ? A GLY 1   
2  1 Y 1 A HIS 579 ? A HIS 2   
3  1 Y 1 A MET 580 ? A MET 3   
4  1 Y 1 A ALA 581 ? A ALA 4   
5  1 Y 1 A VAL 582 ? A VAL 5   
6  1 Y 1 A PRO 583 ? A PRO 6   
7  1 Y 1 A ASP 584 ? A ASP 7   
8  1 Y 1 A ASP 585 ? A ASP 8   
9  1 Y 1 A ASP 586 ? A ASP 9   
10 1 Y 1 A ASP 587 ? A ASP 10  
11 1 Y 1 A ASP 588 ? A ASP 11  
12 1 Y 1 A ASP 589 ? A ASP 12  
13 1 Y 1 A ASP 590 ? A ASP 13  
14 1 Y 1 A ASN 591 ? A ASN 14  
15 1 Y 1 A SER 592 ? A SER 15  
16 1 Y 1 A ASN 593 ? A ASN 16  
17 1 Y 1 A ASP 594 ? A ASP 17  
18 1 Y 1 A GLU 595 ? A GLU 18  
19 1 Y 1 A SER 596 ? A SER 19  
20 1 Y 1 A GLU 597 ? A GLU 20  
21 1 Y 1 A TYR 598 ? A TYR 21  
22 1 Y 1 A GLU 599 ? A GLU 22  
23 1 Y 1 A SER 600 ? A SER 23  
24 1 Y 1 A SER 601 ? A SER 24  
25 1 Y 1 A GLN 602 ? A GLN 25  
26 1 Y 1 A MET 603 ? A MET 26  
27 1 Y 1 A ASP 604 ? A ASP 27  
28 1 Y 1 A SER 605 ? A SER 28  
29 1 Y 1 A GLU 606 ? A GLU 29  
30 1 Y 1 A LYS 607 ? A LYS 30  
31 1 Y 1 A ASN 608 ? A ASN 31  
32 1 Y 1 A LYS 609 ? A LYS 32  
33 1 Y 1 A GLY 610 ? A GLY 33  
34 1 Y 1 A SER 611 ? A SER 34  
35 1 Y 1 A ILE 612 ? A ILE 35  
36 1 Y 1 A LYS 613 ? A LYS 36  
37 1 Y 1 A ASN 614 ? A ASN 37  
38 1 Y 1 A SER 615 ? A SER 38  
39 1 Y 1 A ASP 729 ? A ASP 134 
40 1 Y 1 A ILE 730 ? A ILE 135 
41 1 Y 1 A PRO 731 ? A PRO 136 
42 1 Y 1 A TYR 732 ? A TYR 137 
43 1 Y 1 A ALA 733 ? A ALA 138 
44 1 Y 1 A ASN 734 ? A ASN 139 
45 1 Y 1 A ASN 735 ? A ASN 140 
46 1 Y 1 A GLN 736 ? A GLN 141 
47 1 Y 1 A LYS 737 ? A LYS 142 
48 1 Y 1 A GLU 773 ? A GLU 178 
49 1 Y 1 A ASP 774 ? A ASP 179 
50 1 Y 1 A TYR 775 ? A TYR 180 
# 
loop_
_chem_comp_atom.comp_id 
_chem_comp_atom.atom_id 
_chem_comp_atom.type_symbol 
_chem_comp_atom.pdbx_aromatic_flag 
_chem_comp_atom.pdbx_stereo_config 
_chem_comp_atom.pdbx_ordinal 
ALA N    N N N 1   
ALA CA   C N S 2   
ALA C    C N N 3   
ALA O    O N N 4   
ALA CB   C N N 5   
ALA OXT  O N N 6   
ALA H    H N N 7   
ALA H2   H N N 8   
ALA HA   H N N 9   
ALA HB1  H N N 10  
ALA HB2  H N N 11  
ALA HB3  H N N 12  
ALA HXT  H N N 13  
ARG N    N N N 14  
ARG CA   C N S 15  
ARG C    C N N 16  
ARG O    O N N 17  
ARG CB   C N N 18  
ARG CG   C N N 19  
ARG CD   C N N 20  
ARG NE   N N N 21  
ARG CZ   C N N 22  
ARG NH1  N N N 23  
ARG NH2  N N N 24  
ARG OXT  O N N 25  
ARG H    H N N 26  
ARG H2   H N N 27  
ARG HA   H N N 28  
ARG HB2  H N N 29  
ARG HB3  H N N 30  
ARG HG2  H N N 31  
ARG HG3  H N N 32  
ARG HD2  H N N 33  
ARG HD3  H N N 34  
ARG HE   H N N 35  
ARG HH11 H N N 36  
ARG HH12 H N N 37  
ARG HH21 H N N 38  
ARG HH22 H N N 39  
ARG HXT  H N N 40  
ASN N    N N N 41  
ASN CA   C N S 42  
ASN C    C N N 43  
ASN O    O N N 44  
ASN CB   C N N 45  
ASN CG   C N N 46  
ASN OD1  O N N 47  
ASN ND2  N N N 48  
ASN OXT  O N N 49  
ASN H    H N N 50  
ASN H2   H N N 51  
ASN HA   H N N 52  
ASN HB2  H N N 53  
ASN HB3  H N N 54  
ASN HD21 H N N 55  
ASN HD22 H N N 56  
ASN HXT  H N N 57  
ASP N    N N N 58  
ASP CA   C N S 59  
ASP C    C N N 60  
ASP O    O N N 61  
ASP CB   C N N 62  
ASP CG   C N N 63  
ASP OD1  O N N 64  
ASP OD2  O N N 65  
ASP OXT  O N N 66  
ASP H    H N N 67  
ASP H2   H N N 68  
ASP HA   H N N 69  
ASP HB2  H N N 70  
ASP HB3  H N N 71  
ASP HD2  H N N 72  
ASP HXT  H N N 73  
CHT C4   C N N 74  
CHT C5   C N N 75  
CHT C6   C N N 76  
CHT C7   C N N 77  
CHT C8   C N N 78  
CHT O6   O N N 79  
CHT N1   N N N 80  
CHT HC41 H N N 81  
CHT HC42 H N N 82  
CHT HC51 H N N 83  
CHT HC52 H N N 84  
CHT H61  H N N 85  
CHT H62  H N N 86  
CHT H63  H N N 87  
CHT H71  H N N 88  
CHT H72  H N N 89  
CHT H73  H N N 90  
CHT H81  H N N 91  
CHT H82  H N N 92  
CHT H83  H N N 93  
CHT HO6  H N N 94  
CYS N    N N N 95  
CYS CA   C N R 96  
CYS C    C N N 97  
CYS O    O N N 98  
CYS CB   C N N 99  
CYS SG   S N N 100 
CYS OXT  O N N 101 
CYS H    H N N 102 
CYS H2   H N N 103 
CYS HA   H N N 104 
CYS HB2  H N N 105 
CYS HB3  H N N 106 
CYS HG   H N N 107 
CYS HXT  H N N 108 
GLN N    N N N 109 
GLN CA   C N S 110 
GLN C    C N N 111 
GLN O    O N N 112 
GLN CB   C N N 113 
GLN CG   C N N 114 
GLN CD   C N N 115 
GLN OE1  O N N 116 
GLN NE2  N N N 117 
GLN OXT  O N N 118 
GLN H    H N N 119 
GLN H2   H N N 120 
GLN HA   H N N 121 
GLN HB2  H N N 122 
GLN HB3  H N N 123 
GLN HG2  H N N 124 
GLN HG3  H N N 125 
GLN HE21 H N N 126 
GLN HE22 H N N 127 
GLN HXT  H N N 128 
GLU N    N N N 129 
GLU CA   C N S 130 
GLU C    C N N 131 
GLU O    O N N 132 
GLU CB   C N N 133 
GLU CG   C N N 134 
GLU CD   C N N 135 
GLU OE1  O N N 136 
GLU OE2  O N N 137 
GLU OXT  O N N 138 
GLU H    H N N 139 
GLU H2   H N N 140 
GLU HA   H N N 141 
GLU HB2  H N N 142 
GLU HB3  H N N 143 
GLU HG2  H N N 144 
GLU HG3  H N N 145 
GLU HE2  H N N 146 
GLU HXT  H N N 147 
GLY N    N N N 148 
GLY CA   C N N 149 
GLY C    C N N 150 
GLY O    O N N 151 
GLY OXT  O N N 152 
GLY H    H N N 153 
GLY H2   H N N 154 
GLY HA2  H N N 155 
GLY HA3  H N N 156 
GLY HXT  H N N 157 
HIS N    N N N 158 
HIS CA   C N S 159 
HIS C    C N N 160 
HIS O    O N N 161 
HIS CB   C N N 162 
HIS CG   C Y N 163 
HIS ND1  N Y N 164 
HIS CD2  C Y N 165 
HIS CE1  C Y N 166 
HIS NE2  N Y N 167 
HIS OXT  O N N 168 
HIS H    H N N 169 
HIS H2   H N N 170 
HIS HA   H N N 171 
HIS HB2  H N N 172 
HIS HB3  H N N 173 
HIS HD1  H N N 174 
HIS HD2  H N N 175 
HIS HE1  H N N 176 
HIS HE2  H N N 177 
HIS HXT  H N N 178 
HOH O    O N N 179 
HOH H1   H N N 180 
HOH H2   H N N 181 
ILE N    N N N 182 
ILE CA   C N S 183 
ILE C    C N N 184 
ILE O    O N N 185 
ILE CB   C N S 186 
ILE CG1  C N N 187 
ILE CG2  C N N 188 
ILE CD1  C N N 189 
ILE OXT  O N N 190 
ILE H    H N N 191 
ILE H2   H N N 192 
ILE HA   H N N 193 
ILE HB   H N N 194 
ILE HG12 H N N 195 
ILE HG13 H N N 196 
ILE HG21 H N N 197 
ILE HG22 H N N 198 
ILE HG23 H N N 199 
ILE HD11 H N N 200 
ILE HD12 H N N 201 
ILE HD13 H N N 202 
ILE HXT  H N N 203 
LEU N    N N N 204 
LEU CA   C N S 205 
LEU C    C N N 206 
LEU O    O N N 207 
LEU CB   C N N 208 
LEU CG   C N N 209 
LEU CD1  C N N 210 
LEU CD2  C N N 211 
LEU OXT  O N N 212 
LEU H    H N N 213 
LEU H2   H N N 214 
LEU HA   H N N 215 
LEU HB2  H N N 216 
LEU HB3  H N N 217 
LEU HG   H N N 218 
LEU HD11 H N N 219 
LEU HD12 H N N 220 
LEU HD13 H N N 221 
LEU HD21 H N N 222 
LEU HD22 H N N 223 
LEU HD23 H N N 224 
LEU HXT  H N N 225 
LYS N    N N N 226 
LYS CA   C N S 227 
LYS C    C N N 228 
LYS O    O N N 229 
LYS CB   C N N 230 
LYS CG   C N N 231 
LYS CD   C N N 232 
LYS CE   C N N 233 
LYS NZ   N N N 234 
LYS OXT  O N N 235 
LYS H    H N N 236 
LYS H2   H N N 237 
LYS HA   H N N 238 
LYS HB2  H N N 239 
LYS HB3  H N N 240 
LYS HG2  H N N 241 
LYS HG3  H N N 242 
LYS HD2  H N N 243 
LYS HD3  H N N 244 
LYS HE2  H N N 245 
LYS HE3  H N N 246 
LYS HZ1  H N N 247 
LYS HZ2  H N N 248 
LYS HZ3  H N N 249 
LYS HXT  H N N 250 
MET N    N N N 251 
MET CA   C N S 252 
MET C    C N N 253 
MET O    O N N 254 
MET CB   C N N 255 
MET CG   C N N 256 
MET SD   S N N 257 
MET CE   C N N 258 
MET OXT  O N N 259 
MET H    H N N 260 
MET H2   H N N 261 
MET HA   H N N 262 
MET HB2  H N N 263 
MET HB3  H N N 264 
MET HG2  H N N 265 
MET HG3  H N N 266 
MET HE1  H N N 267 
MET HE2  H N N 268 
MET HE3  H N N 269 
MET HXT  H N N 270 
PHE N    N N N 271 
PHE CA   C N S 272 
PHE C    C N N 273 
PHE O    O N N 274 
PHE CB   C N N 275 
PHE CG   C Y N 276 
PHE CD1  C Y N 277 
PHE CD2  C Y N 278 
PHE CE1  C Y N 279 
PHE CE2  C Y N 280 
PHE CZ   C Y N 281 
PHE OXT  O N N 282 
PHE H    H N N 283 
PHE H2   H N N 284 
PHE HA   H N N 285 
PHE HB2  H N N 286 
PHE HB3  H N N 287 
PHE HD1  H N N 288 
PHE HD2  H N N 289 
PHE HE1  H N N 290 
PHE HE2  H N N 291 
PHE HZ   H N N 292 
PHE HXT  H N N 293 
PRO N    N N N 294 
PRO CA   C N S 295 
PRO C    C N N 296 
PRO O    O N N 297 
PRO CB   C N N 298 
PRO CG   C N N 299 
PRO CD   C N N 300 
PRO OXT  O N N 301 
PRO H    H N N 302 
PRO HA   H N N 303 
PRO HB2  H N N 304 
PRO HB3  H N N 305 
PRO HG2  H N N 306 
PRO HG3  H N N 307 
PRO HD2  H N N 308 
PRO HD3  H N N 309 
PRO HXT  H N N 310 
SER N    N N N 311 
SER CA   C N S 312 
SER C    C N N 313 
SER O    O N N 314 
SER CB   C N N 315 
SER OG   O N N 316 
SER OXT  O N N 317 
SER H    H N N 318 
SER H2   H N N 319 
SER HA   H N N 320 
SER HB2  H N N 321 
SER HB3  H N N 322 
SER HG   H N N 323 
SER HXT  H N N 324 
THR N    N N N 325 
THR CA   C N S 326 
THR C    C N N 327 
THR O    O N N 328 
THR CB   C N R 329 
THR OG1  O N N 330 
THR CG2  C N N 331 
THR OXT  O N N 332 
THR H    H N N 333 
THR H2   H N N 334 
THR HA   H N N 335 
THR HB   H N N 336 
THR HG1  H N N 337 
THR HG21 H N N 338 
THR HG22 H N N 339 
THR HG23 H N N 340 
THR HXT  H N N 341 
TRP N    N N N 342 
TRP CA   C N S 343 
TRP C    C N N 344 
TRP O    O N N 345 
TRP CB   C N N 346 
TRP CG   C Y N 347 
TRP CD1  C Y N 348 
TRP CD2  C Y N 349 
TRP NE1  N Y N 350 
TRP CE2  C Y N 351 
TRP CE3  C Y N 352 
TRP CZ2  C Y N 353 
TRP CZ3  C Y N 354 
TRP CH2  C Y N 355 
TRP OXT  O N N 356 
TRP H    H N N 357 
TRP H2   H N N 358 
TRP HA   H N N 359 
TRP HB2  H N N 360 
TRP HB3  H N N 361 
TRP HD1  H N N 362 
TRP HE1  H N N 363 
TRP HE3  H N N 364 
TRP HZ2  H N N 365 
TRP HZ3  H N N 366 
TRP HH2  H N N 367 
TRP HXT  H N N 368 
TYR N    N N N 369 
TYR CA   C N S 370 
TYR C    C N N 371 
TYR O    O N N 372 
TYR CB   C N N 373 
TYR CG   C Y N 374 
TYR CD1  C Y N 375 
TYR CD2  C Y N 376 
TYR CE1  C Y N 377 
TYR CE2  C Y N 378 
TYR CZ   C Y N 379 
TYR OH   O N N 380 
TYR OXT  O N N 381 
TYR H    H N N 382 
TYR H2   H N N 383 
TYR HA   H N N 384 
TYR HB2  H N N 385 
TYR HB3  H N N 386 
TYR HD1  H N N 387 
TYR HD2  H N N 388 
TYR HE1  H N N 389 
TYR HE2  H N N 390 
TYR HH   H N N 391 
TYR HXT  H N N 392 
VAL N    N N N 393 
VAL CA   C N S 394 
VAL C    C N N 395 
VAL O    O N N 396 
VAL CB   C N N 397 
VAL CG1  C N N 398 
VAL CG2  C N N 399 
VAL OXT  O N N 400 
VAL H    H N N 401 
VAL H2   H N N 402 
VAL HA   H N N 403 
VAL HB   H N N 404 
VAL HG11 H N N 405 
VAL HG12 H N N 406 
VAL HG13 H N N 407 
VAL HG21 H N N 408 
VAL HG22 H N N 409 
VAL HG23 H N N 410 
VAL HXT  H N N 411 
# 
loop_
_chem_comp_bond.comp_id 
_chem_comp_bond.atom_id_1 
_chem_comp_bond.atom_id_2 
_chem_comp_bond.value_order 
_chem_comp_bond.pdbx_aromatic_flag 
_chem_comp_bond.pdbx_stereo_config 
_chem_comp_bond.pdbx_ordinal 
ALA N   CA   sing N N 1   
ALA N   H    sing N N 2   
ALA N   H2   sing N N 3   
ALA CA  C    sing N N 4   
ALA CA  CB   sing N N 5   
ALA CA  HA   sing N N 6   
ALA C   O    doub N N 7   
ALA C   OXT  sing N N 8   
ALA CB  HB1  sing N N 9   
ALA CB  HB2  sing N N 10  
ALA CB  HB3  sing N N 11  
ALA OXT HXT  sing N N 12  
ARG N   CA   sing N N 13  
ARG N   H    sing N N 14  
ARG N   H2   sing N N 15  
ARG CA  C    sing N N 16  
ARG CA  CB   sing N N 17  
ARG CA  HA   sing N N 18  
ARG C   O    doub N N 19  
ARG C   OXT  sing N N 20  
ARG CB  CG   sing N N 21  
ARG CB  HB2  sing N N 22  
ARG CB  HB3  sing N N 23  
ARG CG  CD   sing N N 24  
ARG CG  HG2  sing N N 25  
ARG CG  HG3  sing N N 26  
ARG CD  NE   sing N N 27  
ARG CD  HD2  sing N N 28  
ARG CD  HD3  sing N N 29  
ARG NE  CZ   sing N N 30  
ARG NE  HE   sing N N 31  
ARG CZ  NH1  sing N N 32  
ARG CZ  NH2  doub N N 33  
ARG NH1 HH11 sing N N 34  
ARG NH1 HH12 sing N N 35  
ARG NH2 HH21 sing N N 36  
ARG NH2 HH22 sing N N 37  
ARG OXT HXT  sing N N 38  
ASN N   CA   sing N N 39  
ASN N   H    sing N N 40  
ASN N   H2   sing N N 41  
ASN CA  C    sing N N 42  
ASN CA  CB   sing N N 43  
ASN CA  HA   sing N N 44  
ASN C   O    doub N N 45  
ASN C   OXT  sing N N 46  
ASN CB  CG   sing N N 47  
ASN CB  HB2  sing N N 48  
ASN CB  HB3  sing N N 49  
ASN CG  OD1  doub N N 50  
ASN CG  ND2  sing N N 51  
ASN ND2 HD21 sing N N 52  
ASN ND2 HD22 sing N N 53  
ASN OXT HXT  sing N N 54  
ASP N   CA   sing N N 55  
ASP N   H    sing N N 56  
ASP N   H2   sing N N 57  
ASP CA  C    sing N N 58  
ASP CA  CB   sing N N 59  
ASP CA  HA   sing N N 60  
ASP C   O    doub N N 61  
ASP C   OXT  sing N N 62  
ASP CB  CG   sing N N 63  
ASP CB  HB2  sing N N 64  
ASP CB  HB3  sing N N 65  
ASP CG  OD1  doub N N 66  
ASP CG  OD2  sing N N 67  
ASP OD2 HD2  sing N N 68  
ASP OXT HXT  sing N N 69  
CHT C4  C5   sing N N 70  
CHT C4  O6   sing N N 71  
CHT C4  HC41 sing N N 72  
CHT C4  HC42 sing N N 73  
CHT C5  N1   sing N N 74  
CHT C5  HC51 sing N N 75  
CHT C5  HC52 sing N N 76  
CHT C6  N1   sing N N 77  
CHT C6  H61  sing N N 78  
CHT C6  H62  sing N N 79  
CHT C6  H63  sing N N 80  
CHT C7  N1   sing N N 81  
CHT C7  H71  sing N N 82  
CHT C7  H72  sing N N 83  
CHT C7  H73  sing N N 84  
CHT C8  N1   sing N N 85  
CHT C8  H81  sing N N 86  
CHT C8  H82  sing N N 87  
CHT C8  H83  sing N N 88  
CHT O6  HO6  sing N N 89  
CYS N   CA   sing N N 90  
CYS N   H    sing N N 91  
CYS N   H2   sing N N 92  
CYS CA  C    sing N N 93  
CYS CA  CB   sing N N 94  
CYS CA  HA   sing N N 95  
CYS C   O    doub N N 96  
CYS C   OXT  sing N N 97  
CYS CB  SG   sing N N 98  
CYS CB  HB2  sing N N 99  
CYS CB  HB3  sing N N 100 
CYS SG  HG   sing N N 101 
CYS OXT HXT  sing N N 102 
GLN N   CA   sing N N 103 
GLN N   H    sing N N 104 
GLN N   H2   sing N N 105 
GLN CA  C    sing N N 106 
GLN CA  CB   sing N N 107 
GLN CA  HA   sing N N 108 
GLN C   O    doub N N 109 
GLN C   OXT  sing N N 110 
GLN CB  CG   sing N N 111 
GLN CB  HB2  sing N N 112 
GLN CB  HB3  sing N N 113 
GLN CG  CD   sing N N 114 
GLN CG  HG2  sing N N 115 
GLN CG  HG3  sing N N 116 
GLN CD  OE1  doub N N 117 
GLN CD  NE2  sing N N 118 
GLN NE2 HE21 sing N N 119 
GLN NE2 HE22 sing N N 120 
GLN OXT HXT  sing N N 121 
GLU N   CA   sing N N 122 
GLU N   H    sing N N 123 
GLU N   H2   sing N N 124 
GLU CA  C    sing N N 125 
GLU CA  CB   sing N N 126 
GLU CA  HA   sing N N 127 
GLU C   O    doub N N 128 
GLU C   OXT  sing N N 129 
GLU CB  CG   sing N N 130 
GLU CB  HB2  sing N N 131 
GLU CB  HB3  sing N N 132 
GLU CG  CD   sing N N 133 
GLU CG  HG2  sing N N 134 
GLU CG  HG3  sing N N 135 
GLU CD  OE1  doub N N 136 
GLU CD  OE2  sing N N 137 
GLU OE2 HE2  sing N N 138 
GLU OXT HXT  sing N N 139 
GLY N   CA   sing N N 140 
GLY N   H    sing N N 141 
GLY N   H2   sing N N 142 
GLY CA  C    sing N N 143 
GLY CA  HA2  sing N N 144 
GLY CA  HA3  sing N N 145 
GLY C   O    doub N N 146 
GLY C   OXT  sing N N 147 
GLY OXT HXT  sing N N 148 
HIS N   CA   sing N N 149 
HIS N   H    sing N N 150 
HIS N   H2   sing N N 151 
HIS CA  C    sing N N 152 
HIS CA  CB   sing N N 153 
HIS CA  HA   sing N N 154 
HIS C   O    doub N N 155 
HIS C   OXT  sing N N 156 
HIS CB  CG   sing N N 157 
HIS CB  HB2  sing N N 158 
HIS CB  HB3  sing N N 159 
HIS CG  ND1  sing Y N 160 
HIS CG  CD2  doub Y N 161 
HIS ND1 CE1  doub Y N 162 
HIS ND1 HD1  sing N N 163 
HIS CD2 NE2  sing Y N 164 
HIS CD2 HD2  sing N N 165 
HIS CE1 NE2  sing Y N 166 
HIS CE1 HE1  sing N N 167 
HIS NE2 HE2  sing N N 168 
HIS OXT HXT  sing N N 169 
HOH O   H1   sing N N 170 
HOH O   H2   sing N N 171 
ILE N   CA   sing N N 172 
ILE N   H    sing N N 173 
ILE N   H2   sing N N 174 
ILE CA  C    sing N N 175 
ILE CA  CB   sing N N 176 
ILE CA  HA   sing N N 177 
ILE C   O    doub N N 178 
ILE C   OXT  sing N N 179 
ILE CB  CG1  sing N N 180 
ILE CB  CG2  sing N N 181 
ILE CB  HB   sing N N 182 
ILE CG1 CD1  sing N N 183 
ILE CG1 HG12 sing N N 184 
ILE CG1 HG13 sing N N 185 
ILE CG2 HG21 sing N N 186 
ILE CG2 HG22 sing N N 187 
ILE CG2 HG23 sing N N 188 
ILE CD1 HD11 sing N N 189 
ILE CD1 HD12 sing N N 190 
ILE CD1 HD13 sing N N 191 
ILE OXT HXT  sing N N 192 
LEU N   CA   sing N N 193 
LEU N   H    sing N N 194 
LEU N   H2   sing N N 195 
LEU CA  C    sing N N 196 
LEU CA  CB   sing N N 197 
LEU CA  HA   sing N N 198 
LEU C   O    doub N N 199 
LEU C   OXT  sing N N 200 
LEU CB  CG   sing N N 201 
LEU CB  HB2  sing N N 202 
LEU CB  HB3  sing N N 203 
LEU CG  CD1  sing N N 204 
LEU CG  CD2  sing N N 205 
LEU CG  HG   sing N N 206 
LEU CD1 HD11 sing N N 207 
LEU CD1 HD12 sing N N 208 
LEU CD1 HD13 sing N N 209 
LEU CD2 HD21 sing N N 210 
LEU CD2 HD22 sing N N 211 
LEU CD2 HD23 sing N N 212 
LEU OXT HXT  sing N N 213 
LYS N   CA   sing N N 214 
LYS N   H    sing N N 215 
LYS N   H2   sing N N 216 
LYS CA  C    sing N N 217 
LYS CA  CB   sing N N 218 
LYS CA  HA   sing N N 219 
LYS C   O    doub N N 220 
LYS C   OXT  sing N N 221 
LYS CB  CG   sing N N 222 
LYS CB  HB2  sing N N 223 
LYS CB  HB3  sing N N 224 
LYS CG  CD   sing N N 225 
LYS CG  HG2  sing N N 226 
LYS CG  HG3  sing N N 227 
LYS CD  CE   sing N N 228 
LYS CD  HD2  sing N N 229 
LYS CD  HD3  sing N N 230 
LYS CE  NZ   sing N N 231 
LYS CE  HE2  sing N N 232 
LYS CE  HE3  sing N N 233 
LYS NZ  HZ1  sing N N 234 
LYS NZ  HZ2  sing N N 235 
LYS NZ  HZ3  sing N N 236 
LYS OXT HXT  sing N N 237 
MET N   CA   sing N N 238 
MET N   H    sing N N 239 
MET N   H2   sing N N 240 
MET CA  C    sing N N 241 
MET CA  CB   sing N N 242 
MET CA  HA   sing N N 243 
MET C   O    doub N N 244 
MET C   OXT  sing N N 245 
MET CB  CG   sing N N 246 
MET CB  HB2  sing N N 247 
MET CB  HB3  sing N N 248 
MET CG  SD   sing N N 249 
MET CG  HG2  sing N N 250 
MET CG  HG3  sing N N 251 
MET SD  CE   sing N N 252 
MET CE  HE1  sing N N 253 
MET CE  HE2  sing N N 254 
MET CE  HE3  sing N N 255 
MET OXT HXT  sing N N 256 
PHE N   CA   sing N N 257 
PHE N   H    sing N N 258 
PHE N   H2   sing N N 259 
PHE CA  C    sing N N 260 
PHE CA  CB   sing N N 261 
PHE CA  HA   sing N N 262 
PHE C   O    doub N N 263 
PHE C   OXT  sing N N 264 
PHE CB  CG   sing N N 265 
PHE CB  HB2  sing N N 266 
PHE CB  HB3  sing N N 267 
PHE CG  CD1  doub Y N 268 
PHE CG  CD2  sing Y N 269 
PHE CD1 CE1  sing Y N 270 
PHE CD1 HD1  sing N N 271 
PHE CD2 CE2  doub Y N 272 
PHE CD2 HD2  sing N N 273 
PHE CE1 CZ   doub Y N 274 
PHE CE1 HE1  sing N N 275 
PHE CE2 CZ   sing Y N 276 
PHE CE2 HE2  sing N N 277 
PHE CZ  HZ   sing N N 278 
PHE OXT HXT  sing N N 279 
PRO N   CA   sing N N 280 
PRO N   CD   sing N N 281 
PRO N   H    sing N N 282 
PRO CA  C    sing N N 283 
PRO CA  CB   sing N N 284 
PRO CA  HA   sing N N 285 
PRO C   O    doub N N 286 
PRO C   OXT  sing N N 287 
PRO CB  CG   sing N N 288 
PRO CB  HB2  sing N N 289 
PRO CB  HB3  sing N N 290 
PRO CG  CD   sing N N 291 
PRO CG  HG2  sing N N 292 
PRO CG  HG3  sing N N 293 
PRO CD  HD2  sing N N 294 
PRO CD  HD3  sing N N 295 
PRO OXT HXT  sing N N 296 
SER N   CA   sing N N 297 
SER N   H    sing N N 298 
SER N   H2   sing N N 299 
SER CA  C    sing N N 300 
SER CA  CB   sing N N 301 
SER CA  HA   sing N N 302 
SER C   O    doub N N 303 
SER C   OXT  sing N N 304 
SER CB  OG   sing N N 305 
SER CB  HB2  sing N N 306 
SER CB  HB3  sing N N 307 
SER OG  HG   sing N N 308 
SER OXT HXT  sing N N 309 
THR N   CA   sing N N 310 
THR N   H    sing N N 311 
THR N   H2   sing N N 312 
THR CA  C    sing N N 313 
THR CA  CB   sing N N 314 
THR CA  HA   sing N N 315 
THR C   O    doub N N 316 
THR C   OXT  sing N N 317 
THR CB  OG1  sing N N 318 
THR CB  CG2  sing N N 319 
THR CB  HB   sing N N 320 
THR OG1 HG1  sing N N 321 
THR CG2 HG21 sing N N 322 
THR CG2 HG22 sing N N 323 
THR CG2 HG23 sing N N 324 
THR OXT HXT  sing N N 325 
TRP N   CA   sing N N 326 
TRP N   H    sing N N 327 
TRP N   H2   sing N N 328 
TRP CA  C    sing N N 329 
TRP CA  CB   sing N N 330 
TRP CA  HA   sing N N 331 
TRP C   O    doub N N 332 
TRP C   OXT  sing N N 333 
TRP CB  CG   sing N N 334 
TRP CB  HB2  sing N N 335 
TRP CB  HB3  sing N N 336 
TRP CG  CD1  doub Y N 337 
TRP CG  CD2  sing Y N 338 
TRP CD1 NE1  sing Y N 339 
TRP CD1 HD1  sing N N 340 
TRP CD2 CE2  doub Y N 341 
TRP CD2 CE3  sing Y N 342 
TRP NE1 CE2  sing Y N 343 
TRP NE1 HE1  sing N N 344 
TRP CE2 CZ2  sing Y N 345 
TRP CE3 CZ3  doub Y N 346 
TRP CE3 HE3  sing N N 347 
TRP CZ2 CH2  doub Y N 348 
TRP CZ2 HZ2  sing N N 349 
TRP CZ3 CH2  sing Y N 350 
TRP CZ3 HZ3  sing N N 351 
TRP CH2 HH2  sing N N 352 
TRP OXT HXT  sing N N 353 
TYR N   CA   sing N N 354 
TYR N   H    sing N N 355 
TYR N   H2   sing N N 356 
TYR CA  C    sing N N 357 
TYR CA  CB   sing N N 358 
TYR CA  HA   sing N N 359 
TYR C   O    doub N N 360 
TYR C   OXT  sing N N 361 
TYR CB  CG   sing N N 362 
TYR CB  HB2  sing N N 363 
TYR CB  HB3  sing N N 364 
TYR CG  CD1  doub Y N 365 
TYR CG  CD2  sing Y N 366 
TYR CD1 CE1  sing Y N 367 
TYR CD1 HD1  sing N N 368 
TYR CD2 CE2  doub Y N 369 
TYR CD2 HD2  sing N N 370 
TYR CE1 CZ   doub Y N 371 
TYR CE1 HE1  sing N N 372 
TYR CE2 CZ   sing Y N 373 
TYR CE2 HE2  sing N N 374 
TYR CZ  OH   sing N N 375 
TYR OH  HH   sing N N 376 
TYR OXT HXT  sing N N 377 
VAL N   CA   sing N N 378 
VAL N   H    sing N N 379 
VAL N   H2   sing N N 380 
VAL CA  C    sing N N 381 
VAL CA  CB   sing N N 382 
VAL CA  HA   sing N N 383 
VAL C   O    doub N N 384 
VAL C   OXT  sing N N 385 
VAL CB  CG1  sing N N 386 
VAL CB  CG2  sing N N 387 
VAL CB  HB   sing N N 388 
VAL CG1 HG11 sing N N 389 
VAL CG1 HG12 sing N N 390 
VAL CG1 HG13 sing N N 391 
VAL CG2 HG21 sing N N 392 
VAL CG2 HG22 sing N N 393 
VAL CG2 HG23 sing N N 394 
VAL OXT HXT  sing N N 395 
# 
_pdbx_audit_support.funding_organization   'EU Marie Curie ITN ParaMet' 
_pdbx_audit_support.country                France 
_pdbx_audit_support.grant_number           290080 
_pdbx_audit_support.ordinal                1 
# 
_pdbx_initial_refinement_model.id               1 
_pdbx_initial_refinement_model.entity_id_list   ? 
_pdbx_initial_refinement_model.type             'experimental model' 
_pdbx_initial_refinement_model.source_name      PDB 
_pdbx_initial_refinement_model.accession_code   4ZCT 
_pdbx_initial_refinement_model.details          ? 
# 
_atom_sites.entry_id                    4ZCQ 
_atom_sites.fract_transf_matrix[1][1]   -0.01723096 
_atom_sites.fract_transf_matrix[1][2]   -0.00887403 
_atom_sites.fract_transf_matrix[1][3]   -0.00380099 
_atom_sites.fract_transf_matrix[2][1]   -0.00531722 
_atom_sites.fract_transf_matrix[2][2]   0.01245081 
_atom_sites.fract_transf_matrix[2][3]   -0.00496396 
_atom_sites.fract_transf_matrix[3][1]   0.00269626 
_atom_sites.fract_transf_matrix[3][2]   -0.00192752 
_atom_sites.fract_transf_matrix[3][3]   -0.00772283 
_atom_sites.fract_transf_vector[1]      0.385976 
_atom_sites.fract_transf_vector[2]      -1.675777 
_atom_sites.fract_transf_vector[3]      1.180747 
# 
loop_
_atom_type.symbol 
C 
N 
O 
S 
# 
loop_
_atom_site.group_PDB 
_atom_site.id 
_atom_site.type_symbol 
_atom_site.label_atom_id 
_atom_site.label_alt_id 
_atom_site.label_comp_id 
_atom_site.label_asym_id 
_atom_site.label_entity_id 
_atom_site.label_seq_id 
_atom_site.pdbx_PDB_ins_code 
_atom_site.Cartn_x 
_atom_site.Cartn_y 
_atom_site.Cartn_z 
_atom_site.occupancy 
_atom_site.B_iso_or_equiv 
_atom_site.pdbx_formal_charge 
_atom_site.auth_seq_id 
_atom_site.auth_comp_id 
_atom_site.auth_asym_id 
_atom_site.auth_atom_id 
_atom_site.pdbx_PDB_model_num 
ATOM   1    N N   . LYS A 1 39  ? 11.001  -4.088  -20.799 1.00 69.83 ? 616 LYS A N   1 
ATOM   2    C CA  . LYS A 1 39  ? 11.112  -2.772  -20.188 1.00 61.27 ? 616 LYS A CA  1 
ATOM   3    C C   . LYS A 1 39  ? 10.127  -2.629  -19.014 1.00 60.79 ? 616 LYS A C   1 
ATOM   4    O O   . LYS A 1 39  ? 10.328  -1.799  -18.128 1.00 61.62 ? 616 LYS A O   1 
ATOM   5    C CB  . LYS A 1 39  ? 10.876  -1.678  -21.241 1.00 65.77 ? 616 LYS A CB  1 
ATOM   6    C CG  . LYS A 1 39  ? 11.455  -0.312  -20.881 1.00 67.68 ? 616 LYS A CG  1 
ATOM   7    C CD  . LYS A 1 39  ? 11.485  0.623   -22.086 1.00 70.88 ? 616 LYS A CD  1 
ATOM   8    N N   . ASN A 1 40  ? 9.081   -3.451  -18.988 1.00 62.09 ? 617 ASN A N   1 
ATOM   9    C CA  . ASN A 1 40  ? 8.060   -3.314  -17.945 1.00 60.12 ? 617 ASN A CA  1 
ATOM   10   C C   . ASN A 1 40  ? 8.433   -3.937  -16.593 1.00 58.32 ? 617 ASN A C   1 
ATOM   11   O O   . ASN A 1 40  ? 8.758   -5.122  -16.503 1.00 58.27 ? 617 ASN A O   1 
ATOM   12   C CB  . ASN A 1 40  ? 6.741   -3.905  -18.404 1.00 58.79 ? 617 ASN A CB  1 
ATOM   13   C CG  . ASN A 1 40  ? 5.598   -3.544  -17.466 1.00 54.27 ? 617 ASN A CG  1 
ATOM   14   O OD1 . ASN A 1 40  ? 5.223   -4.331  -16.601 1.00 57.33 ? 617 ASN A OD1 1 
ATOM   15   N ND2 . ASN A 1 40  ? 5.046   -2.344  -17.630 1.00 60.28 ? 617 ASN A ND2 1 
ATOM   16   N N   . VAL A 1 41  ? 8.344   -3.124  -15.544 1.00 47.21 ? 618 VAL A N   1 
ATOM   17   C CA  . VAL A 1 41  ? 8.813   -3.491  -14.215 1.00 42.61 ? 618 VAL A CA  1 
ATOM   18   C C   . VAL A 1 41  ? 7.636   -3.649  -13.259 1.00 37.22 ? 618 VAL A C   1 
ATOM   19   O O   . VAL A 1 41  ? 6.808   -2.738  -13.147 1.00 40.50 ? 618 VAL A O   1 
ATOM   20   C CB  . VAL A 1 41  ? 9.776   -2.417  -13.665 1.00 41.14 ? 618 VAL A CB  1 
ATOM   21   C CG1 . VAL A 1 41  ? 10.266  -2.793  -12.297 1.00 36.43 ? 618 VAL A CG1 1 
ATOM   22   C CG2 . VAL A 1 41  ? 10.958  -2.229  -14.628 1.00 47.42 ? 618 VAL A CG2 1 
ATOM   23   N N   . VAL A 1 42  ? 7.575   -4.776  -12.559 1.00 35.85 ? 619 VAL A N   1 
ATOM   24   C CA  . VAL A 1 42  ? 6.464   -5.054  -11.656 1.00 37.01 ? 619 VAL A CA  1 
ATOM   25   C C   . VAL A 1 42  ? 6.797   -4.578  -10.235 1.00 42.96 ? 619 VAL A C   1 
ATOM   26   O O   . VAL A 1 42  ? 7.786   -4.998  -9.602  1.00 37.30 ? 619 VAL A O   1 
ATOM   27   C CB  . VAL A 1 42  ? 6.102   -6.560  -11.655 1.00 38.91 ? 619 VAL A CB  1 
ATOM   28   C CG1 . VAL A 1 42  ? 4.899   -6.824  -10.778 1.00 35.37 ? 619 VAL A CG1 1 
ATOM   29   C CG2 . VAL A 1 42  ? 5.848   -7.049  -13.077 1.00 40.58 ? 619 VAL A CG2 1 
ATOM   30   N N   . ILE A 1 43  ? 5.963   -3.670  -9.751  1.00 37.36 ? 620 ILE A N   1 
ATOM   31   C CA  . ILE A 1 43  ? 6.132   -3.068  -8.437  1.00 37.03 ? 620 ILE A CA  1 
ATOM   32   C C   . ILE A 1 43  ? 5.018   -3.579  -7.553  1.00 39.63 ? 620 ILE A C   1 
ATOM   33   O O   . ILE A 1 43  ? 3.881   -3.627  -7.994  1.00 35.02 ? 620 ILE A O   1 
ATOM   34   C CB  . ILE A 1 43  ? 6.052   -1.524  -8.497  1.00 32.91 ? 620 ILE A CB  1 
ATOM   35   C CG1 . ILE A 1 43  ? 7.066   -0.949  -9.490  1.00 40.50 ? 620 ILE A CG1 1 
ATOM   36   C CG2 . ILE A 1 43  ? 6.190   -0.916  -7.116  1.00 35.72 ? 620 ILE A CG2 1 
ATOM   37   C CD1 . ILE A 1 43  ? 8.508   -1.191  -9.108  1.00 39.96 ? 620 ILE A CD1 1 
ATOM   38   N N   . TYR A 1 44  ? 5.342   -3.939  -6.315  1.00 36.96 ? 621 TYR A N   1 
ATOM   39   C CA  . TYR A 1 44  ? 4.333   -4.352  -5.355  1.00 37.95 ? 621 TYR A CA  1 
ATOM   40   C C   . TYR A 1 44  ? 4.303   -3.410  -4.164  1.00 36.16 ? 621 TYR A C   1 
ATOM   41   O O   . TYR A 1 44  ? 5.342   -3.100  -3.577  1.00 37.45 ? 621 TYR A O   1 
ATOM   42   C CB  . TYR A 1 44  ? 4.598   -5.787  -4.895  1.00 29.41 ? 621 TYR A CB  1 
ATOM   43   C CG  . TYR A 1 44  ? 3.612   -6.317  -3.877  1.00 37.10 ? 621 TYR A CG  1 
ATOM   44   C CD1 . TYR A 1 44  ? 2.305   -6.624  -4.245  1.00 35.87 ? 621 TYR A CD1 1 
ATOM   45   C CD2 . TYR A 1 44  ? 3.994   -6.540  -2.565  1.00 34.15 ? 621 TYR A CD2 1 
ATOM   46   C CE1 . TYR A 1 44  ? 1.405   -7.127  -3.326  1.00 35.60 ? 621 TYR A CE1 1 
ATOM   47   C CE2 . TYR A 1 44  ? 3.105   -7.036  -1.632  1.00 39.65 ? 621 TYR A CE2 1 
ATOM   48   C CZ  . TYR A 1 44  ? 1.806   -7.342  -2.030  1.00 38.99 ? 621 TYR A CZ  1 
ATOM   49   O OH  . TYR A 1 44  ? 0.907   -7.828  -1.113  1.00 39.05 ? 621 TYR A OH  1 
ATOM   50   N N   . ALA A 1 45  ? 3.116   -2.928  -3.817  1.00 34.26 ? 622 ALA A N   1 
ATOM   51   C CA  . ALA A 1 45  ? 2.943   -2.151  -2.591  1.00 34.90 ? 622 ALA A CA  1 
ATOM   52   C C   . ALA A 1 45  ? 1.834   -2.780  -1.777  1.00 38.76 ? 622 ALA A C   1 
ATOM   53   O O   . ALA A 1 45  ? 0.774   -3.056  -2.312  1.00 42.44 ? 622 ALA A O   1 
ATOM   54   C CB  . ALA A 1 45  ? 2.608   -0.705  -2.907  1.00 34.39 ? 622 ALA A CB  1 
ATOM   55   N N   . ASP A 1 46  ? 2.051   -3.013  -0.491  1.00 36.60 ? 623 ASP A N   1 
ATOM   56   C CA  . ASP A 1 46  ? 0.955   -3.531  0.302   1.00 39.90 ? 623 ASP A CA  1 
ATOM   57   C C   . ASP A 1 46  ? 0.597   -2.540  1.385   1.00 45.01 ? 623 ASP A C   1 
ATOM   58   O O   . ASP A 1 46  ? 1.335   -1.588  1.647   1.00 39.52 ? 623 ASP A O   1 
ATOM   59   C CB  . ASP A 1 46  ? 1.277   -4.910  0.889   1.00 39.46 ? 623 ASP A CB  1 
ATOM   60   C CG  . ASP A 1 46  ? 2.495   -4.912  1.821   1.00 48.86 ? 623 ASP A CG  1 
ATOM   61   O OD1 . ASP A 1 46  ? 2.936   -3.845  2.307   1.00 56.99 ? 623 ASP A OD1 1 
ATOM   62   O OD2 . ASP A 1 46  ? 3.000   -6.020  2.076   1.00 49.81 ? 623 ASP A OD2 1 
ATOM   63   N N   . GLY A 1 47  ? -0.570  -2.737  1.979   1.00 42.82 ? 624 GLY A N   1 
ATOM   64   C CA  . GLY A 1 47  ? -1.038  -1.819  2.994   1.00 43.52 ? 624 GLY A CA  1 
ATOM   65   C C   . GLY A 1 47  ? -2.449  -2.145  3.414   1.00 39.49 ? 624 GLY A C   1 
ATOM   66   O O   . GLY A 1 47  ? -3.092  -3.039  2.853   1.00 37.93 ? 624 GLY A O   1 
ATOM   67   N N   . VAL A 1 48  ? -2.931  -1.406  4.403   1.00 40.37 ? 625 VAL A N   1 
ATOM   68   C CA  . VAL A 1 48  ? -4.311  -1.525  4.849   1.00 38.62 ? 625 VAL A CA  1 
ATOM   69   C C   . VAL A 1 48  ? -5.238  -0.737  3.940   1.00 39.07 ? 625 VAL A C   1 
ATOM   70   O O   . VAL A 1 48  ? -6.312  -1.210  3.590   1.00 40.22 ? 625 VAL A O   1 
ATOM   71   C CB  . VAL A 1 48  ? -4.464  -1.019  6.296   1.00 39.95 ? 625 VAL A CB  1 
ATOM   72   C CG1 . VAL A 1 48  ? -5.914  -1.173  6.764   1.00 39.92 ? 625 VAL A CG1 1 
ATOM   73   C CG2 . VAL A 1 48  ? -3.522  -1.777  7.207   1.00 43.09 ? 625 VAL A CG2 1 
ATOM   74   N N   . TYR A 1 49  ? -4.807  0.471   3.561   1.00 39.24 ? 626 TYR A N   1 
ATOM   75   C CA  . TYR A 1 49  ? -5.638  1.400   2.792   1.00 39.66 ? 626 TYR A CA  1 
ATOM   76   C C   . TYR A 1 49  ? -7.025  1.617   3.414   1.00 43.33 ? 626 TYR A C   1 
ATOM   77   O O   . TYR A 1 49  ? -8.049  1.618   2.722   1.00 40.34 ? 626 TYR A O   1 
ATOM   78   C CB  . TYR A 1 49  ? -5.752  0.907   1.339   1.00 38.89 ? 626 TYR A CB  1 
ATOM   79   C CG  . TYR A 1 49  ? -4.382  0.690   0.730   1.00 40.61 ? 626 TYR A CG  1 
ATOM   80   C CD1 . TYR A 1 49  ? -3.603  1.766   0.320   1.00 38.08 ? 626 TYR A CD1 1 
ATOM   81   C CD2 . TYR A 1 49  ? -3.855  -0.592  0.597   1.00 40.57 ? 626 TYR A CD2 1 
ATOM   82   C CE1 . TYR A 1 49  ? -2.341  1.565   -0.236  1.00 39.84 ? 626 TYR A CE1 1 
ATOM   83   C CE2 . TYR A 1 49  ? -2.599  -0.799  0.057   1.00 38.15 ? 626 TYR A CE2 1 
ATOM   84   C CZ  . TYR A 1 49  ? -1.847  0.277   -0.349  1.00 42.34 ? 626 TYR A CZ  1 
ATOM   85   O OH  . TYR A 1 49  ? -0.607  0.055   -0.888  1.00 40.44 ? 626 TYR A OH  1 
ATOM   86   N N   . ASP A 1 50  ? -7.058  1.812   4.733   1.00 42.34 ? 627 ASP A N   1 
ATOM   87   C CA  . ASP A 1 50  ? -8.311  2.153   5.407   1.00 44.14 ? 627 ASP A CA  1 
ATOM   88   C C   . ASP A 1 50  ? -8.648  3.637   5.180   1.00 45.63 ? 627 ASP A C   1 
ATOM   89   O O   . ASP A 1 50  ? -7.772  4.498   5.318   1.00 45.34 ? 627 ASP A O   1 
ATOM   90   C CB  . ASP A 1 50  ? -8.208  1.849   6.908   1.00 48.25 ? 627 ASP A CB  1 
ATOM   91   C CG  . ASP A 1 50  ? -9.560  1.820   7.586   1.00 51.66 ? 627 ASP A CG  1 
ATOM   92   O OD1 . ASP A 1 50  ? -10.556 1.600   6.874   1.00 48.74 ? 627 ASP A OD1 1 
ATOM   93   O OD2 . ASP A 1 50  ? -9.626  2.003   8.824   1.00 49.49 ? 627 ASP A OD2 1 
ATOM   94   N N   . MET A 1 51  ? -9.904  3.925   4.829   1.00 43.76 ? 628 MET A N   1 
ATOM   95   C CA  . MET A 1 51  ? -10.364 5.298   4.591   1.00 47.92 ? 628 MET A CA  1 
ATOM   96   C C   . MET A 1 51  ? -9.373  6.065   3.725   1.00 50.09 ? 628 MET A C   1 
ATOM   97   O O   . MET A 1 51  ? -8.783  7.051   4.161   1.00 46.42 ? 628 MET A O   1 
ATOM   98   C CB  . MET A 1 51  ? -10.596 6.032   5.923   1.00 53.12 ? 628 MET A CB  1 
ATOM   99   C CG  . MET A 1 51  ? -11.698 5.411   6.775   1.00 51.47 ? 628 MET A CG  1 
ATOM   100  S SD  . MET A 1 51  ? -11.930 6.248   8.370   1.00 66.96 ? 628 MET A SD  1 
ATOM   101  C CE  . MET A 1 51  ? -10.304 6.124   9.124   1.00 56.75 ? 628 MET A CE  1 
ATOM   102  N N   . LEU A 1 52  ? -9.193  5.583   2.498   1.00 43.69 ? 629 LEU A N   1 
ATOM   103  C CA  . LEU A 1 52  ? -8.179  6.091   1.579   1.00 44.68 ? 629 LEU A CA  1 
ATOM   104  C C   . LEU A 1 52  ? -8.146  7.608   1.454   1.00 42.43 ? 629 LEU A C   1 
ATOM   105  O O   . LEU A 1 52  ? -9.169  8.235   1.190   1.00 42.75 ? 629 LEU A O   1 
ATOM   106  C CB  . LEU A 1 52  ? -8.400  5.478   0.196   1.00 39.55 ? 629 LEU A CB  1 
ATOM   107  C CG  . LEU A 1 52  ? -7.216  5.505   -0.768  1.00 42.61 ? 629 LEU A CG  1 
ATOM   108  C CD1 . LEU A 1 52  ? -6.286  4.363   -0.468  1.00 44.24 ? 629 LEU A CD1 1 
ATOM   109  C CD2 . LEU A 1 52  ? -7.711  5.407   -2.196  1.00 44.80 ? 629 LEU A CD2 1 
ATOM   110  N N   . HIS A 1 53  ? -6.959  8.192   1.611   1.00 42.12 ? 630 HIS A N   1 
ATOM   111  C CA  . HIS A 1 53  ? -6.809  9.636   1.478   1.00 47.55 ? 630 HIS A CA  1 
ATOM   112  C C   . HIS A 1 53  ? -5.629  10.024  0.593   1.00 44.10 ? 630 HIS A C   1 
ATOM   113  O O   . HIS A 1 53  ? -4.915  9.166   0.068   1.00 44.30 ? 630 HIS A O   1 
ATOM   114  C CB  . HIS A 1 53  ? -6.663  10.293  2.857   1.00 46.81 ? 630 HIS A CB  1 
ATOM   115  C CG  . HIS A 1 53  ? -5.549  9.731   3.680   1.00 54.26 ? 630 HIS A CG  1 
ATOM   116  N ND1 . HIS A 1 53  ? -4.232  10.098  3.504   1.00 58.05 ? 630 HIS A ND1 1 
ATOM   117  C CD2 . HIS A 1 53  ? -5.555  8.822   4.685   1.00 52.32 ? 630 HIS A CD2 1 
ATOM   118  C CE1 . HIS A 1 53  ? -3.476  9.442   4.366   1.00 56.39 ? 630 HIS A CE1 1 
ATOM   119  N NE2 . HIS A 1 53  ? -4.256  8.661   5.093   1.00 58.29 ? 630 HIS A NE2 1 
ATOM   120  N N   . LEU A 1 54  ? -5.425  11.330  0.452   1.00 44.00 ? 631 LEU A N   1 
ATOM   121  C CA  . LEU A 1 54  ? -4.448  11.872  -0.475  1.00 46.82 ? 631 LEU A CA  1 
ATOM   122  C C   . LEU A 1 54  ? -3.052  11.328  -0.191  1.00 45.69 ? 631 LEU A C   1 
ATOM   123  O O   . LEU A 1 54  ? -2.266  11.109  -1.120  1.00 46.07 ? 631 LEU A O   1 
ATOM   124  C CB  . LEU A 1 54  ? -4.457  13.402  -0.422  1.00 46.82 ? 631 LEU A CB  1 
ATOM   125  C CG  . LEU A 1 54  ? -3.609  14.083  -1.492  1.00 52.47 ? 631 LEU A CG  1 
ATOM   126  C CD1 . LEU A 1 54  ? -4.109  13.730  -2.894  1.00 48.41 ? 631 LEU A CD1 1 
ATOM   127  C CD2 . LEU A 1 54  ? -3.551  15.603  -1.286  1.00 56.39 ? 631 LEU A CD2 1 
ATOM   128  N N   . GLY A 1 55  ? -2.756  11.082  1.084   1.00 47.35 ? 632 GLY A N   1 
ATOM   129  C CA  . GLY A 1 55  ? -1.485  10.483  1.476   1.00 49.55 ? 632 GLY A CA  1 
ATOM   130  C C   . GLY A 1 55  ? -1.252  9.109   0.854   1.00 42.94 ? 632 GLY A C   1 
ATOM   131  O O   . GLY A 1 55  ? -0.169  8.828   0.331   1.00 41.05 ? 632 GLY A O   1 
ATOM   132  N N   . HIS A 1 56  ? -2.272  8.255   0.905   1.00 39.56 ? 633 HIS A N   1 
ATOM   133  C CA  . HIS A 1 56  ? -2.222  6.943   0.251   1.00 37.96 ? 633 HIS A CA  1 
ATOM   134  C C   . HIS A 1 56  ? -2.009  7.090   -1.226  1.00 33.67 ? 633 HIS A C   1 
ATOM   135  O O   . HIS A 1 56  ? -1.208  6.393   -1.840  1.00 36.07 ? 633 HIS A O   1 
ATOM   136  C CB  . HIS A 1 56  ? -3.518  6.171   0.451   1.00 39.72 ? 633 HIS A CB  1 
ATOM   137  C CG  . HIS A 1 56  ? -3.764  5.730   1.857   1.00 43.89 ? 633 HIS A CG  1 
ATOM   138  N ND1 . HIS A 1 56  ? -4.749  6.286   2.642   1.00 48.10 ? 633 HIS A ND1 1 
ATOM   139  C CD2 . HIS A 1 56  ? -3.184  4.761   2.599   1.00 48.68 ? 633 HIS A CD2 1 
ATOM   140  C CE1 . HIS A 1 56  ? -4.758  5.681   3.819   1.00 48.91 ? 633 HIS A CE1 1 
ATOM   141  N NE2 . HIS A 1 56  ? -3.822  4.755   3.822   1.00 51.24 ? 633 HIS A NE2 1 
ATOM   142  N N   . MET A 1 57  ? -2.775  8.000   -1.808  1.00 40.12 ? 634 MET A N   1 
ATOM   143  C CA  . MET A 1 57  ? -2.806  8.149   -3.249  1.00 39.45 ? 634 MET A CA  1 
ATOM   144  C C   . MET A 1 57  ? -1.467  8.651   -3.792  1.00 39.73 ? 634 MET A C   1 
ATOM   145  O O   . MET A 1 57  ? -1.012  8.217   -4.847  1.00 33.70 ? 634 MET A O   1 
ATOM   146  C CB  . MET A 1 57  ? -3.938  9.100   -3.637  1.00 37.67 ? 634 MET A CB  1 
ATOM   147  C CG  . MET A 1 57  ? -5.353  8.633   -3.282  1.00 34.61 ? 634 MET A CG  1 
ATOM   148  S SD  . MET A 1 57  ? -6.510  10.019  -3.505  1.00 41.60 ? 634 MET A SD  1 
ATOM   149  C CE  . MET A 1 57  ? -7.983  9.348   -2.695  1.00 40.14 ? 634 MET A CE  1 
ATOM   150  N N   . LYS A 1 58  ? -0.828  9.566   -3.071  1.00 37.54 ? 635 LYS A N   1 
ATOM   151  C CA  . LYS A 1 58  ? 0.470   10.064  -3.502  1.00 37.21 ? 635 LYS A CA  1 
ATOM   152  C C   . LYS A 1 58  ? 1.531   8.971   -3.400  1.00 39.06 ? 635 LYS A C   1 
ATOM   153  O O   . LYS A 1 58  ? 2.447   8.886   -4.230  1.00 39.76 ? 635 LYS A O   1 
ATOM   154  C CB  . LYS A 1 58  ? 0.878   11.285  -2.664  1.00 43.45 ? 635 LYS A CB  1 
ATOM   155  C CG  . LYS A 1 58  ? 0.058   12.528  -2.959  1.00 43.25 ? 635 LYS A CG  1 
ATOM   156  C CD  . LYS A 1 58  ? 0.254   13.607  -1.912  1.00 49.21 ? 635 LYS A CD  1 
ATOM   157  C CE  . LYS A 1 58  ? 1.567   14.321  -2.107  1.00 56.78 ? 635 LYS A CE  1 
ATOM   158  N NZ  . LYS A 1 58  ? 1.772   15.346  -1.035  1.00 78.72 ? 635 LYS A NZ  1 
ATOM   159  N N   . GLN A 1 59  ? 1.404   8.132   -2.379  1.00 38.47 ? 636 GLN A N   1 
ATOM   160  C CA  . GLN A 1 59  ? 2.318   7.008   -2.212  1.00 41.86 ? 636 GLN A CA  1 
ATOM   161  C C   . GLN A 1 59  ? 2.175   5.979   -3.331  1.00 38.89 ? 636 GLN A C   1 
ATOM   162  O O   . GLN A 1 59  ? 3.161   5.451   -3.839  1.00 36.29 ? 636 GLN A O   1 
ATOM   163  C CB  . GLN A 1 59  ? 2.083   6.346   -0.859  1.00 49.06 ? 636 GLN A CB  1 
ATOM   164  C CG  . GLN A 1 59  ? 3.283   5.580   -0.382  1.00 56.68 ? 636 GLN A CG  1 
ATOM   165  C CD  . GLN A 1 59  ? 3.335   5.457   1.126   1.00 65.14 ? 636 GLN A CD  1 
ATOM   166  O OE1 . GLN A 1 59  ? 2.365   5.767   1.834   1.00 59.73 ? 636 GLN A OE1 1 
ATOM   167  N NE2 . GLN A 1 59  ? 4.486   5.029   1.631   1.00 57.88 ? 636 GLN A NE2 1 
ATOM   168  N N   . LEU A 1 60  ? 0.936   5.698   -3.718  1.00 34.74 ? 637 LEU A N   1 
ATOM   169  C CA  . LEU A 1 60  ? 0.669   4.837   -4.850  1.00 36.98 ? 637 LEU A CA  1 
ATOM   170  C C   . LEU A 1 60  ? 1.217   5.453   -6.128  1.00 36.54 ? 637 LEU A C   1 
ATOM   171  O O   . LEU A 1 60  ? 1.786   4.755   -6.961  1.00 34.81 ? 637 LEU A O   1 
ATOM   172  C CB  . LEU A 1 60  ? -0.842  4.588   -4.985  1.00 34.16 ? 637 LEU A CB  1 
ATOM   173  C CG  . LEU A 1 60  ? -1.421  3.825   -3.795  1.00 32.14 ? 637 LEU A CG  1 
ATOM   174  C CD1 . LEU A 1 60  ? -2.965  3.741   -3.883  1.00 40.87 ? 637 LEU A CD1 1 
ATOM   175  C CD2 . LEU A 1 60  ? -0.838  2.451   -3.746  1.00 35.22 ? 637 LEU A CD2 1 
ATOM   176  N N   . GLU A 1 61  ? 1.025   6.764   -6.290  1.00 36.98 ? 638 GLU A N   1 
ATOM   177  C CA  . GLU A 1 61  ? 1.555   7.456   -7.463  1.00 36.29 ? 638 GLU A CA  1 
ATOM   178  C C   . GLU A 1 61  ? 3.064   7.302   -7.511  1.00 36.50 ? 638 GLU A C   1 
ATOM   179  O O   . GLU A 1 61  ? 3.648   7.069   -8.575  1.00 35.36 ? 638 GLU A O   1 
ATOM   180  C CB  . GLU A 1 61  ? 1.201   8.942   -7.451  1.00 36.42 ? 638 GLU A CB  1 
ATOM   181  C CG  . GLU A 1 61  ? 1.681   9.685   -8.693  1.00 39.68 ? 638 GLU A CG  1 
ATOM   182  C CD  . GLU A 1 61  ? 1.452   11.193  -8.615  1.00 38.24 ? 638 GLU A CD  1 
ATOM   183  O OE1 . GLU A 1 61  ? 1.005   11.695  -7.554  1.00 44.62 ? 638 GLU A OE1 1 
ATOM   184  O OE2 . GLU A 1 61  ? 1.735   11.876  -9.620  1.00 45.05 ? 638 GLU A OE2 1 
ATOM   185  N N   . GLN A 1 62  ? 3.690   7.437   -6.350  1.00 37.09 ? 639 GLN A N   1 
ATOM   186  C CA  . GLN A 1 62  ? 5.151   7.381   -6.295  1.00 38.71 ? 639 GLN A CA  1 
ATOM   187  C C   . GLN A 1 62  ? 5.654   5.992   -6.689  1.00 38.19 ? 639 GLN A C   1 
ATOM   188  O O   . GLN A 1 62  ? 6.543   5.863   -7.528  1.00 39.31 ? 639 GLN A O   1 
ATOM   189  C CB  . GLN A 1 62  ? 5.652   7.774   -4.913  1.00 38.00 ? 639 GLN A CB  1 
ATOM   190  C CG  . GLN A 1 62  ? 7.169   7.962   -4.913  1.00 50.99 ? 639 GLN A CG  1 
ATOM   191  C CD  . GLN A 1 62  ? 7.737   8.310   -3.556  1.00 54.40 ? 639 GLN A CD  1 
ATOM   192  O OE1 . GLN A 1 62  ? 7.007   8.450   -2.580  1.00 48.30 ? 639 GLN A OE1 1 
ATOM   193  N NE2 . GLN A 1 62  ? 9.063   8.436   -3.490  1.00 53.76 ? 639 GLN A NE2 1 
ATOM   194  N N   . ALA A 1 63  ? 5.030   4.948   -6.144  1.00 39.45 ? 640 ALA A N   1 
ATOM   195  C CA  . ALA A 1 63  ? 5.371   3.580   -6.533  1.00 34.61 ? 640 ALA A CA  1 
ATOM   196  C C   . ALA A 1 63  ? 5.182   3.377   -8.029  1.00 42.23 ? 640 ALA A C   1 
ATOM   197  O O   . ALA A 1 63  ? 6.055   2.831   -8.696  1.00 40.18 ? 640 ALA A O   1 
ATOM   198  C CB  . ALA A 1 63  ? 4.533   2.550   -5.737  1.00 36.98 ? 640 ALA A CB  1 
ATOM   199  N N   . LYS A 1 64  ? 4.037   3.813   -8.557  1.00 40.34 ? 641 LYS A N   1 
ATOM   200  C CA  . LYS A 1 64  ? 3.743   3.647   -9.974  1.00 38.44 ? 641 LYS A CA  1 
ATOM   201  C C   . LYS A 1 64  ? 4.804   4.316   -10.865 1.00 37.89 ? 641 LYS A C   1 
ATOM   202  O O   . LYS A 1 64  ? 5.142   3.817   -11.945 1.00 39.61 ? 641 LYS A O   1 
ATOM   203  C CB  . LYS A 1 64  ? 2.351   4.208   -10.300 1.00 32.25 ? 641 LYS A CB  1 
ATOM   204  C CG  . LYS A 1 64  ? 2.056   4.280   -11.801 1.00 36.68 ? 641 LYS A CG  1 
ATOM   205  C CD  . LYS A 1 64  ? 1.786   2.905   -12.377 1.00 33.41 ? 641 LYS A CD  1 
ATOM   206  C CE  . LYS A 1 64  ? 1.377   3.026   -13.840 1.00 38.72 ? 641 LYS A CE  1 
ATOM   207  N NZ  . LYS A 1 64  ? 1.621   1.758   -14.547 1.00 41.68 ? 641 LYS A NZ  1 
ATOM   208  N N   . LYS A 1 65  ? 5.331   5.445   -10.415 1.00 39.53 ? 642 LYS A N   1 
ATOM   209  C CA  . LYS A 1 65  ? 6.247   6.211   -11.247 1.00 38.57 ? 642 LYS A CA  1 
ATOM   210  C C   . LYS A 1 65  ? 7.725   5.920   -10.969 1.00 44.47 ? 642 LYS A C   1 
ATOM   211  O O   . LYS A 1 65  ? 8.594   6.656   -11.419 1.00 41.83 ? 642 LYS A O   1 
ATOM   212  C CB  . LYS A 1 65  ? 5.962   7.707   -11.087 1.00 40.28 ? 642 LYS A CB  1 
ATOM   213  C CG  . LYS A 1 65  ? 4.639   8.108   -11.763 1.00 38.02 ? 642 LYS A CG  1 
ATOM   214  C CD  . LYS A 1 65  ? 4.236   9.549   -11.540 1.00 39.71 ? 642 LYS A CD  1 
ATOM   215  C CE  . LYS A 1 65  ? 2.922   9.821   -12.303 1.00 39.58 ? 642 LYS A CE  1 
ATOM   216  N NZ  . LYS A 1 65  ? 2.396   11.185  -12.076 1.00 45.19 ? 642 LYS A NZ  1 
ATOM   217  N N   . LEU A 1 66  ? 8.010   4.831   -10.264 1.00 41.09 ? 643 LEU A N   1 
ATOM   218  C CA  . LEU A 1 66  ? 9.402   4.496   -9.942  1.00 42.16 ? 643 LEU A CA  1 
ATOM   219  C C   . LEU A 1 66  ? 10.258  4.262   -11.187 1.00 46.10 ? 643 LEU A C   1 
ATOM   220  O O   . LEU A 1 66  ? 11.444  4.595   -11.198 1.00 45.12 ? 643 LEU A O   1 
ATOM   221  C CB  . LEU A 1 66  ? 9.451   3.274   -9.036  1.00 41.77 ? 643 LEU A CB  1 
ATOM   222  C CG  . LEU A 1 66  ? 9.006   3.570   -7.602  1.00 39.48 ? 643 LEU A CG  1 
ATOM   223  C CD1 . LEU A 1 66  ? 8.866   2.291   -6.817  1.00 36.93 ? 643 LEU A CD1 1 
ATOM   224  C CD2 . LEU A 1 66  ? 10.032  4.479   -6.945  1.00 40.55 ? 643 LEU A CD2 1 
ATOM   225  N N   . PHE A 1 67  ? 9.653   3.695   -12.227 1.00 41.69 ? 644 PHE A N   1 
ATOM   226  C CA  . PHE A 1 67  ? 10.312  3.488   -13.511 1.00 44.41 ? 644 PHE A CA  1 
ATOM   227  C C   . PHE A 1 67  ? 9.395   3.954   -14.625 1.00 50.87 ? 644 PHE A C   1 
ATOM   228  O O   . PHE A 1 67  ? 8.197   4.179   -14.398 1.00 46.69 ? 644 PHE A O   1 
ATOM   229  C CB  . PHE A 1 67  ? 10.693  2.014   -13.702 1.00 43.68 ? 644 PHE A CB  1 
ATOM   230  C CG  . PHE A 1 67  ? 11.664  1.514   -12.668 1.00 47.02 ? 644 PHE A CG  1 
ATOM   231  C CD1 . PHE A 1 67  ? 13.035  1.673   -12.848 1.00 49.46 ? 644 PHE A CD1 1 
ATOM   232  C CD2 . PHE A 1 67  ? 11.212  0.917   -11.500 1.00 42.76 ? 644 PHE A CD2 1 
ATOM   233  C CE1 . PHE A 1 67  ? 13.933  1.230   -11.892 1.00 46.53 ? 644 PHE A CE1 1 
ATOM   234  C CE2 . PHE A 1 67  ? 12.115  0.474   -10.530 1.00 45.38 ? 644 PHE A CE2 1 
ATOM   235  C CZ  . PHE A 1 67  ? 13.478  0.633   -10.735 1.00 45.97 ? 644 PHE A CZ  1 
ATOM   236  N N   . GLU A 1 68  ? 9.952   4.099   -15.827 1.00 46.93 ? 645 GLU A N   1 
ATOM   237  C CA  . GLU A 1 68  ? 9.190   4.624   -16.948 1.00 48.42 ? 645 GLU A CA  1 
ATOM   238  C C   . GLU A 1 68  ? 7.977   3.754   -17.238 1.00 48.50 ? 645 GLU A C   1 
ATOM   239  O O   . GLU A 1 68  ? 6.879   4.266   -17.438 1.00 52.65 ? 645 GLU A O   1 
ATOM   240  C CB  . GLU A 1 68  ? 10.072  4.732   -18.200 1.00 56.13 ? 645 GLU A CB  1 
ATOM   241  C CG  . GLU A 1 68  ? 9.335   5.282   -19.416 1.00 55.88 ? 645 GLU A CG  1 
ATOM   242  N N   . ASN A 1 69  ? 8.182   2.440   -17.247 1.00 46.07 ? 646 ASN A N   1 
ATOM   243  C CA  . ASN A 1 69  ? 7.117   1.479   -17.551 1.00 46.12 ? 646 ASN A CA  1 
ATOM   244  C C   . ASN A 1 69  ? 6.944   0.490   -16.403 1.00 48.71 ? 646 ASN A C   1 
ATOM   245  O O   . ASN A 1 69  ? 7.833   -0.332  -16.133 1.00 45.78 ? 646 ASN A O   1 
ATOM   246  C CB  . ASN A 1 69  ? 7.412   0.718   -18.857 1.00 52.17 ? 646 ASN A CB  1 
ATOM   247  C CG  . ASN A 1 69  ? 7.329   1.608   -20.093 1.00 65.53 ? 646 ASN A CG  1 
ATOM   248  O OD1 . ASN A 1 69  ? 8.289   1.713   -20.867 1.00 71.59 ? 646 ASN A OD1 1 
ATOM   249  N ND2 . ASN A 1 69  ? 6.179   2.255   -20.285 1.00 60.23 ? 646 ASN A ND2 1 
ATOM   250  N N   . THR A 1 70  ? 5.801   0.582   -15.726 1.00 43.69 ? 647 THR A N   1 
ATOM   251  C CA  . THR A 1 70  ? 5.529   -0.230  -14.548 1.00 41.27 ? 647 THR A CA  1 
ATOM   252  C C   . THR A 1 70  ? 4.161   -0.890  -14.580 1.00 43.79 ? 647 THR A C   1 
ATOM   253  O O   . THR A 1 70  ? 3.233   -0.420  -15.241 1.00 40.37 ? 647 THR A O   1 
ATOM   254  C CB  . THR A 1 70  ? 5.593   0.595   -13.244 1.00 42.85 ? 647 THR A CB  1 
ATOM   255  O OG1 . THR A 1 70  ? 4.554   1.578   -13.246 1.00 43.52 ? 647 THR A OG1 1 
ATOM   256  C CG2 . THR A 1 70  ? 6.926   1.302   -13.126 1.00 37.12 ? 647 THR A CG2 1 
ATOM   257  N N   . THR A 1 71  ? 4.066   -2.001  -13.858 1.00 39.12 ? 648 THR A N   1 
ATOM   258  C CA  . THR A 1 71  ? 2.784   -2.531  -13.418 1.00 37.39 ? 648 THR A CA  1 
ATOM   259  C C   . THR A 1 71  ? 2.770   -2.446  -11.911 1.00 36.45 ? 648 THR A C   1 
ATOM   260  O O   . THR A 1 71  ? 3.581   -3.097  -11.259 1.00 37.58 ? 648 THR A O   1 
ATOM   261  C CB  . THR A 1 71  ? 2.585   -3.974  -13.857 1.00 37.11 ? 648 THR A CB  1 
ATOM   262  O OG1 . THR A 1 71  ? 2.697   -4.042  -15.281 1.00 41.38 ? 648 THR A OG1 1 
ATOM   263  C CG2 . THR A 1 71  ? 1.212   -4.482  -13.430 1.00 40.86 ? 648 THR A CG2 1 
ATOM   264  N N   . LEU A 1 72  ? 1.878   -1.640  -11.354 1.00 34.62 ? 649 LEU A N   1 
ATOM   265  C CA  . LEU A 1 72  ? 1.776   -1.543  -9.900  1.00 29.65 ? 649 LEU A CA  1 
ATOM   266  C C   . LEU A 1 72  ? 0.730   -2.507  -9.389  1.00 36.30 ? 649 LEU A C   1 
ATOM   267  O O   . LEU A 1 72  ? -0.455  -2.357  -9.683  1.00 36.25 ? 649 LEU A O   1 
ATOM   268  C CB  . LEU A 1 72  ? 1.423   -0.130  -9.456  1.00 29.46 ? 649 LEU A CB  1 
ATOM   269  C CG  . LEU A 1 72  ? 1.144   0.020   -7.951  1.00 30.51 ? 649 LEU A CG  1 
ATOM   270  C CD1 . LEU A 1 72  ? 2.385   -0.379  -7.134  1.00 33.20 ? 649 LEU A CD1 1 
ATOM   271  C CD2 . LEU A 1 72  ? 0.735   1.477   -7.630  1.00 35.30 ? 649 LEU A CD2 1 
ATOM   272  N N   . ILE A 1 73  ? 1.182   -3.489  -8.618  1.00 31.88 ? 650 ILE A N   1 
ATOM   273  C CA  . ILE A 1 73  ? 0.289   -4.411  -7.948  1.00 37.54 ? 650 ILE A CA  1 
ATOM   274  C C   . ILE A 1 73  ? 0.156   -3.931  -6.520  1.00 38.89 ? 650 ILE A C   1 
ATOM   275  O O   . ILE A 1 73  ? 1.156   -3.663  -5.860  1.00 36.96 ? 650 ILE A O   1 
ATOM   276  C CB  . ILE A 1 73  ? 0.819   -5.848  -7.977  1.00 33.81 ? 650 ILE A CB  1 
ATOM   277  C CG1 . ILE A 1 73  ? 1.113   -6.271  -9.422  1.00 36.66 ? 650 ILE A CG1 1 
ATOM   278  C CG2 . ILE A 1 73  ? -0.191  -6.802  -7.333  1.00 34.88 ? 650 ILE A CG2 1 
ATOM   279  C CD1 . ILE A 1 73  ? 1.751   -7.653  -9.536  1.00 37.59 ? 650 ILE A CD1 1 
ATOM   280  N N   . VAL A 1 74  ? -1.075  -3.777  -6.056  1.00 30.27 ? 651 VAL A N   1 
ATOM   281  C CA  . VAL A 1 74  ? -1.329  -3.365  -4.673  1.00 27.88 ? 651 VAL A CA  1 
ATOM   282  C C   . VAL A 1 74  ? -1.964  -4.489  -3.872  1.00 36.56 ? 651 VAL A C   1 
ATOM   283  O O   . VAL A 1 74  ? -2.975  -5.071  -4.292  1.00 34.34 ? 651 VAL A O   1 
ATOM   284  C CB  . VAL A 1 74  ? -2.233  -2.140  -4.625  1.00 34.77 ? 651 VAL A CB  1 
ATOM   285  C CG1 . VAL A 1 74  ? -2.549  -1.772  -3.193  1.00 35.56 ? 651 VAL A CG1 1 
ATOM   286  C CG2 . VAL A 1 74  ? -1.588  -0.965  -5.379  1.00 37.45 ? 651 VAL A CG2 1 
ATOM   287  N N   . GLY A 1 75  ? -1.366  -4.811  -2.730  1.00 33.19 ? 652 GLY A N   1 
ATOM   288  C CA  . GLY A 1 75  ? -1.898  -5.827  -1.839  1.00 33.05 ? 652 GLY A CA  1 
ATOM   289  C C   . GLY A 1 75  ? -2.664  -5.172  -0.712  1.00 38.60 ? 652 GLY A C   1 
ATOM   290  O O   . GLY A 1 75  ? -2.205  -4.208  -0.107  1.00 34.41 ? 652 GLY A O   1 
ATOM   291  N N   . VAL A 1 76  ? -3.843  -5.708  -0.423  1.00 34.22 ? 653 VAL A N   1 
ATOM   292  C CA  . VAL A 1 76  ? -4.727  -5.143  0.585   1.00 34.41 ? 653 VAL A CA  1 
ATOM   293  C C   . VAL A 1 76  ? -4.873  -6.145  1.717   1.00 41.16 ? 653 VAL A C   1 
ATOM   294  O O   . VAL A 1 76  ? -5.299  -7.287  1.485   1.00 41.18 ? 653 VAL A O   1 
ATOM   295  C CB  . VAL A 1 76  ? -6.116  -4.831  -0.008  1.00 40.55 ? 653 VAL A CB  1 
ATOM   296  C CG1 . VAL A 1 76  ? -6.982  -4.098  1.011   1.00 37.03 ? 653 VAL A CG1 1 
ATOM   297  C CG2 . VAL A 1 76  ? -5.963  -4.023  -1.290  1.00 37.48 ? 653 VAL A CG2 1 
ATOM   298  N N   . THR A 1 77  ? -4.517  -5.739  2.933   1.00 35.09 ? 654 THR A N   1 
ATOM   299  C CA  . THR A 1 77  ? -4.407  -6.693  4.047   1.00 41.48 ? 654 THR A CA  1 
ATOM   300  C C   . THR A 1 77  ? -5.784  -7.125  4.593   1.00 46.55 ? 654 THR A C   1 
ATOM   301  O O   . THR A 1 77  ? -6.748  -6.363  4.541   1.00 42.88 ? 654 THR A O   1 
ATOM   302  C CB  . THR A 1 77  ? -3.588  -6.101  5.192   1.00 42.65 ? 654 THR A CB  1 
ATOM   303  O OG1 . THR A 1 77  ? -4.160  -4.849  5.581   1.00 44.77 ? 654 THR A OG1 1 
ATOM   304  C CG2 . THR A 1 77  ? -2.147  -5.869  4.746   1.00 45.92 ? 654 THR A CG2 1 
ATOM   305  N N   . SER A 1 78  ? -5.870  -8.349  5.109   1.00 47.20 ? 655 SER A N   1 
ATOM   306  C CA  . SER A 1 78  ? -7.146  -8.871  5.619   1.00 50.26 ? 655 SER A CA  1 
ATOM   307  C C   . SER A 1 78  ? -7.587  -8.132  6.872   1.00 45.60 ? 655 SER A C   1 
ATOM   308  O O   . SER A 1 78  ? -6.766  -7.537  7.567   1.00 50.76 ? 655 SER A O   1 
ATOM   309  C CB  . SER A 1 78  ? -7.041  -10.371 5.914   1.00 51.95 ? 655 SER A CB  1 
ATOM   310  O OG  . SER A 1 78  ? -6.212  -10.592 7.041   1.00 55.51 ? 655 SER A OG  1 
ATOM   311  N N   . ASP A 1 79  ? -8.887  -8.165  7.161   1.00 48.14 ? 656 ASP A N   1 
ATOM   312  C CA  . ASP A 1 79  ? -9.416  -7.519  8.364   1.00 53.88 ? 656 ASP A CA  1 
ATOM   313  C C   . ASP A 1 79  ? -8.817  -8.132  9.632   1.00 51.89 ? 656 ASP A C   1 
ATOM   314  O O   . ASP A 1 79  ? -8.432  -7.415  10.558  1.00 54.38 ? 656 ASP A O   1 
ATOM   315  C CB  . ASP A 1 79  ? -10.949 -7.617  8.414   1.00 54.37 ? 656 ASP A CB  1 
ATOM   316  C CG  . ASP A 1 79  ? -11.640 -6.657  7.443   1.00 64.28 ? 656 ASP A CG  1 
ATOM   317  O OD1 . ASP A 1 79  ? -11.319 -5.439  7.445   1.00 59.10 ? 656 ASP A OD1 1 
ATOM   318  O OD2 . ASP A 1 79  ? -12.516 -7.125  6.675   1.00 68.65 ? 656 ASP A OD2 1 
ATOM   319  N N   . ASN A 1 80  ? -8.729  -9.456  9.668   1.00 55.03 ? 657 ASN A N   1 
ATOM   320  C CA  . ASN A 1 80  ? -8.312  -10.142 10.885  1.00 57.25 ? 657 ASN A CA  1 
ATOM   321  C C   . ASN A 1 80  ? -6.836  -9.954  11.189  1.00 60.36 ? 657 ASN A C   1 
ATOM   322  O O   . ASN A 1 80  ? -6.453  -9.687  12.332  1.00 60.89 ? 657 ASN A O   1 
ATOM   323  C CB  . ASN A 1 80  ? -8.647  -11.626 10.787  1.00 61.51 ? 657 ASN A CB  1 
ATOM   324  C CG  . ASN A 1 80  ? -10.145 -11.880 10.832  1.00 74.69 ? 657 ASN A CG  1 
ATOM   325  O OD1 . ASN A 1 80  ? -10.917 -11.029 11.289  1.00 75.22 ? 657 ASN A OD1 1 
ATOM   326  N ND2 . ASN A 1 80  ? -10.564 -13.049 10.360  1.00 72.74 ? 657 ASN A ND2 1 
ATOM   327  N N   . GLU A 1 81  ? -6.001  -10.089 10.166  1.00 57.99 ? 658 GLU A N   1 
ATOM   328  C CA  . GLU A 1 81  ? -4.576  -9.882  10.354  1.00 55.04 ? 658 GLU A CA  1 
ATOM   329  C C   . GLU A 1 81  ? -4.289  -8.426  10.693  1.00 57.61 ? 658 GLU A C   1 
ATOM   330  O O   . GLU A 1 81  ? -3.450  -8.141  11.549  1.00 59.83 ? 658 GLU A O   1 
ATOM   331  C CB  . GLU A 1 81  ? -3.799  -10.323 9.116   1.00 57.14 ? 658 GLU A CB  1 
ATOM   332  C CG  . GLU A 1 81  ? -3.604  -11.831 9.068   1.00 54.62 ? 658 GLU A CG  1 
ATOM   333  C CD  . GLU A 1 81  ? -3.101  -12.326 7.732   1.00 57.61 ? 658 GLU A CD  1 
ATOM   334  O OE1 . GLU A 1 81  ? -3.515  -11.761 6.687   1.00 53.66 ? 658 GLU A OE1 1 
ATOM   335  O OE2 . GLU A 1 81  ? -2.302  -13.292 7.727   1.00 57.06 ? 658 GLU A OE2 1 
ATOM   336  N N   . THR A 1 82  ? -4.996  -7.501  10.050  1.00 52.89 ? 659 THR A N   1 
ATOM   337  C CA  . THR A 1 82  ? -4.798  -6.088  10.364  1.00 56.70 ? 659 THR A CA  1 
ATOM   338  C C   . THR A 1 82  ? -5.142  -5.791  11.827  1.00 58.41 ? 659 THR A C   1 
ATOM   339  O O   . THR A 1 82  ? -4.389  -5.108  12.518  1.00 59.30 ? 659 THR A O   1 
ATOM   340  C CB  . THR A 1 82  ? -5.635  -5.167  9.459   1.00 51.76 ? 659 THR A CB  1 
ATOM   341  O OG1 . THR A 1 82  ? -5.319  -5.432  8.085   1.00 49.96 ? 659 THR A OG1 1 
ATOM   342  C CG2 . THR A 1 82  ? -5.325  -3.713  9.768   1.00 52.03 ? 659 THR A CG2 1 
ATOM   343  N N   . LYS A 1 83  ? -6.279  -6.305  12.288  1.00 61.19 ? 660 LYS A N   1 
ATOM   344  C CA  . LYS A 1 83  ? -6.711  -6.094  13.673  1.00 65.23 ? 660 LYS A CA  1 
ATOM   345  C C   . LYS A 1 83  ? -5.707  -6.684  14.661  1.00 63.76 ? 660 LYS A C   1 
ATOM   346  O O   . LYS A 1 83  ? -5.267  -6.011  15.596  1.00 65.59 ? 660 LYS A O   1 
ATOM   347  C CB  . LYS A 1 83  ? -8.097  -6.700  13.908  1.00 56.24 ? 660 LYS A CB  1 
ATOM   348  C CG  . LYS A 1 83  ? -9.234  -5.889  13.301  1.00 59.79 ? 660 LYS A CG  1 
ATOM   349  N N   . LEU A 1 84  ? -5.348  -7.943  14.432  1.00 62.49 ? 661 LEU A N   1 
ATOM   350  C CA  . LEU A 1 84  ? -4.387  -8.639  15.270  1.00 64.23 ? 661 LEU A CA  1 
ATOM   351  C C   . LEU A 1 84  ? -3.062  -7.893  15.368  1.00 66.91 ? 661 LEU A C   1 
ATOM   352  O O   . LEU A 1 84  ? -2.617  -7.542  16.461  1.00 68.20 ? 661 LEU A O   1 
ATOM   353  C CB  . LEU A 1 84  ? -4.148  -10.050 14.733  1.00 63.89 ? 661 LEU A CB  1 
ATOM   354  C CG  . LEU A 1 84  ? -3.083  -10.860 15.478  1.00 72.06 ? 661 LEU A CG  1 
ATOM   355  C CD1 . LEU A 1 84  ? -3.474  -11.029 16.940  1.00 70.61 ? 661 LEU A CD1 1 
ATOM   356  C CD2 . LEU A 1 84  ? -2.852  -12.220 14.810  1.00 67.87 ? 661 LEU A CD2 1 
ATOM   357  N N   . PHE A 1 85  ? -2.446  -7.635  14.218  1.00 63.31 ? 662 PHE A N   1 
ATOM   358  C CA  . PHE A 1 85  ? -1.079  -7.115  14.188  1.00 64.32 ? 662 PHE A CA  1 
ATOM   359  C C   . PHE A 1 85  ? -0.960  -5.592  14.257  1.00 62.36 ? 662 PHE A C   1 
ATOM   360  O O   . PHE A 1 85  ? 0.078   -5.076  14.673  1.00 66.84 ? 662 PHE A O   1 
ATOM   361  C CB  . PHE A 1 85  ? -0.358  -7.598  12.923  1.00 58.70 ? 662 PHE A CB  1 
ATOM   362  C CG  . PHE A 1 85  ? -0.176  -9.091  12.849  1.00 65.32 ? 662 PHE A CG  1 
ATOM   363  C CD1 . PHE A 1 85  ? 0.585   -9.760  13.796  1.00 71.30 ? 662 PHE A CD1 1 
ATOM   364  C CD2 . PHE A 1 85  ? -0.746  -9.821  11.820  1.00 61.49 ? 662 PHE A CD2 1 
ATOM   365  C CE1 . PHE A 1 85  ? 0.757   -11.134 13.725  1.00 66.84 ? 662 PHE A CE1 1 
ATOM   366  C CE2 . PHE A 1 85  ? -0.578  -11.191 11.740  1.00 61.78 ? 662 PHE A CE2 1 
ATOM   367  C CZ  . PHE A 1 85  ? 0.177   -11.848 12.696  1.00 73.31 ? 662 PHE A CZ  1 
ATOM   368  N N   . LYS A 1 86  ? -1.990  -4.861  13.843  1.00 60.78 ? 663 LYS A N   1 
ATOM   369  C CA  . LYS A 1 86  ? -1.818  -3.417  13.678  1.00 66.53 ? 663 LYS A CA  1 
ATOM   370  C C   . LYS A 1 86  ? -2.782  -2.578  14.505  1.00 69.52 ? 663 LYS A C   1 
ATOM   371  O O   . LYS A 1 86  ? -2.388  -1.573  15.096  1.00 75.53 ? 663 LYS A O   1 
ATOM   372  C CB  . LYS A 1 86  ? -1.946  -3.034  12.200  1.00 65.63 ? 663 LYS A CB  1 
ATOM   373  C CG  . LYS A 1 86  ? -1.700  -1.552  11.917  1.00 66.14 ? 663 LYS A CG  1 
ATOM   374  C CD  . LYS A 1 86  ? -1.149  -1.331  10.515  1.00 61.91 ? 663 LYS A CD  1 
ATOM   375  C CE  . LYS A 1 86  ? -0.916  0.151   10.233  1.00 63.71 ? 663 LYS A CE  1 
ATOM   376  N N   . GLY A 1 87  ? -4.041  -2.982  14.557  1.00 63.89 ? 664 GLY A N   1 
ATOM   377  C CA  . GLY A 1 87  ? -5.019  -2.212  15.295  1.00 68.21 ? 664 GLY A CA  1 
ATOM   378  C C   . GLY A 1 87  ? -6.347  -2.145  14.577  1.00 65.36 ? 664 GLY A C   1 
ATOM   379  O O   . GLY A 1 87  ? -6.605  -2.912  13.651  1.00 70.33 ? 664 GLY A O   1 
ATOM   380  N N   . GLN A 1 88  ? -7.193  -1.216  15.000  1.00 66.96 ? 665 GLN A N   1 
ATOM   381  C CA  . GLN A 1 88  ? -8.551  -1.158  14.489  1.00 70.51 ? 665 GLN A CA  1 
ATOM   382  C C   . GLN A 1 88  ? -8.588  -0.723  13.029  1.00 68.44 ? 665 GLN A C   1 
ATOM   383  O O   . GLN A 1 88  ? -7.731  0.041   12.565  1.00 64.28 ? 665 GLN A O   1 
ATOM   384  C CB  . GLN A 1 88  ? -9.396  -0.214  15.337  1.00 70.46 ? 665 GLN A CB  1 
ATOM   385  N N   . VAL A 1 89  ? -9.585  -1.226  12.309  1.00 63.14 ? 666 VAL A N   1 
ATOM   386  C CA  . VAL A 1 89  ? -9.793  -0.827  10.928  1.00 59.81 ? 666 VAL A CA  1 
ATOM   387  C C   . VAL A 1 89  ? -11.264 -0.483  10.741  1.00 56.93 ? 666 VAL A C   1 
ATOM   388  O O   . VAL A 1 89  ? -12.146 -1.180  11.238  1.00 59.57 ? 666 VAL A O   1 
ATOM   389  C CB  . VAL A 1 89  ? -9.343  -1.930  9.949   1.00 57.17 ? 666 VAL A CB  1 
ATOM   390  C CG1 . VAL A 1 89  ? -9.995  -3.262  10.300  1.00 63.87 ? 666 VAL A CG1 1 
ATOM   391  C CG2 . VAL A 1 89  ? -9.641  -1.534  8.517   1.00 54.70 ? 666 VAL A CG2 1 
ATOM   392  N N   . VAL A 1 90  ? -11.520 0.618   10.051  1.00 51.65 ? 667 VAL A N   1 
ATOM   393  C CA  . VAL A 1 90  ? -12.874 1.121   9.913   1.00 53.97 ? 667 VAL A CA  1 
ATOM   394  C C   . VAL A 1 90  ? -13.618 0.395   8.807   1.00 54.27 ? 667 VAL A C   1 
ATOM   395  O O   . VAL A 1 90  ? -14.740 -0.058  8.994   1.00 53.32 ? 667 VAL A O   1 
ATOM   396  C CB  . VAL A 1 90  ? -12.874 2.627   9.609   1.00 52.71 ? 667 VAL A CB  1 
ATOM   397  C CG1 . VAL A 1 90  ? -14.292 3.163   9.543   1.00 53.96 ? 667 VAL A CG1 1 
ATOM   398  C CG2 . VAL A 1 90  ? -12.065 3.368   10.656  1.00 61.17 ? 667 VAL A CG2 1 
ATOM   399  N N   . GLN A 1 91  ? -12.989 0.300   7.643   1.00 48.02 ? 668 GLN A N   1 
ATOM   400  C CA  . GLN A 1 91  ? -13.648 -0.296  6.496   1.00 46.56 ? 668 GLN A CA  1 
ATOM   401  C C   . GLN A 1 91  ? -13.283 -1.750  6.344   1.00 46.21 ? 668 GLN A C   1 
ATOM   402  O O   . GLN A 1 91  ? -12.179 -2.166  6.690   1.00 47.12 ? 668 GLN A O   1 
ATOM   403  C CB  . GLN A 1 91  ? -13.288 0.455   5.218   1.00 47.80 ? 668 GLN A CB  1 
ATOM   404  C CG  . GLN A 1 91  ? -13.812 1.870   5.161   1.00 55.38 ? 668 GLN A CG  1 
ATOM   405  C CD  . GLN A 1 91  ? -13.334 2.594   3.926   1.00 51.45 ? 668 GLN A CD  1 
ATOM   406  O OE1 . GLN A 1 91  ? -12.130 2.733   3.702   1.00 48.53 ? 668 GLN A OE1 1 
ATOM   407  N NE2 . GLN A 1 91  ? -14.270 3.045   3.109   1.00 48.28 ? 668 GLN A NE2 1 
ATOM   408  N N   . THR A 1 92  ? -14.226 -2.515  5.821   1.00 41.11 ? 669 THR A N   1 
ATOM   409  C CA  . THR A 1 92  ? -14.002 -3.913  5.504   1.00 48.87 ? 669 THR A CA  1 
ATOM   410  C C   . THR A 1 92  ? -13.031 -4.070  4.354   1.00 42.31 ? 669 THR A C   1 
ATOM   411  O O   . THR A 1 92  ? -12.744 -3.113  3.640   1.00 42.68 ? 669 THR A O   1 
ATOM   412  C CB  . THR A 1 92  ? -15.305 -4.615  5.115   1.00 47.97 ? 669 THR A CB  1 
ATOM   413  O OG1 . THR A 1 92  ? -15.771 -4.101  3.859   1.00 48.21 ? 669 THR A OG1 1 
ATOM   414  C CG2 . THR A 1 92  ? -16.354 -4.389  6.183   1.00 52.57 ? 669 THR A CG2 1 
ATOM   415  N N   . LEU A 1 93  ? -12.547 -5.289  4.183   1.00 41.74 ? 670 LEU A N   1 
ATOM   416  C CA  . LEU A 1 93  ? -11.698 -5.635  3.060   1.00 44.81 ? 670 LEU A CA  1 
ATOM   417  C C   . LEU A 1 93  ? -12.386 -5.281  1.747   1.00 47.49 ? 670 LEU A C   1 
ATOM   418  O O   . LEU A 1 93  ? -11.769 -4.690  0.873   1.00 43.46 ? 670 LEU A O   1 
ATOM   419  C CB  . LEU A 1 93  ? -11.330 -7.119  3.079   1.00 44.88 ? 670 LEU A CB  1 
ATOM   420  C CG  . LEU A 1 93  ? -10.396 -7.539  1.934   1.00 44.61 ? 670 LEU A CG  1 
ATOM   421  C CD1 . LEU A 1 93  ? -9.082  -6.760  2.019   1.00 40.91 ? 670 LEU A CD1 1 
ATOM   422  C CD2 . LEU A 1 93  ? -10.124 -9.044  1.907   1.00 43.04 ? 670 LEU A CD2 1 
ATOM   423  N N   . GLU A 1 94  ? -13.667 -5.616  1.617   1.00 43.02 ? 671 GLU A N   1 
ATOM   424  C CA  . GLU A 1 94  ? -14.382 -5.302  0.386   1.00 45.61 ? 671 GLU A CA  1 
ATOM   425  C C   . GLU A 1 94  ? -14.419 -3.805  0.087   1.00 43.57 ? 671 GLU A C   1 
ATOM   426  O O   . GLU A 1 94  ? -14.211 -3.400  -1.049  1.00 40.73 ? 671 GLU A O   1 
ATOM   427  C CB  . GLU A 1 94  ? -15.814 -5.844  0.433   1.00 46.05 ? 671 GLU A CB  1 
ATOM   428  C CG  . GLU A 1 94  ? -16.546 -5.684  -0.893  1.00 49.30 ? 671 GLU A CG  1 
ATOM   429  C CD  . GLU A 1 94  ? -17.881 -6.422  -0.930  1.00 62.75 ? 671 GLU A CD  1 
ATOM   430  O OE1 . GLU A 1 94  ? -17.995 -7.481  -0.272  1.00 69.66 ? 671 GLU A OE1 1 
ATOM   431  O OE2 . GLU A 1 94  ? -18.813 -5.948  -1.619  1.00 64.56 ? 671 GLU A OE2 1 
ATOM   432  N N   . GLU A 1 95  ? -14.699 -2.987  1.099   1.00 44.07 ? 672 GLU A N   1 
ATOM   433  C CA  . GLU A 1 95  ? -14.762 -1.537  0.921   1.00 38.16 ? 672 GLU A CA  1 
ATOM   434  C C   . GLU A 1 95  ? -13.394 -0.929  0.603   1.00 38.35 ? 672 GLU A C   1 
ATOM   435  O O   . GLU A 1 95  ? -13.275 -0.041  -0.231  1.00 40.43 ? 672 GLU A O   1 
ATOM   436  C CB  . GLU A 1 95  ? -15.328 -0.873  2.179   1.00 44.33 ? 672 GLU A CB  1 
ATOM   437  C CG  . GLU A 1 95  ? -16.734 -1.325  2.543   1.00 49.08 ? 672 GLU A CG  1 
ATOM   438  C CD  . GLU A 1 95  ? -17.213 -0.753  3.872   1.00 56.60 ? 672 GLU A CD  1 
ATOM   439  O OE1 . GLU A 1 95  ? -16.458 -0.811  4.867   1.00 49.42 ? 672 GLU A OE1 1 
ATOM   440  O OE2 . GLU A 1 95  ? -18.353 -0.240  3.914   1.00 57.54 ? 672 GLU A OE2 1 
ATOM   441  N N   . ARG A 1 96  ? -12.367 -1.393  1.292   1.00 36.23 ? 673 ARG A N   1 
ATOM   442  C CA  . ARG A 1 96  ? -11.020 -0.885  1.048   1.00 36.51 ? 673 ARG A CA  1 
ATOM   443  C C   . ARG A 1 96  ? -10.537 -1.277  -0.354  1.00 38.57 ? 673 ARG A C   1 
ATOM   444  O O   . ARG A 1 96  ? -9.922  -0.466  -1.046  1.00 38.61 ? 673 ARG A O   1 
ATOM   445  C CB  . ARG A 1 96  ? -10.061 -1.398  2.118   1.00 34.47 ? 673 ARG A CB  1 
ATOM   446  C CG  . ARG A 1 96  ? -10.377 -0.855  3.528   1.00 39.07 ? 673 ARG A CG  1 
ATOM   447  C CD  . ARG A 1 96  ? -9.382  -1.340  4.593   1.00 43.71 ? 673 ARG A CD  1 
ATOM   448  N NE  . ARG A 1 96  ? -9.655  -2.692  5.094   1.00 43.94 ? 673 ARG A NE  1 
ATOM   449  C CZ  . ARG A 1 96  ? -8.802  -3.705  5.004   1.00 43.75 ? 673 ARG A CZ  1 
ATOM   450  N NH1 . ARG A 1 96  ? -7.627  -3.529  4.404   1.00 41.02 ? 673 ARG A NH1 1 
ATOM   451  N NH2 . ARG A 1 96  ? -9.114  -4.896  5.508   1.00 44.08 ? 673 ARG A NH2 1 
ATOM   452  N N   . THR A 1 97  ? -10.820 -2.508  -0.771  1.00 35.99 ? 674 THR A N   1 
ATOM   453  C CA  . THR A 1 97  ? -10.447 -2.976  -2.109  1.00 31.93 ? 674 THR A CA  1 
ATOM   454  C C   . THR A 1 97  ? -11.217 -2.245  -3.212  1.00 37.12 ? 674 THR A C   1 
ATOM   455  O O   . THR A 1 97  ? -10.638 -1.832  -4.230  1.00 36.50 ? 674 THR A O   1 
ATOM   456  C CB  . THR A 1 97  ? -10.681 -4.511  -2.250  1.00 38.16 ? 674 THR A CB  1 
ATOM   457  O OG1 . THR A 1 97  ? -9.961  -5.209  -1.225  1.00 39.86 ? 674 THR A OG1 1 
ATOM   458  C CG2 . THR A 1 97  ? -10.222 -5.020  -3.627  1.00 33.87 ? 674 THR A CG2 1 
ATOM   459  N N   . GLU A 1 98  ? -12.521 -2.082  -3.023  1.00 37.03 ? 675 GLU A N   1 
ATOM   460  C CA  . GLU A 1 98  ? -13.329 -1.456  -4.061  1.00 37.76 ? 675 GLU A CA  1 
ATOM   461  C C   . GLU A 1 98  ? -12.930 0.004   -4.282  1.00 38.40 ? 675 GLU A C   1 
ATOM   462  O O   . GLU A 1 98  ? -12.926 0.492   -5.410  1.00 40.55 ? 675 GLU A O   1 
ATOM   463  C CB  . GLU A 1 98  ? -14.814 -1.549  -3.725  1.00 42.31 ? 675 GLU A CB  1 
ATOM   464  C CG  . GLU A 1 98  ? -15.695 -1.181  -4.910  1.00 48.09 ? 675 GLU A CG  1 
ATOM   465  C CD  . GLU A 1 98  ? -17.185 -1.378  -4.645  1.00 55.87 ? 675 GLU A CD  1 
ATOM   466  O OE1 . GLU A 1 98  ? -17.995 -0.893  -5.470  1.00 51.83 ? 675 GLU A OE1 1 
ATOM   467  O OE2 . GLU A 1 98  ? -17.540 -2.013  -3.625  1.00 49.18 ? 675 GLU A OE2 1 
ATOM   468  N N   . THR A 1 99  ? -12.569 0.704   -3.217  1.00 35.37 ? 676 THR A N   1 
ATOM   469  C CA  . THR A 1 99  ? -12.118 2.077   -3.383  1.00 40.33 ? 676 THR A CA  1 
ATOM   470  C C   . THR A 1 99  ? -10.849 2.132   -4.240  1.00 39.68 ? 676 THR A C   1 
ATOM   471  O O   . THR A 1 99  ? -10.769 2.909   -5.201  1.00 38.02 ? 676 THR A O   1 
ATOM   472  C CB  . THR A 1 99  ? -11.879 2.740   -2.025  1.00 42.60 ? 676 THR A CB  1 
ATOM   473  O OG1 . THR A 1 99  ? -13.088 2.664   -1.281  1.00 44.72 ? 676 THR A OG1 1 
ATOM   474  C CG2 . THR A 1 99  ? -11.484 4.198   -2.186  1.00 42.99 ? 676 THR A CG2 1 
ATOM   475  N N   . LEU A 1 100 ? -9.893  1.262   -3.930  1.00 37.04 ? 677 LEU A N   1 
ATOM   476  C CA  . LEU A 1 100 ? -8.610  1.211   -4.633  1.00 39.01 ? 677 LEU A CA  1 
ATOM   477  C C   . LEU A 1 100 ? -8.747  0.967   -6.109  1.00 36.12 ? 677 LEU A C   1 
ATOM   478  O O   . LEU A 1 100 ? -7.908  1.388   -6.904  1.00 36.35 ? 677 LEU A O   1 
ATOM   479  C CB  . LEU A 1 100 ? -7.738  0.111   -4.051  1.00 38.28 ? 677 LEU A CB  1 
ATOM   480  C CG  . LEU A 1 100 ? -6.919  0.531   -2.855  1.00 39.92 ? 677 LEU A CG  1 
ATOM   481  C CD1 . LEU A 1 100 ? -6.383  -0.726  -2.193  1.00 42.84 ? 677 LEU A CD1 1 
ATOM   482  C CD2 . LEU A 1 100 ? -5.767  1.455   -3.274  1.00 37.51 ? 677 LEU A CD2 1 
ATOM   483  N N   . LYS A 1 101 ? -9.796  0.251   -6.476  1.00 35.90 ? 678 LYS A N   1 
ATOM   484  C CA  . LYS A 1 101 ? -10.084 0.002   -7.870  1.00 38.03 ? 678 LYS A CA  1 
ATOM   485  C C   . LYS A 1 101 ? -10.218 1.319   -8.653  1.00 34.27 ? 678 LYS A C   1 
ATOM   486  O O   . LYS A 1 101 ? -9.917  1.359   -9.842  1.00 37.63 ? 678 LYS A O   1 
ATOM   487  C CB  . LYS A 1 101 ? -11.373 -0.832  -8.017  1.00 37.04 ? 678 LYS A CB  1 
ATOM   488  C CG  . LYS A 1 101 ? -11.719 -1.119  -9.470  1.00 45.18 ? 678 LYS A CG  1 
ATOM   489  C CD  . LYS A 1 101 ? -13.179 -1.600  -9.721  1.00 46.16 ? 678 LYS A CD  1 
ATOM   490  C CE  . LYS A 1 101 ? -14.205 -1.033  -8.764  1.00 47.20 ? 678 LYS A CE  1 
ATOM   491  N NZ  . LYS A 1 101 ? -15.599 -1.529  -9.105  1.00 53.22 ? 678 LYS A NZ  1 
ATOM   492  N N   . HIS A 1 102 ? -10.633 2.393   -8.010  1.00 33.02 ? 679 HIS A N   1 
ATOM   493  C CA  . HIS A 1 102 ? -10.849 3.642   -8.715  1.00 32.33 ? 679 HIS A CA  1 
ATOM   494  C C   . HIS A 1 102 ? -9.642  4.539   -8.798  1.00 34.46 ? 679 HIS A C   1 
ATOM   495  O O   . HIS A 1 102 ? -9.725  5.630   -9.267  1.00 33.02 ? 679 HIS A O   1 
ATOM   496  C CB  . HIS A 1 102 ? -11.953 4.417   -8.069  1.00 36.23 ? 679 HIS A CB  1 
ATOM   497  C CG  . HIS A 1 102 ? -13.273 3.763   -8.181  1.00 41.98 ? 679 HIS A CG  1 
ATOM   498  N ND1 . HIS A 1 102 ? -13.741 2.887   -7.246  1.00 62.36 ? 679 HIS A ND1 1 
ATOM   499  C CD2 . HIS A 1 102 ? -14.221 3.843   -9.124  1.00 59.84 ? 679 HIS A CD2 1 
ATOM   500  C CE1 . HIS A 1 102 ? -14.926 2.453   -7.605  1.00 46.55 ? 679 HIS A CE1 1 
ATOM   501  N NE2 . HIS A 1 102 ? -15.242 3.021   -8.740  1.00 50.17 ? 679 HIS A NE2 1 
ATOM   502  N N   . ILE A 1 103 ? -8.522  4.058   -8.332  1.00 32.53 ? 680 ILE A N   1 
ATOM   503  C CA  . ILE A 1 103 ? -7.316  4.905   -8.266  1.00 30.77 ? 680 ILE A CA  1 
ATOM   504  C C   . ILE A 1 103 ? -6.494  4.668   -9.519  1.00 35.68 ? 680 ILE A C   1 
ATOM   505  O O   . ILE A 1 103 ? -6.211  3.520   -9.889  1.00 34.43 ? 680 ILE A O   1 
ATOM   506  C CB  . ILE A 1 103 ? -6.481  4.607   -7.024  1.00 33.30 ? 680 ILE A CB  1 
ATOM   507  C CG1 . ILE A 1 103 ? -7.272  4.919   -5.744  1.00 33.84 ? 680 ILE A CG1 1 
ATOM   508  C CG2 . ILE A 1 103 ? -5.155  5.411   -7.040  1.00 30.18 ? 680 ILE A CG2 1 
ATOM   509  C CD1 . ILE A 1 103 ? -7.840  6.339   -5.677  1.00 34.73 ? 680 ILE A CD1 1 
ATOM   510  N N   . ARG A 1 104 ? -6.143  5.767   -10.175 1.00 35.02 ? 681 ARG A N   1 
ATOM   511  C CA  . ARG A 1 104 ? -5.458  5.762   -11.466 1.00 34.79 ? 681 ARG A CA  1 
ATOM   512  C C   . ARG A 1 104 ? -4.199  4.895   -11.500 1.00 39.74 ? 681 ARG A C   1 
ATOM   513  O O   . ARG A 1 104 ? -3.954  4.212   -12.482 1.00 37.46 ? 681 ARG A O   1 
ATOM   514  C CB  . ARG A 1 104 ? -5.088  7.210   -11.844 1.00 40.45 ? 681 ARG A CB  1 
ATOM   515  C CG  . ARG A 1 104 ? -4.632  7.419   -13.275 1.00 44.30 ? 681 ARG A CG  1 
ATOM   516  C CD  . ARG A 1 104 ? -4.016  8.822   -13.464 1.00 42.44 ? 681 ARG A CD  1 
ATOM   517  N NE  . ARG A 1 104 ? -4.935  9.905   -13.130 1.00 41.45 ? 681 ARG A NE  1 
ATOM   518  C CZ  . ARG A 1 104 ? -5.932  10.309  -13.921 1.00 45.03 ? 681 ARG A CZ  1 
ATOM   519  N NH1 . ARG A 1 104 ? -6.143  9.719   -15.089 1.00 42.56 ? 681 ARG A NH1 1 
ATOM   520  N NH2 . ARG A 1 104 ? -6.717  11.315  -13.551 1.00 41.05 ? 681 ARG A NH2 1 
ATOM   521  N N   . TRP A 1 105 ? -3.393  4.943   -10.440 1.00 33.63 ? 682 TRP A N   1 
ATOM   522  C CA  . TRP A 1 105 ? -2.069  4.321   -10.469 1.00 35.55 ? 682 TRP A CA  1 
ATOM   523  C C   . TRP A 1 105 ? -2.100  2.811   -10.276 1.00 38.01 ? 682 TRP A C   1 
ATOM   524  O O   . TRP A 1 105 ? -1.103  2.139   -10.514 1.00 34.47 ? 682 TRP A O   1 
ATOM   525  C CB  . TRP A 1 105 ? -1.177  4.946   -9.392  1.00 33.82 ? 682 TRP A CB  1 
ATOM   526  C CG  . TRP A 1 105 ? -1.471  6.400   -9.233  1.00 33.68 ? 682 TRP A CG  1 
ATOM   527  C CD1 . TRP A 1 105 ? -2.087  6.995   -8.183  1.00 33.64 ? 682 TRP A CD1 1 
ATOM   528  C CD2 . TRP A 1 105 ? -1.213  7.433   -10.192 1.00 34.27 ? 682 TRP A CD2 1 
ATOM   529  N NE1 . TRP A 1 105 ? -2.213  8.343   -8.411  1.00 35.42 ? 682 TRP A NE1 1 
ATOM   530  C CE2 . TRP A 1 105 ? -1.682  8.637   -9.636  1.00 37.65 ? 682 TRP A CE2 1 
ATOM   531  C CE3 . TRP A 1 105 ? -0.621  7.455   -11.455 1.00 37.64 ? 682 TRP A CE3 1 
ATOM   532  C CZ2 . TRP A 1 105 ? -1.579  9.855   -10.304 1.00 44.22 ? 682 TRP A CZ2 1 
ATOM   533  C CZ3 . TRP A 1 105 ? -0.522  8.676   -12.123 1.00 42.17 ? 682 TRP A CZ3 1 
ATOM   534  C CH2 . TRP A 1 105 ? -0.991  9.854   -11.539 1.00 43.27 ? 682 TRP A CH2 1 
ATOM   535  N N   . VAL A 1 106 ? -3.250  2.284   -9.851  1.00 36.12 ? 683 VAL A N   1 
ATOM   536  C CA  . VAL A 1 106 ? -3.349  0.877   -9.473  1.00 32.79 ? 683 VAL A CA  1 
ATOM   537  C C   . VAL A 1 106 ? -3.633  0.014   -10.680 1.00 40.14 ? 683 VAL A C   1 
ATOM   538  O O   . VAL A 1 106 ? -4.667  0.165   -11.328 1.00 38.39 ? 683 VAL A O   1 
ATOM   539  C CB  . VAL A 1 106 ? -4.448  0.657   -8.432  1.00 38.40 ? 683 VAL A CB  1 
ATOM   540  C CG1 . VAL A 1 106 ? -4.646  -0.835  -8.148  1.00 35.12 ? 683 VAL A CG1 1 
ATOM   541  C CG2 . VAL A 1 106 ? -4.115  1.431   -7.163  1.00 34.68 ? 683 VAL A CG2 1 
ATOM   542  N N   . ASP A 1 107 ? -2.721  -0.903  -10.978 1.00 34.62 ? 684 ASP A N   1 
ATOM   543  C CA  . ASP A 1 107 ? -2.889  -1.739  -12.150 1.00 36.90 ? 684 ASP A CA  1 
ATOM   544  C C   . ASP A 1 107 ? -3.544  -3.071  -11.793 1.00 37.81 ? 684 ASP A C   1 
ATOM   545  O O   . ASP A 1 107 ? -4.400  -3.553  -12.525 1.00 38.50 ? 684 ASP A O   1 
ATOM   546  C CB  . ASP A 1 107 ? -1.546  -1.951  -12.836 1.00 34.90 ? 684 ASP A CB  1 
ATOM   547  C CG  . ASP A 1 107 ? -0.978  -0.661  -13.385 1.00 43.36 ? 684 ASP A CG  1 
ATOM   548  O OD1 . ASP A 1 107 ? -1.718  0.084   -14.091 1.00 42.49 ? 684 ASP A OD1 1 
ATOM   549  O OD2 . ASP A 1 107 ? 0.190   -0.356  -13.077 1.00 37.78 ? 684 ASP A OD2 1 
ATOM   550  N N   . GLU A 1 108 ? -3.138  -3.650  -10.671 1.00 39.04 ? 685 GLU A N   1 
ATOM   551  C CA  . GLU A 1 108 ? -3.668  -4.925  -10.208 1.00 38.21 ? 685 GLU A CA  1 
ATOM   552  C C   . GLU A 1 108 ? -3.828  -4.884  -8.705  1.00 36.71 ? 685 GLU A C   1 
ATOM   553  O O   . GLU A 1 108 ? -3.064  -4.208  -8.022  1.00 34.54 ? 685 GLU A O   1 
ATOM   554  C CB  . GLU A 1 108 ? -2.750  -6.080  -10.582 1.00 32.79 ? 685 GLU A CB  1 
ATOM   555  C CG  . GLU A 1 108 ? -2.406  -6.190  -12.076 1.00 42.24 ? 685 GLU A CG  1 
ATOM   556  C CD  . GLU A 1 108 ? -1.652  -7.477  -12.421 1.00 47.12 ? 685 GLU A CD  1 
ATOM   557  O OE1 . GLU A 1 108 ? -1.603  -8.389  -11.566 1.00 51.19 ? 685 GLU A OE1 1 
ATOM   558  O OE2 . GLU A 1 108 ? -1.127  -7.581  -13.552 1.00 51.27 ? 685 GLU A OE2 1 
ATOM   559  N N   . ILE A 1 109 ? -4.798  -5.627  -8.184  1.00 33.61 ? 686 ILE A N   1 
ATOM   560  C CA  . ILE A 1 109 ? -4.974  -5.732  -6.740  1.00 33.45 ? 686 ILE A CA  1 
ATOM   561  C C   . ILE A 1 109 ? -4.928  -7.182  -6.309  1.00 35.64 ? 686 ILE A C   1 
ATOM   562  O O   . ILE A 1 109 ? -5.531  -8.044  -6.951  1.00 36.04 ? 686 ILE A O   1 
ATOM   563  C CB  . ILE A 1 109 ? -6.305  -5.098  -6.269  1.00 35.81 ? 686 ILE A CB  1 
ATOM   564  C CG1 . ILE A 1 109 ? -6.306  -3.595  -6.559  1.00 34.85 ? 686 ILE A CG1 1 
ATOM   565  C CG2 . ILE A 1 109 ? -6.504  -5.311  -4.774  1.00 40.43 ? 686 ILE A CG2 1 
ATOM   566  C CD1 . ILE A 1 109 ? -7.607  -2.890  -6.232  1.00 34.31 ? 686 ILE A CD1 1 
ATOM   567  N N   . ILE A 1 110 ? -4.202  -7.449  -5.228  1.00 35.96 ? 687 ILE A N   1 
ATOM   568  C CA  . ILE A 1 110 ? -4.237  -8.754  -4.569  1.00 35.53 ? 687 ILE A CA  1 
ATOM   569  C C   . ILE A 1 110 ? -4.941  -8.569  -3.239  1.00 42.44 ? 687 ILE A C   1 
ATOM   570  O O   . ILE A 1 110 ? -4.407  -7.911  -2.350  1.00 39.41 ? 687 ILE A O   1 
ATOM   571  C CB  . ILE A 1 110 ? -2.834  -9.331  -4.344  1.00 34.42 ? 687 ILE A CB  1 
ATOM   572  C CG1 . ILE A 1 110 ? -2.140  -9.573  -5.681  1.00 36.17 ? 687 ILE A CG1 1 
ATOM   573  C CG2 . ILE A 1 110 ? -2.900  -10.641 -3.583  1.00 38.50 ? 687 ILE A CG2 1 
ATOM   574  C CD1 . ILE A 1 110 ? -0.624  -9.829  -5.524  1.00 41.86 ? 687 ILE A CD1 1 
ATOM   575  N N   . SER A 1 111 ? -6.152  -9.122  -3.116  1.00 35.76 ? 688 SER A N   1 
ATOM   576  C CA  . SER A 1 111 ? -6.997  -8.887  -1.954  1.00 36.11 ? 688 SER A CA  1 
ATOM   577  C C   . SER A 1 111 ? -7.755  -10.154 -1.574  1.00 39.14 ? 688 SER A C   1 
ATOM   578  O O   . SER A 1 111 ? -8.553  -10.646 -2.364  1.00 40.80 ? 688 SER A O   1 
ATOM   579  C CB  . SER A 1 111 ? -8.007  -7.758  -2.231  1.00 42.46 ? 688 SER A CB  1 
ATOM   580  O OG  . SER A 1 111 ? -8.962  -7.639  -1.177  1.00 39.72 ? 688 SER A OG  1 
ATOM   581  N N   . PRO A 1 112 ? -7.517  -10.678 -0.368  1.00 40.54 ? 689 PRO A N   1 
ATOM   582  C CA  . PRO A 1 112 ? -6.521  -10.193 0.590   1.00 41.25 ? 689 PRO A CA  1 
ATOM   583  C C   . PRO A 1 112 ? -5.108  -10.565 0.146   1.00 39.75 ? 689 PRO A C   1 
ATOM   584  O O   . PRO A 1 112 ? -4.943  -11.482 -0.649  1.00 40.26 ? 689 PRO A O   1 
ATOM   585  C CB  . PRO A 1 112 ? -6.891  -10.929 1.884   1.00 42.90 ? 689 PRO A CB  1 
ATOM   586  C CG  . PRO A 1 112 ? -7.449  -12.252 1.358   1.00 41.57 ? 689 PRO A CG  1 
ATOM   587  C CD  . PRO A 1 112 ? -8.254  -11.849 0.149   1.00 44.56 ? 689 PRO A CD  1 
ATOM   588  N N   . CYS A 1 113 ? -4.118  -9.816  0.625   1.00 41.13 ? 690 CYS A N   1 
ATOM   589  C CA  . CYS A 1 113 ? -2.720  -10.148 0.412   1.00 40.53 ? 690 CYS A CA  1 
ATOM   590  C C   . CYS A 1 113 ? -2.176  -10.767 1.695   1.00 41.78 ? 690 CYS A C   1 
ATOM   591  O O   . CYS A 1 113 ? -2.737  -10.556 2.772   1.00 44.92 ? 690 CYS A O   1 
ATOM   592  C CB  . CYS A 1 113 ? -1.920  -8.893  0.042   1.00 39.35 ? 690 CYS A CB  1 
ATOM   593  S SG  . CYS A 1 113 ? -1.868  -7.712  1.402   1.00 42.36 ? 690 CYS A SG  1 
ATOM   594  N N   . PRO A 1 114 ? -1.082  -11.532 1.594   1.00 45.25 ? 691 PRO A N   1 
ATOM   595  C CA  . PRO A 1 114 ? -0.448  -12.039 2.815   1.00 48.52 ? 691 PRO A CA  1 
ATOM   596  C C   . PRO A 1 114 ? 0.079   -10.899 3.672   1.00 46.37 ? 691 PRO A C   1 
ATOM   597  O O   . PRO A 1 114 ? 0.348   -9.818  3.153   1.00 45.09 ? 691 PRO A O   1 
ATOM   598  C CB  . PRO A 1 114 ? 0.699   -12.901 2.289   1.00 45.60 ? 691 PRO A CB  1 
ATOM   599  C CG  . PRO A 1 114 ? 0.302   -13.251 0.886   1.00 50.00 ? 691 PRO A CG  1 
ATOM   600  C CD  . PRO A 1 114 ? -0.445  -12.062 0.376   1.00 43.58 ? 691 PRO A CD  1 
ATOM   601  N N   . TRP A 1 115 ? 0.217   -11.131 4.970   1.00 43.92 ? 692 TRP A N   1 
ATOM   602  C CA  . TRP A 1 115 ? 0.692   -10.087 5.858   1.00 49.32 ? 692 TRP A CA  1 
ATOM   603  C C   . TRP A 1 115 ? 2.188   -9.865  5.682   1.00 51.03 ? 692 TRP A C   1 
ATOM   604  O O   . TRP A 1 115 ? 2.667   -8.733  5.722   1.00 47.94 ? 692 TRP A O   1 
ATOM   605  C CB  . TRP A 1 115 ? 0.386   -10.423 7.311   1.00 51.79 ? 692 TRP A CB  1 
ATOM   606  C CG  . TRP A 1 115 ? 0.713   -9.305  8.223   1.00 51.04 ? 692 TRP A CG  1 
ATOM   607  C CD1 . TRP A 1 115 ? 1.807   -9.195  9.038   1.00 51.35 ? 692 TRP A CD1 1 
ATOM   608  C CD2 . TRP A 1 115 ? -0.048  -8.110  8.406   1.00 57.68 ? 692 TRP A CD2 1 
ATOM   609  N NE1 . TRP A 1 115 ? 1.766   -8.002  9.722   1.00 56.63 ? 692 TRP A NE1 1 
ATOM   610  C CE2 . TRP A 1 115 ? 0.635   -7.320  9.354   1.00 54.88 ? 692 TRP A CE2 1 
ATOM   611  C CE3 . TRP A 1 115 ? -1.248  -7.637  7.870   1.00 50.47 ? 692 TRP A CE3 1 
ATOM   612  C CZ2 . TRP A 1 115 ? 0.158   -6.082  9.768   1.00 54.84 ? 692 TRP A CZ2 1 
ATOM   613  C CZ3 . TRP A 1 115 ? -1.714  -6.414  8.279   1.00 50.00 ? 692 TRP A CZ3 1 
ATOM   614  C CH2 . TRP A 1 115 ? -1.015  -5.647  9.223   1.00 54.80 ? 692 TRP A CH2 1 
ATOM   615  N N   . VAL A 1 116 ? 2.915   -10.957 5.485   1.00 47.50 ? 693 VAL A N   1 
ATOM   616  C CA  . VAL A 1 116 ? 4.359   -10.890 5.327   1.00 48.91 ? 693 VAL A CA  1 
ATOM   617  C C   . VAL A 1 116 ? 4.786   -11.310 3.929   1.00 46.72 ? 693 VAL A C   1 
ATOM   618  O O   . VAL A 1 116 ? 4.421   -12.388 3.438   1.00 48.02 ? 693 VAL A O   1 
ATOM   619  C CB  . VAL A 1 116 ? 5.086   -11.772 6.363   1.00 52.15 ? 693 VAL A CB  1 
ATOM   620  C CG1 . VAL A 1 116 ? 6.608   -11.566 6.268   1.00 50.07 ? 693 VAL A CG1 1 
ATOM   621  C CG2 . VAL A 1 116 ? 4.578   -11.462 7.769   1.00 49.98 ? 693 VAL A CG2 1 
ATOM   622  N N   . VAL A 1 117 ? 5.564   -10.440 3.295   1.00 46.06 ? 694 VAL A N   1 
ATOM   623  C CA  . VAL A 1 117 ? 6.129   -10.709 1.983   1.00 41.57 ? 694 VAL A CA  1 
ATOM   624  C C   . VAL A 1 117 ? 7.219   -11.781 2.068   1.00 46.34 ? 694 VAL A C   1 
ATOM   625  O O   . VAL A 1 117 ? 8.072   -11.730 2.947   1.00 49.04 ? 694 VAL A O   1 
ATOM   626  C CB  . VAL A 1 117 ? 6.710   -9.425  1.370   1.00 42.51 ? 694 VAL A CB  1 
ATOM   627  C CG1 . VAL A 1 117 ? 7.348   -9.716  0.016   1.00 37.99 ? 694 VAL A CG1 1 
ATOM   628  C CG2 . VAL A 1 117 ? 5.630   -8.350  1.250   1.00 45.04 ? 694 VAL A CG2 1 
ATOM   629  N N   . THR A 1 118 ? 7.189   -12.739 1.142   1.00 51.90 ? 695 THR A N   1 
ATOM   630  C CA  . THR A 1 118 ? 8.174   -13.819 1.071   1.00 49.12 ? 695 THR A CA  1 
ATOM   631  C C   . THR A 1 118 ? 8.809   -13.886 -0.315  1.00 49.58 ? 695 THR A C   1 
ATOM   632  O O   . THR A 1 118 ? 8.214   -13.424 -1.287  1.00 47.65 ? 695 THR A O   1 
ATOM   633  C CB  . THR A 1 118 ? 7.537   -15.192 1.358   1.00 46.47 ? 695 THR A CB  1 
ATOM   634  O OG1 . THR A 1 118 ? 6.743   -15.575 0.230   1.00 51.74 ? 695 THR A OG1 1 
ATOM   635  C CG2 . THR A 1 118 ? 6.675   -15.149 2.602   1.00 46.86 ? 695 THR A CG2 1 
ATOM   636  N N   . PRO A 1 119 ? 10.014  -14.479 -0.420  1.00 49.54 ? 696 PRO A N   1 
ATOM   637  C CA  . PRO A 1 119 ? 10.623  -14.651 -1.746  1.00 50.16 ? 696 PRO A CA  1 
ATOM   638  C C   . PRO A 1 119 ? 9.741   -15.459 -2.694  1.00 45.09 ? 696 PRO A C   1 
ATOM   639  O O   . PRO A 1 119 ? 9.717   -15.181 -3.894  1.00 48.57 ? 696 PRO A O   1 
ATOM   640  C CB  . PRO A 1 119 ? 11.926  -15.398 -1.435  1.00 53.34 ? 696 PRO A CB  1 
ATOM   641  C CG  . PRO A 1 119 ? 12.258  -14.995 -0.031  1.00 54.23 ? 696 PRO A CG  1 
ATOM   642  C CD  . PRO A 1 119 ? 10.934  -14.872 0.666   1.00 50.54 ? 696 PRO A CD  1 
ATOM   643  N N   . GLU A 1 120 ? 9.028   -16.445 -2.156  1.00 47.91 ? 697 GLU A N   1 
ATOM   644  C CA  . GLU A 1 120 ? 8.099   -17.256 -2.943  1.00 49.28 ? 697 GLU A CA  1 
ATOM   645  C C   . GLU A 1 120 ? 7.019   -16.381 -3.571  1.00 44.90 ? 697 GLU A C   1 
ATOM   646  O O   . GLU A 1 120 ? 6.690   -16.524 -4.751  1.00 48.47 ? 697 GLU A O   1 
ATOM   647  C CB  . GLU A 1 120 ? 7.452   -18.338 -2.070  1.00 54.83 ? 697 GLU A CB  1 
ATOM   648  C CG  . GLU A 1 120 ? 8.391   -19.469 -1.678  1.00 60.06 ? 697 GLU A CG  1 
ATOM   649  C CD  . GLU A 1 120 ? 9.488   -19.028 -0.732  1.00 65.02 ? 697 GLU A CD  1 
ATOM   650  O OE1 . GLU A 1 120 ? 9.232   -18.159 0.139   1.00 64.03 ? 697 GLU A OE1 1 
ATOM   651  O OE2 . GLU A 1 120 ? 10.617  -19.543 -0.871  1.00 77.91 ? 697 GLU A OE2 1 
ATOM   652  N N   . PHE A 1 121 ? 6.486   -15.465 -2.770  1.00 43.16 ? 698 PHE A N   1 
ATOM   653  C CA  . PHE A 1 121 ? 5.470   -14.521 -3.236  1.00 43.07 ? 698 PHE A CA  1 
ATOM   654  C C   . PHE A 1 121 ? 5.980   -13.653 -4.389  1.00 42.12 ? 698 PHE A C   1 
ATOM   655  O O   . PHE A 1 121 ? 5.268   -13.432 -5.368  1.00 42.83 ? 698 PHE A O   1 
ATOM   656  C CB  . PHE A 1 121 ? 5.011   -13.654 -2.055  1.00 42.60 ? 698 PHE A CB  1 
ATOM   657  C CG  . PHE A 1 121 ? 3.951   -12.643 -2.402  1.00 44.66 ? 698 PHE A CG  1 
ATOM   658  C CD1 . PHE A 1 121 ? 2.598   -12.991 -2.373  1.00 41.92 ? 698 PHE A CD1 1 
ATOM   659  C CD2 . PHE A 1 121 ? 4.301   -11.340 -2.721  1.00 36.56 ? 698 PHE A CD2 1 
ATOM   660  C CE1 . PHE A 1 121 ? 1.614   -12.050 -2.670  1.00 41.74 ? 698 PHE A CE1 1 
ATOM   661  C CE2 . PHE A 1 121 ? 3.321   -10.382 -3.024  1.00 41.22 ? 698 PHE A CE2 1 
ATOM   662  C CZ  . PHE A 1 121 ? 1.969   -10.747 -3.005  1.00 38.07 ? 698 PHE A CZ  1 
ATOM   663  N N   . LEU A 1 122 ? 7.213   -13.158 -4.286  1.00 39.57 ? 699 LEU A N   1 
ATOM   664  C CA  . LEU A 1 122 ? 7.798   -12.377 -5.360  1.00 40.36 ? 699 LEU A CA  1 
ATOM   665  C C   . LEU A 1 122 ? 7.911   -13.165 -6.656  1.00 39.11 ? 699 LEU A C   1 
ATOM   666  O O   . LEU A 1 122 ? 7.735   -12.619 -7.739  1.00 42.49 ? 699 LEU A O   1 
ATOM   667  C CB  . LEU A 1 122 ? 9.194   -11.861 -4.955  1.00 42.76 ? 699 LEU A CB  1 
ATOM   668  C CG  . LEU A 1 122 ? 9.290   -11.044 -3.672  1.00 44.61 ? 699 LEU A CG  1 
ATOM   669  C CD1 . LEU A 1 122 ? 10.740  -10.558 -3.463  1.00 46.57 ? 699 LEU A CD1 1 
ATOM   670  C CD2 . LEU A 1 122 ? 8.313   -9.855  -3.661  1.00 39.85 ? 699 LEU A CD2 1 
ATOM   671  N N   . GLU A 1 123 ? 8.229   -14.447 -6.553  1.00 41.14 ? 700 GLU A N   1 
ATOM   672  C CA  . GLU A 1 123 ? 8.357   -15.255 -7.748  1.00 47.51 ? 700 GLU A CA  1 
ATOM   673  C C   . GLU A 1 123 ? 6.978   -15.624 -8.267  1.00 41.80 ? 700 GLU A C   1 
ATOM   674  O O   . GLU A 1 123 ? 6.767   -15.669 -9.477  1.00 52.14 ? 700 GLU A O   1 
ATOM   675  C CB  . GLU A 1 123 ? 9.187   -16.522 -7.489  1.00 51.32 ? 700 GLU A CB  1 
ATOM   676  C CG  . GLU A 1 123 ? 10.018  -16.970 -8.710  1.00 66.41 ? 700 GLU A CG  1 
ATOM   677  C CD  . GLU A 1 123 ? 11.063  -15.934 -9.162  1.00 74.03 ? 700 GLU A CD  1 
ATOM   678  O OE1 . GLU A 1 123 ? 11.372  -14.988 -8.394  1.00 73.64 ? 700 GLU A OE1 1 
ATOM   679  O OE2 . GLU A 1 123 ? 11.572  -16.056 -10.301 1.00 84.37 ? 700 GLU A OE2 1 
ATOM   680  N N   . LYS A 1 124 ? 6.054   -15.903 -7.355  1.00 45.02 ? 701 LYS A N   1 
ATOM   681  C CA  . LYS A 1 124 ? 4.685   -16.242 -7.746  1.00 45.87 ? 701 LYS A CA  1 
ATOM   682  C C   . LYS A 1 124 ? 4.107   -15.144 -8.638  1.00 48.46 ? 701 LYS A C   1 
ATOM   683  O O   . LYS A 1 124 ? 3.548   -15.428 -9.693  1.00 47.34 ? 701 LYS A O   1 
ATOM   684  C CB  . LYS A 1 124 ? 3.800   -16.456 -6.518  1.00 50.02 ? 701 LYS A CB  1 
ATOM   685  C CG  . LYS A 1 124 ? 2.422   -17.058 -6.841  1.00 48.49 ? 701 LYS A CG  1 
ATOM   686  C CD  . LYS A 1 124 ? 1.548   -17.197 -5.606  1.00 47.70 ? 701 LYS A CD  1 
ATOM   687  C CE  . LYS A 1 124 ? 0.133   -17.665 -5.991  1.00 46.50 ? 701 LYS A CE  1 
ATOM   688  N NZ  . LYS A 1 124 ? -0.804  -17.479 -4.851  1.00 57.92 ? 701 LYS A NZ  1 
ATOM   689  N N   . TYR A 1 125 ? 4.283   -13.885 -8.241  1.00 47.69 ? 702 TYR A N   1 
ATOM   690  C CA  . TYR A 1 125 ? 3.698   -12.787 -9.003  1.00 41.90 ? 702 TYR A CA  1 
ATOM   691  C C   . TYR A 1 125 ? 4.705   -12.039 -9.870  1.00 45.15 ? 702 TYR A C   1 
ATOM   692  O O   . TYR A 1 125 ? 4.380   -10.980 -10.416 1.00 47.19 ? 702 TYR A O   1 
ATOM   693  C CB  . TYR A 1 125 ? 2.994   -11.815 -8.048  1.00 42.24 ? 702 TYR A CB  1 
ATOM   694  C CG  . TYR A 1 125 ? 1.796   -12.437 -7.354  1.00 45.55 ? 702 TYR A CG  1 
ATOM   695  C CD1 . TYR A 1 125 ? 0.542   -12.475 -7.972  1.00 44.62 ? 702 TYR A CD1 1 
ATOM   696  C CD2 . TYR A 1 125 ? 1.920   -12.997 -6.098  1.00 41.20 ? 702 TYR A CD2 1 
ATOM   697  C CE1 . TYR A 1 125 ? -0.551  -13.059 -7.339  1.00 46.41 ? 702 TYR A CE1 1 
ATOM   698  C CE2 . TYR A 1 125 ? 0.837   -13.577 -5.457  1.00 43.96 ? 702 TYR A CE2 1 
ATOM   699  C CZ  . TYR A 1 125 ? -0.394  -13.601 -6.080  1.00 50.50 ? 702 TYR A CZ  1 
ATOM   700  O OH  . TYR A 1 125 ? -1.455  -14.182 -5.423  1.00 51.05 ? 702 TYR A OH  1 
ATOM   701  N N   . LYS A 1 126 ? 5.916   -12.588 -9.997  1.00 45.53 ? 703 LYS A N   1 
ATOM   702  C CA  . LYS A 1 126 ? 6.952   -12.018 -10.861 1.00 40.86 ? 703 LYS A CA  1 
ATOM   703  C C   . LYS A 1 126 ? 7.214   -10.553 -10.504 1.00 39.34 ? 703 LYS A C   1 
ATOM   704  O O   . LYS A 1 126 ? 7.278   -9.670  -11.374 1.00 42.77 ? 703 LYS A O   1 
ATOM   705  C CB  . LYS A 1 126 ? 6.550   -12.150 -12.333 1.00 49.21 ? 703 LYS A CB  1 
ATOM   706  C CG  . LYS A 1 126 ? 6.207   -13.579 -12.757 1.00 52.13 ? 703 LYS A CG  1 
ATOM   707  C CD  . LYS A 1 126 ? 7.421   -14.501 -12.642 1.00 60.21 ? 703 LYS A CD  1 
ATOM   708  C CE  . LYS A 1 126 ? 7.054   -15.966 -12.897 1.00 65.38 ? 703 LYS A CE  1 
ATOM   709  N NZ  . LYS A 1 126 ? 6.209   -16.538 -11.801 1.00 58.66 ? 703 LYS A NZ  1 
ATOM   710  N N   . ILE A 1 127 ? 7.334   -10.291 -9.211  1.00 37.89 ? 704 ILE A N   1 
ATOM   711  C CA  . ILE A 1 127 ? 7.507   -8.922  -8.743  1.00 36.93 ? 704 ILE A CA  1 
ATOM   712  C C   . ILE A 1 127 ? 8.984   -8.544  -8.799  1.00 39.65 ? 704 ILE A C   1 
ATOM   713  O O   . ILE A 1 127 ? 9.834   -9.333  -8.395  1.00 40.37 ? 704 ILE A O   1 
ATOM   714  C CB  . ILE A 1 127 ? 6.968   -8.755  -7.313  1.00 40.02 ? 704 ILE A CB  1 
ATOM   715  C CG1 . ILE A 1 127 ? 5.435   -8.844  -7.325  1.00 37.27 ? 704 ILE A CG1 1 
ATOM   716  C CG2 . ILE A 1 127 ? 7.432   -7.424  -6.714  1.00 41.56 ? 704 ILE A CG2 1 
ATOM   717  C CD1 . ILE A 1 127 ? 4.835   -9.145  -5.981  1.00 39.23 ? 704 ILE A CD1 1 
ATOM   718  N N   . ASP A 1 128 ? 9.291   -7.357  -9.317  1.00 41.00 ? 705 ASP A N   1 
ATOM   719  C CA  . ASP A 1 128 ? 10.677  -6.901  -9.395  1.00 40.98 ? 705 ASP A CA  1 
ATOM   720  C C   . ASP A 1 128 ? 11.116  -6.074  -8.171  1.00 41.86 ? 705 ASP A C   1 
ATOM   721  O O   . ASP A 1 128 ? 12.257  -6.219  -7.684  1.00 36.55 ? 705 ASP A O   1 
ATOM   722  C CB  . ASP A 1 128 ? 10.890  -6.091  -10.676 1.00 39.71 ? 705 ASP A CB  1 
ATOM   723  C CG  . ASP A 1 128 ? 10.714  -6.929  -11.928 1.00 43.88 ? 705 ASP A CG  1 
ATOM   724  O OD1 . ASP A 1 128 ? 11.517  -7.858  -12.131 1.00 52.58 ? 705 ASP A OD1 1 
ATOM   725  O OD2 . ASP A 1 128 ? 9.774   -6.667  -12.718 1.00 47.29 ? 705 ASP A OD2 1 
ATOM   726  N N   . TYR A 1 129 ? 10.232  -5.195  -7.694  1.00 35.97 ? 706 TYR A N   1 
ATOM   727  C CA  . TYR A 1 129 ? 10.524  -4.363  -6.522  1.00 35.54 ? 706 TYR A CA  1 
ATOM   728  C C   . TYR A 1 129 ? 9.342   -4.276  -5.583  1.00 40.95 ? 706 TYR A C   1 
ATOM   729  O O   . TYR A 1 129 ? 8.185   -4.301  -6.015  1.00 37.63 ? 706 TYR A O   1 
ATOM   730  C CB  . TYR A 1 129 ? 10.931  -2.929  -6.923  1.00 34.93 ? 706 TYR A CB  1 
ATOM   731  C CG  . TYR A 1 129 ? 12.112  -2.850  -7.858  1.00 38.97 ? 706 TYR A CG  1 
ATOM   732  C CD1 . TYR A 1 129 ? 13.400  -2.624  -7.379  1.00 40.49 ? 706 TYR A CD1 1 
ATOM   733  C CD2 . TYR A 1 129 ? 11.934  -2.983  -9.222  1.00 34.72 ? 706 TYR A CD2 1 
ATOM   734  C CE1 . TYR A 1 129 ? 14.487  -2.557  -8.255  1.00 42.25 ? 706 TYR A CE1 1 
ATOM   735  C CE2 . TYR A 1 129 ? 13.009  -2.921  -10.105 1.00 41.62 ? 706 TYR A CE2 1 
ATOM   736  C CZ  . TYR A 1 129 ? 14.283  -2.705  -9.611  1.00 40.91 ? 706 TYR A CZ  1 
ATOM   737  O OH  . TYR A 1 129 ? 15.326  -2.649  -10.500 1.00 39.38 ? 706 TYR A OH  1 
ATOM   738  N N   . VAL A 1 130 ? 9.644   -4.169  -4.293  1.00 36.33 ? 707 VAL A N   1 
ATOM   739  C CA  . VAL A 1 130 ? 8.636   -3.893  -3.281  1.00 34.19 ? 707 VAL A CA  1 
ATOM   740  C C   . VAL A 1 130 ? 8.784   -2.444  -2.858  1.00 42.88 ? 707 VAL A C   1 
ATOM   741  O O   . VAL A 1 130 ? 9.898   -1.988  -2.568  1.00 43.00 ? 707 VAL A O   1 
ATOM   742  C CB  . VAL A 1 130 ? 8.774   -4.816  -2.071  1.00 35.24 ? 707 VAL A CB  1 
ATOM   743  C CG1 . VAL A 1 130 ? 7.882   -4.342  -0.923  1.00 35.85 ? 707 VAL A CG1 1 
ATOM   744  C CG2 . VAL A 1 130 ? 8.427   -6.242  -2.466  1.00 36.87 ? 707 VAL A CG2 1 
ATOM   745  N N   . ALA A 1 131 ? 7.679   -1.708  -2.865  1.00 32.54 ? 708 ALA A N   1 
ATOM   746  C CA  . ALA A 1 131 ? 7.697   -0.294  -2.529  1.00 39.80 ? 708 ALA A CA  1 
ATOM   747  C C   . ALA A 1 131 ? 7.083   -0.101  -1.158  1.00 47.63 ? 708 ALA A C   1 
ATOM   748  O O   . ALA A 1 131 ? 5.941   -0.476  -0.949  1.00 42.09 ? 708 ALA A O   1 
ATOM   749  C CB  . ALA A 1 131 ? 6.934   0.516   -3.568  1.00 38.53 ? 708 ALA A CB  1 
ATOM   750  N N   . HIS A 1 132 ? 7.833   0.459   -0.215  1.00 45.16 ? 709 HIS A N   1 
ATOM   751  C CA  . HIS A 1 132 ? 7.261   0.703   1.110   1.00 55.45 ? 709 HIS A CA  1 
ATOM   752  C C   . HIS A 1 132 ? 7.782   1.994   1.726   1.00 52.66 ? 709 HIS A C   1 
ATOM   753  O O   . HIS A 1 132 ? 8.786   2.536   1.272   1.00 51.76 ? 709 HIS A O   1 
ATOM   754  C CB  . HIS A 1 132 ? 7.534   -0.480  2.050   1.00 63.97 ? 709 HIS A CB  1 
ATOM   755  C CG  . HIS A 1 132 ? 6.371   -0.814  2.933   0.70 64.19 ? 709 HIS A CG  1 
ATOM   756  N ND1 . HIS A 1 132 ? 6.233   -0.305  4.207   0.70 66.90 ? 709 HIS A ND1 1 
ATOM   757  C CD2 . HIS A 1 132 ? 5.277   -1.582  2.713   0.70 65.51 ? 709 HIS A CD2 1 
ATOM   758  C CE1 . HIS A 1 132 ? 5.110   -0.755  4.738   0.70 69.13 ? 709 HIS A CE1 1 
ATOM   759  N NE2 . HIS A 1 132 ? 4.509   -1.530  3.852   0.70 69.43 ? 709 HIS A NE2 1 
ATOM   760  N N   . ASP A 1 133 ? 7.084   2.474   2.759   1.00 60.17 ? 710 ASP A N   1 
ATOM   761  C CA  A ASP A 1 133 ? 7.444   3.735   3.399   0.50 63.38 ? 710 ASP A CA  1 
ATOM   762  C CA  B ASP A 1 133 ? 7.433   3.708   3.469   0.50 63.39 ? 710 ASP A CA  1 
ATOM   763  C C   . ASP A 1 133 ? 8.885   3.731   3.923   1.00 59.97 ? 710 ASP A C   1 
ATOM   764  O O   . ASP A 1 133 ? 9.289   2.875   4.709   1.00 63.04 ? 710 ASP A O   1 
ATOM   765  C CB  A ASP A 1 133 ? 6.462   4.064   4.536   0.50 64.60 ? 710 ASP A CB  1 
ATOM   766  C CB  B ASP A 1 133 ? 6.532   3.894   4.697   0.50 64.76 ? 710 ASP A CB  1 
ATOM   767  C CG  A ASP A 1 133 ? 5.899   2.821   5.212   0.50 65.16 ? 710 ASP A CG  1 
ATOM   768  C CG  B ASP A 1 133 ? 5.062   3.928   4.350   0.50 63.75 ? 710 ASP A CG  1 
ATOM   769  O OD1 A ASP A 1 133 ? 6.647   1.833   5.376   0.50 66.25 ? 710 ASP A OD1 1 
ATOM   770  O OD1 B ASP A 1 133 ? 4.550   5.035   4.087   0.50 66.90 ? 710 ASP A OD1 1 
ATOM   771  O OD2 A ASP A 1 133 ? 4.705   2.836   5.592   0.50 67.19 ? 710 ASP A OD2 1 
ATOM   772  O OD2 B ASP A 1 133 ? 4.417   2.856   4.342   0.50 69.03 ? 710 ASP A OD2 1 
ATOM   773  N N   . GLU A 1 143 ? 14.988  -4.945  14.415  1.00 85.41 ? 738 GLU A N   1 
ATOM   774  C CA  . GLU A 1 143 ? 14.709  -5.996  13.440  1.00 83.60 ? 738 GLU A CA  1 
ATOM   775  C C   . GLU A 1 143 ? 14.029  -5.435  12.186  1.00 86.10 ? 738 GLU A C   1 
ATOM   776  O O   . GLU A 1 143 ? 12.836  -5.119  12.204  1.00 85.59 ? 738 GLU A O   1 
ATOM   777  C CB  . GLU A 1 143 ? 13.838  -7.089  14.069  1.00 83.54 ? 738 GLU A CB  1 
ATOM   778  N N   . ASP A 1 144 ? 14.790  -5.316  11.100  1.00 80.02 ? 739 ASP A N   1 
ATOM   779  C CA  . ASP A 1 144 ? 14.258  -4.772  9.852   1.00 69.89 ? 739 ASP A CA  1 
ATOM   780  C C   . ASP A 1 144 ? 13.595  -5.865  9.010   1.00 69.40 ? 739 ASP A C   1 
ATOM   781  O O   . ASP A 1 144 ? 14.265  -6.753  8.475   1.00 69.07 ? 739 ASP A O   1 
ATOM   782  C CB  . ASP A 1 144 ? 15.371  -4.081  9.061   1.00 69.75 ? 739 ASP A CB  1 
ATOM   783  C CG  . ASP A 1 144 ? 14.857  -3.334  7.834   1.00 71.28 ? 739 ASP A CG  1 
ATOM   784  O OD1 . ASP A 1 144 ? 13.619  -3.267  7.630   1.00 73.45 ? 739 ASP A OD1 1 
ATOM   785  O OD2 . ASP A 1 144 ? 15.703  -2.796  7.078   1.00 66.14 ? 739 ASP A OD2 1 
ATOM   786  N N   . ILE A 1 145 ? 12.270  -5.795  8.909   1.00 72.33 ? 740 ILE A N   1 
ATOM   787  C CA  . ILE A 1 145 ? 11.491  -6.754  8.127   1.00 67.10 ? 740 ILE A CA  1 
ATOM   788  C C   . ILE A 1 145 ? 11.896  -6.721  6.653   1.00 64.48 ? 740 ILE A C   1 
ATOM   789  O O   . ILE A 1 145 ? 11.862  -7.737  5.963   1.00 65.45 ? 740 ILE A O   1 
ATOM   790  C CB  . ILE A 1 145 ? 9.975   -6.470  8.250   1.00 68.57 ? 740 ILE A CB  1 
ATOM   791  C CG1 . ILE A 1 145 ? 9.519   -6.637  9.701   1.00 70.26 ? 740 ILE A CG1 1 
ATOM   792  C CG2 . ILE A 1 145 ? 9.165   -7.381  7.337   1.00 71.54 ? 740 ILE A CG2 1 
ATOM   793  N N   . TYR A 1 146 ? 12.306  -5.548  6.181   1.00 62.03 ? 741 TYR A N   1 
ATOM   794  C CA  . TYR A 1 146 ? 12.605  -5.360  4.764   1.00 63.94 ? 741 TYR A CA  1 
ATOM   795  C C   . TYR A 1 146 ? 14.101  -5.474  4.424   1.00 54.71 ? 741 TYR A C   1 
ATOM   796  O O   . TYR A 1 146 ? 14.510  -5.203  3.296   1.00 51.92 ? 741 TYR A O   1 
ATOM   797  C CB  . TYR A 1 146 ? 12.055  -4.008  4.312   1.00 61.98 ? 741 TYR A CB  1 
ATOM   798  C CG  . TYR A 1 146 ? 10.537  -3.927  4.380   1.00 70.34 ? 741 TYR A CG  1 
ATOM   799  C CD1 . TYR A 1 146 ? 9.750   -5.020  4.034   1.00 72.19 ? 741 TYR A CD1 1 
ATOM   800  C CD2 . TYR A 1 146 ? 9.893   -2.763  4.795   1.00 75.74 ? 741 TYR A CD2 1 
ATOM   801  C CE1 . TYR A 1 146 ? 8.361   -4.957  4.092   1.00 75.36 ? 741 TYR A CE1 1 
ATOM   802  C CE2 . TYR A 1 146 ? 8.502   -2.692  4.862   1.00 71.79 ? 741 TYR A CE2 1 
ATOM   803  C CZ  . TYR A 1 146 ? 7.746   -3.793  4.507   1.00 77.04 ? 741 TYR A CZ  1 
ATOM   804  O OH  . TYR A 1 146 ? 6.370   -3.736  4.561   1.00 80.54 ? 741 TYR A OH  1 
ATOM   805  N N   . ALA A 1 147 ? 14.905  -5.900  5.396   1.00 57.09 ? 742 ALA A N   1 
ATOM   806  C CA  . ALA A 1 147 ? 16.350  -6.046  5.199   1.00 49.23 ? 742 ALA A CA  1 
ATOM   807  C C   . ALA A 1 147 ? 16.687  -7.013  4.069   1.00 49.16 ? 742 ALA A C   1 
ATOM   808  O O   . ALA A 1 147 ? 17.559  -6.723  3.249   1.00 43.29 ? 742 ALA A O   1 
ATOM   809  C CB  . ALA A 1 147 ? 17.014  -6.497  6.488   1.00 55.25 ? 742 ALA A CB  1 
ATOM   810  N N   . TRP A 1 148 ? 15.994  -8.152  4.008   1.00 44.70 ? 743 TRP A N   1 
ATOM   811  C CA  . TRP A 1 148 ? 16.288  -9.133  2.972   1.00 41.97 ? 743 TRP A CA  1 
ATOM   812  C C   . TRP A 1 148 ? 15.953  -8.586  1.592   1.00 41.47 ? 743 TRP A C   1 
ATOM   813  O O   . TRP A 1 148 ? 16.597  -8.955  0.602   1.00 41.35 ? 743 TRP A O   1 
ATOM   814  C CB  . TRP A 1 148 ? 15.540  -10.454 3.227   1.00 49.57 ? 743 TRP A CB  1 
ATOM   815  C CG  . TRP A 1 148 ? 14.053  -10.382 3.041   1.00 48.04 ? 743 TRP A CG  1 
ATOM   816  C CD1 . TRP A 1 148 ? 13.125  -9.993  3.962   1.00 47.66 ? 743 TRP A CD1 1 
ATOM   817  C CD2 . TRP A 1 148 ? 13.322  -10.732 1.857   1.00 39.92 ? 743 TRP A CD2 1 
ATOM   818  N NE1 . TRP A 1 148 ? 11.861  -10.075 3.424   1.00 48.62 ? 743 TRP A NE1 1 
ATOM   819  C CE2 . TRP A 1 148 ? 11.958  -10.525 2.133   1.00 43.25 ? 743 TRP A CE2 1 
ATOM   820  C CE3 . TRP A 1 148 ? 13.694  -11.190 0.589   1.00 48.55 ? 743 TRP A CE3 1 
ATOM   821  C CZ2 . TRP A 1 148 ? 10.965  -10.751 1.184   1.00 42.04 ? 743 TRP A CZ2 1 
ATOM   822  C CZ3 . TRP A 1 148 ? 12.707  -11.428 -0.351  1.00 48.00 ? 743 TRP A CZ3 1 
ATOM   823  C CH2 . TRP A 1 148 ? 11.355  -11.210 -0.045  1.00 43.92 ? 743 TRP A CH2 1 
ATOM   824  N N   . LEU A 1 149 ? 14.965  -7.690  1.522   1.00 41.50 ? 744 LEU A N   1 
ATOM   825  C CA  . LEU A 1 149 ? 14.611  -7.054  0.258   1.00 41.02 ? 744 LEU A CA  1 
ATOM   826  C C   . LEU A 1 149 ? 15.693  -6.082  -0.198  1.00 36.71 ? 744 LEU A C   1 
ATOM   827  O O   . LEU A 1 149 ? 16.038  -6.045  -1.364  1.00 38.80 ? 744 LEU A O   1 
ATOM   828  C CB  . LEU A 1 149 ? 13.273  -6.323  0.371   1.00 39.51 ? 744 LEU A CB  1 
ATOM   829  C CG  . LEU A 1 149 ? 12.063  -7.270  0.380   1.00 43.90 ? 744 LEU A CG  1 
ATOM   830  C CD1 . LEU A 1 149 ? 10.818  -6.541  0.825   1.00 44.41 ? 744 LEU A CD1 1 
ATOM   831  C CD2 . LEU A 1 149 ? 11.861  -7.893  -1.000  1.00 42.36 ? 744 LEU A CD2 1 
ATOM   832  N N   . LYS A 1 150 ? 16.201  -5.286  0.729   1.00 37.83 ? 745 LYS A N   1 
ATOM   833  C CA  . LYS A 1 150 ? 17.328  -4.373  0.451   1.00 40.21 ? 745 LYS A CA  1 
ATOM   834  C C   . LYS A 1 150 ? 18.611  -5.093  0.014   1.00 37.97 ? 745 LYS A C   1 
ATOM   835  O O   . LYS A 1 150 ? 19.280  -4.650  -0.938  1.00 36.18 ? 745 LYS A O   1 
ATOM   836  C CB  . LYS A 1 150 ? 17.601  -3.522  1.687   1.00 39.45 ? 745 LYS A CB  1 
ATOM   837  C CG  . LYS A 1 150 ? 16.440  -2.636  2.046   1.00 41.98 ? 745 LYS A CG  1 
ATOM   838  C CD  . LYS A 1 150 ? 16.685  -1.808  3.304   1.00 52.08 ? 745 LYS A CD  1 
ATOM   839  C CE  . LYS A 1 150 ? 15.438  -0.983  3.634   1.00 50.24 ? 745 LYS A CE  1 
ATOM   840  N NZ  . LYS A 1 150 ? 15.525  -0.230  4.917   1.00 53.75 ? 745 LYS A NZ  1 
ATOM   841  N N   . ARG A 1 151 ? 18.956  -6.193  0.691   1.00 36.00 ? 746 ARG A N   1 
ATOM   842  C CA  . ARG A 1 151 ? 20.109  -7.023  0.300   1.00 40.51 ? 746 ARG A CA  1 
ATOM   843  C C   . ARG A 1 151 ? 19.985  -7.544  -1.125  1.00 45.81 ? 746 ARG A C   1 
ATOM   844  O O   . ARG A 1 151 ? 20.985  -7.746  -1.810  1.00 40.61 ? 746 ARG A O   1 
ATOM   845  C CB  . ARG A 1 151 ? 20.296  -8.236  1.237   1.00 46.49 ? 746 ARG A CB  1 
ATOM   846  C CG  . ARG A 1 151 ? 20.869  -7.941  2.610   1.00 52.64 ? 746 ARG A CG  1 
ATOM   847  C CD  . ARG A 1 151 ? 21.339  -9.219  3.331   1.00 53.91 ? 746 ARG A CD  1 
ATOM   848  N NE  . ARG A 1 151 ? 20.245  -10.001 3.896   1.00 63.23 ? 746 ARG A NE  1 
ATOM   849  C CZ  . ARG A 1 151 ? 19.740  -9.803  5.110   1.00 60.10 ? 746 ARG A CZ  1 
ATOM   850  N NH1 . ARG A 1 151 ? 20.233  -8.845  5.878   1.00 66.53 ? 746 ARG A NH1 1 
ATOM   851  N NH2 . ARG A 1 151 ? 18.739  -10.553 5.552   1.00 58.56 ? 746 ARG A NH2 1 
ATOM   852  N N   . ALA A 1 152 ? 18.754  -7.794  -1.561  1.00 43.68 ? 747 ALA A N   1 
ATOM   853  C CA  . ALA A 1 152 ? 18.526  -8.374  -2.872  1.00 39.64 ? 747 ALA A CA  1 
ATOM   854  C C   . ALA A 1 152 ? 18.417  -7.302  -3.954  1.00 37.14 ? 747 ALA A C   1 
ATOM   855  O O   . ALA A 1 152 ? 18.388  -7.619  -5.148  1.00 40.74 ? 747 ALA A O   1 
ATOM   856  C CB  . ALA A 1 152 ? 17.249  -9.256  -2.837  1.00 34.96 ? 747 ALA A CB  1 
ATOM   857  N N   . GLY A 1 153 ? 18.380  -6.038  -3.540  1.00 34.02 ? 748 GLY A N   1 
ATOM   858  C CA  . GLY A 1 153 ? 18.212  -4.924  -4.461  1.00 33.77 ? 748 GLY A CA  1 
ATOM   859  C C   . GLY A 1 153 ? 16.759  -4.766  -4.933  1.00 40.56 ? 748 GLY A C   1 
ATOM   860  O O   . GLY A 1 153 ? 16.487  -4.193  -5.986  1.00 41.05 ? 748 GLY A O   1 
ATOM   861  N N   . LYS A 1 154 ? 15.822  -5.268  -4.143  1.00 39.08 ? 749 LYS A N   1 
ATOM   862  C CA  . LYS A 1 154 ? 14.409  -5.273  -4.558  1.00 40.56 ? 749 LYS A CA  1 
ATOM   863  C C   . LYS A 1 154 ? 13.537  -4.339  -3.723  1.00 43.30 ? 749 LYS A C   1 
ATOM   864  O O   . LYS A 1 154 ? 12.301  -4.379  -3.789  1.00 46.07 ? 749 LYS A O   1 
ATOM   865  C CB  . LYS A 1 154 ? 13.872  -6.694  -4.489  1.00 38.75 ? 749 LYS A CB  1 
ATOM   866  C CG  . LYS A 1 154 ? 14.504  -7.616  -5.517  1.00 45.14 ? 749 LYS A CG  1 
ATOM   867  C CD  . LYS A 1 154 ? 13.925  -9.016  -5.427  1.00 50.85 ? 749 LYS A CD  1 
ATOM   868  C CE  . LYS A 1 154 ? 14.649  -9.972  -6.369  1.00 58.10 ? 749 LYS A CE  1 
ATOM   869  N NZ  . LYS A 1 154 ? 14.777  -9.389  -7.738  1.00 60.90 ? 749 LYS A NZ  1 
ATOM   870  N N   . PHE A 1 155 ? 14.170  -3.484  -2.935  1.00 37.28 ? 750 PHE A N   1 
ATOM   871  C CA  . PHE A 1 155 ? 13.411  -2.579  -2.078  1.00 39.98 ? 750 PHE A CA  1 
ATOM   872  C C   . PHE A 1 155 ? 13.449  -1.154  -2.607  1.00 46.30 ? 750 PHE A C   1 
ATOM   873  O O   . PHE A 1 155 ? 14.528  -0.603  -2.829  1.00 44.49 ? 750 PHE A O   1 
ATOM   874  C CB  . PHE A 1 155 ? 13.948  -2.610  -0.639  1.00 41.48 ? 750 PHE A CB  1 
ATOM   875  C CG  . PHE A 1 155 ? 13.172  -1.733  0.307   1.00 44.87 ? 750 PHE A CG  1 
ATOM   876  C CD1 . PHE A 1 155 ? 12.079  -2.232  0.989   1.00 56.95 ? 750 PHE A CD1 1 
ATOM   877  C CD2 . PHE A 1 155 ? 13.511  -0.400  0.483   1.00 46.03 ? 750 PHE A CD2 1 
ATOM   878  C CE1 . PHE A 1 155 ? 11.343  -1.420  1.850   1.00 62.92 ? 750 PHE A CE1 1 
ATOM   879  C CE2 . PHE A 1 155 ? 12.788  0.409   1.335   1.00 48.42 ? 750 PHE A CE2 1 
ATOM   880  C CZ  . PHE A 1 155 ? 11.702  -0.101  2.023   1.00 54.66 ? 750 PHE A CZ  1 
ATOM   881  N N   . LYS A 1 156 ? 12.276  -0.560  -2.800  1.00 37.82 ? 751 LYS A N   1 
ATOM   882  C CA  . LYS A 1 156 ? 12.168  0.843   -3.202  1.00 43.86 ? 751 LYS A CA  1 
ATOM   883  C C   . LYS A 1 156 ? 11.440  1.688   -2.169  1.00 47.12 ? 751 LYS A C   1 
ATOM   884  O O   . LYS A 1 156 ? 10.268  1.455   -1.889  1.00 44.45 ? 751 LYS A O   1 
ATOM   885  C CB  . LYS A 1 156 ? 11.436  0.960   -4.528  1.00 41.36 ? 751 LYS A CB  1 
ATOM   886  C CG  . LYS A 1 156 ? 12.269  0.590   -5.704  1.00 41.47 ? 751 LYS A CG  1 
ATOM   887  C CD  . LYS A 1 156 ? 13.264  1.701   -5.931  1.00 48.87 ? 751 LYS A CD  1 
ATOM   888  C CE  . LYS A 1 156 ? 14.217  1.356   -7.012  1.00 45.96 ? 751 LYS A CE  1 
ATOM   889  N NZ  . LYS A 1 156 ? 15.249  2.425   -7.103  1.00 55.15 ? 751 LYS A NZ  1 
ATOM   890  N N   . ALA A 1 157 ? 12.106  2.700   -1.630  1.00 38.25 ? 752 ALA A N   1 
ATOM   891  C CA  . ALA A 1 157 ? 11.469  3.536   -0.618  1.00 43.27 ? 752 ALA A CA  1 
ATOM   892  C C   . ALA A 1 157 ? 10.448  4.488   -1.236  1.00 43.98 ? 752 ALA A C   1 
ATOM   893  O O   . ALA A 1 157 ? 10.694  5.070   -2.289  1.00 46.99 ? 752 ALA A O   1 
ATOM   894  C CB  . ALA A 1 157 ? 12.522  4.336   0.156   1.00 48.40 ? 752 ALA A CB  1 
ATOM   895  N N   . THR A 1 158 ? 9.304   4.630   -0.572  1.00 47.94 ? 753 THR A N   1 
ATOM   896  C CA  . THR A 1 158 ? 8.365   5.725   -0.844  1.00 53.85 ? 753 THR A CA  1 
ATOM   897  C C   . THR A 1 158 ? 8.118   6.496   0.457   1.00 58.87 ? 753 THR A C   1 
ATOM   898  O O   . THR A 1 158 ? 8.586   6.084   1.518   1.00 64.69 ? 753 THR A O   1 
ATOM   899  C CB  . THR A 1 158 ? 7.018   5.226   -1.390  1.00 48.87 ? 753 THR A CB  1 
ATOM   900  O OG1 . THR A 1 158 ? 6.426   4.341   -0.434  1.00 53.13 ? 753 THR A OG1 1 
ATOM   901  C CG2 . THR A 1 158 ? 7.198   4.499   -2.730  1.00 49.27 ? 753 THR A CG2 1 
ATOM   902  N N   . GLN A 1 159 ? 7.372   7.596   0.382   1.00 62.40 ? 754 GLN A N   1 
ATOM   903  C CA  . GLN A 1 159 ? 7.146   8.447   1.557   1.00 64.50 ? 754 GLN A CA  1 
ATOM   904  C C   . GLN A 1 159 ? 5.668   8.686   1.849   1.00 64.97 ? 754 GLN A C   1 
ATOM   905  O O   . GLN A 1 159 ? 4.839   8.719   0.938   1.00 60.96 ? 754 GLN A O   1 
ATOM   906  C CB  . GLN A 1 159 ? 7.848   9.801   1.390   1.00 60.36 ? 754 GLN A CB  1 
ATOM   907  C CG  . GLN A 1 159 ? 9.372   9.749   1.478   1.00 61.91 ? 754 GLN A CG  1 
ATOM   908  C CD  . GLN A 1 159 ? 10.036  9.377   0.164   1.00 64.40 ? 754 GLN A CD  1 
ATOM   909  O OE1 . GLN A 1 159 ? 9.903   10.084  -0.837  1.00 59.15 ? 754 GLN A OE1 1 
ATOM   910  N NE2 . GLN A 1 159 ? 10.765  8.266   0.165   1.00 63.02 ? 754 GLN A NE2 1 
ATOM   911  N N   . ARG A 1 160 ? 5.345   8.864   3.127   1.00 63.48 ? 755 ARG A N   1 
ATOM   912  C CA  . ARG A 1 160 ? 3.993   9.231   3.529   1.00 63.91 ? 755 ARG A CA  1 
ATOM   913  C C   . ARG A 1 160 ? 3.779   10.742  3.417   1.00 65.02 ? 755 ARG A C   1 
ATOM   914  O O   . ARG A 1 160 ? 4.725   11.508  3.204   1.00 70.66 ? 755 ARG A O   1 
ATOM   915  C CB  . ARG A 1 160 ? 3.713   8.762   4.960   1.00 66.18 ? 755 ARG A CB  1 
ATOM   916  N N   . THR A 1 161 ? 2.526   11.158  3.541   1.00 66.76 ? 756 THR A N   1 
ATOM   917  C CA  . THR A 1 161 ? 2.178   12.570  3.652   1.00 68.88 ? 756 THR A CA  1 
ATOM   918  C C   . THR A 1 161 ? 1.354   12.747  4.919   1.00 76.62 ? 756 THR A C   1 
ATOM   919  O O   . THR A 1 161 ? 0.329   12.080  5.088   1.00 73.65 ? 756 THR A O   1 
ATOM   920  C CB  . THR A 1 161 ? 1.375   13.071  2.434   1.00 70.38 ? 756 THR A CB  1 
ATOM   921  O OG1 . THR A 1 161 ? 2.096   12.790  1.227   1.00 64.90 ? 756 THR A OG1 1 
ATOM   922  C CG2 . THR A 1 161 ? 1.100   14.577  2.547   1.00 71.50 ? 756 THR A CG2 1 
ATOM   923  N N   . GLU A 1 162 ? 1.797   13.630  5.812   1.00 84.14 ? 757 GLU A N   1 
ATOM   924  C CA  . GLU A 1 162 ? 1.090   13.843  7.076   1.00 82.98 ? 757 GLU A CA  1 
ATOM   925  C C   . GLU A 1 162 ? 0.002   14.914  6.944   1.00 82.17 ? 757 GLU A C   1 
ATOM   926  O O   . GLU A 1 162 ? -0.063  15.628  5.937   1.00 81.09 ? 757 GLU A O   1 
ATOM   927  C CB  . GLU A 1 162 ? 2.078   14.224  8.185   1.00 80.31 ? 757 GLU A CB  1 
ATOM   928  N N   . GLY A 1 163 ? -0.860  15.001  7.957   1.00 81.71 ? 758 GLY A N   1 
ATOM   929  C CA  . GLY A 1 163 ? -1.830  16.082  8.072   1.00 81.45 ? 758 GLY A CA  1 
ATOM   930  C C   . GLY A 1 163 ? -2.944  16.108  7.036   1.00 80.82 ? 758 GLY A C   1 
ATOM   931  O O   . GLY A 1 163 ? -3.794  17.003  7.037   1.00 73.64 ? 758 GLY A O   1 
ATOM   932  N N   . VAL A 1 164 ? -2.951  15.118  6.155   1.00 79.32 ? 759 VAL A N   1 
ATOM   933  C CA  . VAL A 1 164 ? -3.903  15.090  5.056   1.00 69.13 ? 759 VAL A CA  1 
ATOM   934  C C   . VAL A 1 164 ? -4.854  13.912  5.249   1.00 70.58 ? 759 VAL A C   1 
ATOM   935  O O   . VAL A 1 164 ? -5.569  13.496  4.333   1.00 71.07 ? 759 VAL A O   1 
ATOM   936  C CB  . VAL A 1 164 ? -3.158  15.008  3.703   1.00 71.59 ? 759 VAL A CB  1 
ATOM   937  C CG1 . VAL A 1 164 ? -2.535  13.623  3.507   1.00 68.64 ? 759 VAL A CG1 1 
ATOM   938  C CG2 . VAL A 1 164 ? -4.069  15.403  2.551   1.00 65.84 ? 759 VAL A CG2 1 
ATOM   939  N N   . SER A 1 165 ? -4.871  13.396  6.475   1.00 73.02 ? 760 SER A N   1 
ATOM   940  C CA  . SER A 1 165 ? -5.643  12.203  6.819   1.00 73.73 ? 760 SER A CA  1 
ATOM   941  C C   . SER A 1 165 ? -7.156  12.431  6.812   1.00 67.06 ? 760 SER A C   1 
ATOM   942  O O   . SER A 1 165 ? -7.635  13.561  6.922   1.00 64.78 ? 760 SER A O   1 
ATOM   943  C CB  . SER A 1 165 ? -5.201  11.679  8.194   1.00 71.53 ? 760 SER A CB  1 
ATOM   944  O OG  . SER A 1 165 ? -6.184  10.843  8.774   1.00 77.04 ? 760 SER A OG  1 
ATOM   945  N N   . THR A 1 166 ? -7.894  11.333  6.670   1.00 69.26 ? 761 THR A N   1 
ATOM   946  C CA  . THR A 1 166 ? -9.349  11.334  6.785   1.00 70.08 ? 761 THR A CA  1 
ATOM   947  C C   . THR A 1 166 ? -9.783  11.921  8.120   1.00 68.52 ? 761 THR A C   1 
ATOM   948  O O   . THR A 1 166 ? -10.625 12.814  8.180   1.00 74.29 ? 761 THR A O   1 
ATOM   949  C CB  . THR A 1 166 ? -9.928  9.906   6.664   1.00 75.73 ? 761 THR A CB  1 
ATOM   950  O OG1 . THR A 1 166 ? -9.331  9.230   5.549   1.00 68.27 ? 761 THR A OG1 1 
ATOM   951  C CG2 . THR A 1 166 ? -11.444 9.948   6.487   1.00 66.00 ? 761 THR A CG2 1 
ATOM   952  N N   . THR A 1 167 ? -9.189  11.401  9.186   1.00 69.95 ? 762 THR A N   1 
ATOM   953  C CA  . THR A 1 167 ? -9.473  11.841  10.545  1.00 69.07 ? 762 THR A CA  1 
ATOM   954  C C   . THR A 1 167 ? -9.117  13.314  10.771  1.00 68.19 ? 762 THR A C   1 
ATOM   955  O O   . THR A 1 167 ? -9.731  13.991  11.595  1.00 70.45 ? 762 THR A O   1 
ATOM   956  C CB  . THR A 1 167 ? -8.712  10.961  11.559  1.00 75.42 ? 762 THR A CB  1 
ATOM   957  O OG1 . THR A 1 167 ? -7.308  10.978  11.257  1.00 76.91 ? 762 THR A OG1 1 
ATOM   958  C CG2 . THR A 1 167 ? -9.205  9.522   11.484  1.00 71.81 ? 762 THR A CG2 1 
ATOM   959  N N   . ASP A 1 168 ? -8.129  13.812  10.035  1.00 68.23 ? 763 ASP A N   1 
ATOM   960  C CA  . ASP A 1 168 ? -7.732  15.214  10.146  1.00 66.38 ? 763 ASP A CA  1 
ATOM   961  C C   . ASP A 1 168 ? -8.854  16.140  9.689   1.00 67.67 ? 763 ASP A C   1 
ATOM   962  O O   . ASP A 1 168 ? -8.958  17.277  10.148  1.00 62.19 ? 763 ASP A O   1 
ATOM   963  C CB  . ASP A 1 168 ? -6.460  15.493  9.327   1.00 73.77 ? 763 ASP A CB  1 
ATOM   964  C CG  . ASP A 1 168 ? -5.206  14.899  9.957   1.00 73.05 ? 763 ASP A CG  1 
ATOM   965  O OD1 . ASP A 1 168 ? -5.100  14.889  11.200  1.00 81.82 ? 763 ASP A OD1 1 
ATOM   966  O OD2 . ASP A 1 168 ? -4.316  14.448  9.206   1.00 78.08 ? 763 ASP A OD2 1 
ATOM   967  N N   . LEU A 1 169 ? -9.694  15.647  8.783   1.00 65.26 ? 764 LEU A N   1 
ATOM   968  C CA  . LEU A 1 169 ? -10.754 16.466  8.203   1.00 62.44 ? 764 LEU A CA  1 
ATOM   969  C C   . LEU A 1 169 ? -11.936 16.626  9.153   1.00 67.07 ? 764 LEU A C   1 
ATOM   970  O O   . LEU A 1 169 ? -12.657 17.621  9.097   1.00 64.96 ? 764 LEU A O   1 
ATOM   971  C CB  . LEU A 1 169 ? -11.222 15.869  6.868   1.00 66.28 ? 764 LEU A CB  1 
ATOM   972  C CG  . LEU A 1 169 ? -10.540 16.377  5.588   1.00 65.74 ? 764 LEU A CG  1 
ATOM   973  C CD1 . LEU A 1 169 ? -9.020  16.336  5.686   1.00 63.55 ? 764 LEU A CD1 1 
ATOM   974  C CD2 . LEU A 1 169 ? -11.009 15.584  4.373   1.00 65.11 ? 764 LEU A CD2 1 
ATOM   975  N N   . ILE A 1 170 ? -12.143 15.649  10.028  1.00 67.50 ? 765 ILE A N   1 
ATOM   976  C CA  . ILE A 1 170 ? -13.201 15.774  11.016  1.00 64.13 ? 765 ILE A CA  1 
ATOM   977  C C   . ILE A 1 170 ? -12.817 16.837  12.045  1.00 70.66 ? 765 ILE A C   1 
ATOM   978  O O   . ILE A 1 170 ? -13.643 17.666  12.431  1.00 72.00 ? 765 ILE A O   1 
ATOM   979  C CB  . ILE A 1 170 ? -13.494 14.438  11.707  1.00 73.06 ? 765 ILE A CB  1 
ATOM   980  C CG1 . ILE A 1 170 ? -14.106 13.453  10.708  1.00 74.63 ? 765 ILE A CG1 1 
ATOM   981  C CG2 . ILE A 1 170 ? -14.463 14.636  12.859  1.00 72.17 ? 765 ILE A CG2 1 
ATOM   982  C CD1 . ILE A 1 170 ? -13.127 12.447  10.150  1.00 72.38 ? 765 ILE A CD1 1 
ATOM   983  N N   . VAL A 1 171 ? -11.555 16.824  12.466  1.00 72.66 ? 766 VAL A N   1 
ATOM   984  C CA  . VAL A 1 171 ? -11.027 17.855  13.357  1.00 71.39 ? 766 VAL A CA  1 
ATOM   985  C C   . VAL A 1 171 ? -11.328 19.250  12.813  1.00 75.74 ? 766 VAL A C   1 
ATOM   986  O O   . VAL A 1 171 ? -11.647 20.176  13.562  1.00 78.68 ? 766 VAL A O   1 
ATOM   987  C CB  . VAL A 1 171 ? -9.506  17.706  13.551  1.00 74.34 ? 766 VAL A CB  1 
ATOM   988  C CG1 . VAL A 1 171 ? -8.957  18.852  14.390  1.00 76.38 ? 766 VAL A CG1 1 
ATOM   989  C CG2 . VAL A 1 171 ? -9.176  16.358  14.178  1.00 70.37 ? 766 VAL A CG2 1 
ATOM   990  N N   . ARG A 1 172 ? -11.245 19.383  11.496  1.00 73.09 ? 767 ARG A N   1 
ATOM   991  C CA  . ARG A 1 172 ? -11.514 20.646  10.834  1.00 68.79 ? 767 ARG A CA  1 
ATOM   992  C C   . ARG A 1 172 ? -12.999 21.003  10.893  1.00 70.60 ? 767 ARG A C   1 
ATOM   993  O O   . ARG A 1 172 ? -13.360 22.167  11.060  1.00 76.40 ? 767 ARG A O   1 
ATOM   994  C CB  . ARG A 1 172 ? -11.032 20.586  9.381   1.00 66.69 ? 767 ARG A CB  1 
ATOM   995  C CG  . ARG A 1 172 ? -11.055 21.923  8.668   1.00 67.52 ? 767 ARG A CG  1 
ATOM   996  C CD  . ARG A 1 172 ? -10.729 21.774  7.190   1.00 62.20 ? 767 ARG A CD  1 
ATOM   997  N NE  . ARG A 1 172 ? -9.358  21.320  6.954   1.00 57.56 ? 767 ARG A NE  1 
ATOM   998  C CZ  . ARG A 1 172 ? -8.861  21.082  5.741   1.00 60.63 ? 767 ARG A CZ  1 
ATOM   999  N NH1 . ARG A 1 172 ? -9.627  21.251  4.672   1.00 56.90 ? 767 ARG A NH1 1 
ATOM   1000 N NH2 . ARG A 1 172 ? -7.610  20.667  5.593   1.00 54.95 ? 767 ARG A NH2 1 
ATOM   1001 N N   . ILE A 1 173 ? -13.860 19.999  10.762  1.00 70.95 ? 768 ILE A N   1 
ATOM   1002 C CA  . ILE A 1 173 ? -15.303 20.216  10.818  1.00 69.48 ? 768 ILE A CA  1 
ATOM   1003 C C   . ILE A 1 173 ? -15.738 20.659  12.209  1.00 79.26 ? 768 ILE A C   1 
ATOM   1004 O O   . ILE A 1 173 ? -16.670 21.454  12.363  1.00 77.70 ? 768 ILE A O   1 
ATOM   1005 C CB  . ILE A 1 173 ? -16.081 18.944  10.438  1.00 70.55 ? 768 ILE A CB  1 
ATOM   1006 C CG1 . ILE A 1 173 ? -15.761 18.529  9.004   1.00 71.68 ? 768 ILE A CG1 1 
ATOM   1007 C CG2 . ILE A 1 173 ? -17.579 19.153  10.591  1.00 69.05 ? 768 ILE A CG2 1 
ATOM   1008 C CD1 . ILE A 1 173 ? -16.411 17.237  8.595   1.00 64.43 ? 768 ILE A CD1 1 
ATOM   1009 N N   . LEU A 1 174 ? -15.051 20.149  13.223  1.00 77.14 ? 769 LEU A N   1 
ATOM   1010 C CA  . LEU A 1 174 ? -15.458 20.395  14.596  1.00 77.74 ? 769 LEU A CA  1 
ATOM   1011 C C   . LEU A 1 174 ? -15.036 21.776  15.081  1.00 79.44 ? 769 LEU A C   1 
ATOM   1012 O O   . LEU A 1 174 ? -15.667 22.338  15.978  1.00 81.37 ? 769 LEU A O   1 
ATOM   1013 C CB  . LEU A 1 174 ? -14.904 19.308  15.515  1.00 73.36 ? 769 LEU A CB  1 
ATOM   1014 C CG  . LEU A 1 174 ? -15.633 17.970  15.373  1.00 69.22 ? 769 LEU A CG  1 
ATOM   1015 C CD1 . LEU A 1 174 ? -15.297 17.041  16.522  1.00 70.39 ? 769 LEU A CD1 1 
ATOM   1016 C CD2 . LEU A 1 174 ? -17.134 18.186  15.282  1.00 69.64 ? 769 LEU A CD2 1 
ATOM   1017 N N   . LYS A 1 175 ? -13.993 22.337  14.475  1.00 82.55 ? 770 LYS A N   1 
ATOM   1018 C CA  . LYS A 1 175 ? -13.557 23.691  14.820  1.00 82.20 ? 770 LYS A CA  1 
ATOM   1019 C C   . LYS A 1 175 ? -14.452 24.747  14.166  1.00 87.24 ? 770 LYS A C   1 
ATOM   1020 O O   . LYS A 1 175 ? -13.970 25.762  13.665  1.00 89.99 ? 770 LYS A O   1 
ATOM   1021 C CB  . LYS A 1 175 ? -12.094 23.917  14.426  1.00 80.66 ? 770 LYS A CB  1 
ATOM   1022 C CG  . LYS A 1 175 ? -11.090 23.140  15.277  1.00 73.70 ? 770 LYS A CG  1 
ATOM   1023 N N   . ASN A 1 176 ? -15.755 24.475  14.166  1.00 82.17 ? 771 ASN A N   1 
ATOM   1024 C CA  . ASN A 1 176 ? -16.791 25.444  13.828  1.00 82.81 ? 771 ASN A CA  1 
ATOM   1025 C C   . ASN A 1 176 ? -17.715 25.620  15.030  1.00 85.37 ? 771 ASN A C   1 
ATOM   1026 O O   . ASN A 1 176 ? -18.797 26.210  14.918  1.00 79.46 ? 771 ASN A O   1 
ATOM   1027 C CB  . ASN A 1 176 ? -17.597 24.992  12.606  1.00 85.29 ? 771 ASN A CB  1 
ATOM   1028 C CG  . ASN A 1 176 ? -17.197 25.720  11.334  1.00 93.13 ? 771 ASN A CG  1 
ATOM   1029 O OD1 . ASN A 1 176 ? -16.179 26.415  11.290  1.00 96.08 ? 771 ASN A OD1 1 
ATOM   1030 N ND2 . ASN A 1 176 ? -18.001 25.561  10.286  1.00 84.40 ? 771 ASN A ND2 1 
ATOM   1031 N N   . TYR A 1 177 ? -17.275 25.088  16.172  1.00 83.65 ? 772 TYR A N   1 
ATOM   1032 C CA  . TYR A 1 177 ? -18.083 25.038  17.387  1.00 77.98 ? 772 TYR A CA  1 
ATOM   1033 C C   . TYR A 1 177 ? -17.242 25.289  18.638  1.00 78.71 ? 772 TYR A C   1 
ATOM   1034 O O   . TYR A 1 177 ? -16.052 25.597  18.555  1.00 75.82 ? 772 TYR A O   1 
ATOM   1035 C CB  . TYR A 1 177 ? -18.790 23.683  17.498  1.00 75.87 ? 772 TYR A CB  1 
ATOM   1036 C CG  . TYR A 1 177 ? -19.661 23.347  16.306  1.00 78.63 ? 772 TYR A CG  1 
ATOM   1037 C CD1 . TYR A 1 177 ? -20.995 23.730  16.266  1.00 71.24 ? 772 TYR A CD1 1 
ATOM   1038 C CD2 . TYR A 1 177 ? -19.146 22.651  15.215  1.00 79.37 ? 772 TYR A CD2 1 
ATOM   1039 C CE1 . TYR A 1 177 ? -21.795 23.422  15.182  1.00 71.44 ? 772 TYR A CE1 1 
ATOM   1040 C CE2 . TYR A 1 177 ? -19.937 22.346  14.123  1.00 72.56 ? 772 TYR A CE2 1 
ATOM   1041 C CZ  . TYR A 1 177 ? -21.261 22.733  14.111  1.00 77.19 ? 772 TYR A CZ  1 
ATOM   1042 O OH  . TYR A 1 177 ? -22.058 22.431  13.027  1.00 82.31 ? 772 TYR A OH  1 
HETATM 1043 C C4  . CHT B 2 .   ? 1.145   -4.640  5.582   1.00 67.28 ? 801 CHT A C4  1 
HETATM 1044 C C5  . CHT B 2 .   ? 2.005   -5.318  6.675   1.00 63.96 ? 801 CHT A C5  1 
HETATM 1045 C C6  . CHT B 2 .   ? 3.948   -3.771  6.692   1.00 76.63 ? 801 CHT A C6  1 
HETATM 1046 C C7  . CHT B 2 .   ? 4.134   -5.973  7.592   1.00 61.05 ? 801 CHT A C7  1 
HETATM 1047 C C8  . CHT B 2 .   ? 3.883   -5.666  5.217   1.00 73.43 ? 801 CHT A C8  1 
HETATM 1048 O O6  . CHT B 2 .   ? 1.284   -3.212  5.500   1.00 64.47 ? 801 CHT A O6  1 
HETATM 1049 N N1  . CHT B 2 .   ? 3.482   -5.162  6.550   1.00 77.93 ? 801 CHT A N1  1 
HETATM 1050 O O   . HOH C 3 .   ? 2.247   10.415  0.429   1.00 54.38 ? 901 HOH A O   1 
HETATM 1051 O O   . HOH C 3 .   ? -3.142  -9.714  5.281   1.00 47.80 ? 902 HOH A O   1 
HETATM 1052 O O   . HOH C 3 .   ? 4.076   -13.243 1.076   1.00 44.61 ? 903 HOH A O   1 
HETATM 1053 O O   . HOH C 3 .   ? 2.999   -10.334 -12.450 1.00 53.47 ? 904 HOH A O   1 
HETATM 1054 O O   . HOH C 3 .   ? -0.554  -13.711 5.906   1.00 49.84 ? 905 HOH A O   1 
HETATM 1055 O O   . HOH C 3 .   ? -11.170 -8.985  -1.479  1.00 46.38 ? 906 HOH A O   1 
HETATM 1056 O O   . HOH C 3 .   ? 9.810   -12.761 4.590   1.00 52.24 ? 907 HOH A O   1 
HETATM 1057 O O   . HOH C 3 .   ? -18.189 -4.784  3.142   1.00 54.12 ? 908 HOH A O   1 
HETATM 1058 O O   . HOH C 3 .   ? -2.020  2.696   -14.016 1.00 43.20 ? 909 HOH A O   1 
HETATM 1059 O O   . HOH C 3 .   ? -9.271  1.791   0.139   1.00 39.67 ? 910 HOH A O   1 
HETATM 1060 O O   . HOH C 3 .   ? 1.854   -8.411  1.275   1.00 42.06 ? 911 HOH A O   1 
HETATM 1061 O O   . HOH C 3 .   ? 3.551   -14.508 4.743   1.00 52.70 ? 912 HOH A O   1 
HETATM 1062 O O   . HOH C 3 .   ? -15.601 26.298  21.073  1.00 68.59 ? 913 HOH A O   1 
HETATM 1063 O O   . HOH C 3 .   ? 16.716  -5.375  -8.359  1.00 47.08 ? 914 HOH A O   1 
HETATM 1064 O O   . HOH C 3 .   ? 8.426   7.702   -7.968  1.00 39.14 ? 915 HOH A O   1 
HETATM 1065 O O   . HOH C 3 .   ? 14.619  -8.695  6.666   1.00 60.01 ? 916 HOH A O   1 
HETATM 1066 O O   . HOH C 3 .   ? -10.824 3.691   1.480   1.00 46.85 ? 917 HOH A O   1 
HETATM 1067 O O   . HOH C 3 .   ? 16.784  0.588   -8.365  1.00 45.89 ? 918 HOH A O   1 
HETATM 1068 O O   . HOH C 3 .   ? 5.325   4.599   -14.533 1.00 48.62 ? 919 HOH A O   1 
HETATM 1069 O O   . HOH C 3 .   ? 1.032   2.221   -0.912  1.00 46.84 ? 920 HOH A O   1 
HETATM 1070 O O   . HOH C 3 .   ? -17.032 0.615   -7.532  1.00 45.96 ? 921 HOH A O   1 
HETATM 1071 O O   . HOH C 3 .   ? 12.690  4.018   -16.018 1.00 48.67 ? 922 HOH A O   1 
HETATM 1072 O O   . HOH C 3 .   ? 14.690  3.397   -2.262  1.00 55.10 ? 923 HOH A O   1 
HETATM 1073 O O   . HOH C 3 .   ? 8.416   -9.069  -13.818 1.00 52.00 ? 924 HOH A O   1 
HETATM 1074 O O   . HOH C 3 .   ? 10.518  0.767   -17.111 1.00 53.15 ? 925 HOH A O   1 
HETATM 1075 O O   . HOH C 3 .   ? 17.934  -11.334 0.145   1.00 48.31 ? 926 HOH A O   1 
HETATM 1076 O O   . HOH C 3 .   ? 16.692  0.658   -4.038  1.00 47.79 ? 927 HOH A O   1 
HETATM 1077 O O   . HOH C 3 .   ? -15.458 -3.931  -7.663  1.00 49.39 ? 928 HOH A O   1 
HETATM 1078 O O   . HOH C 3 .   ? 14.507  -6.871  -9.238  1.00 45.81 ? 929 HOH A O   1 
HETATM 1079 O O   . HOH C 3 .   ? 5.730   -7.104  -16.696 1.00 60.91 ? 930 HOH A O   1 
HETATM 1080 O O   . HOH C 3 .   ? 0.714   2.218   -17.191 1.00 56.91 ? 931 HOH A O   1 
HETATM 1081 O O   . HOH C 3 .   ? -7.082  -10.858 -5.166  1.00 39.92 ? 932 HOH A O   1 
HETATM 1082 O O   . HOH C 3 .   ? -2.417  1.869   4.327   1.00 45.83 ? 933 HOH A O   1 
HETATM 1083 O O   . HOH C 3 .   ? 1.220   14.383  -6.557  1.00 51.26 ? 934 HOH A O   1 
HETATM 1084 O O   . HOH C 3 .   ? 1.997   -13.624 6.077   1.00 47.76 ? 935 HOH A O   1 
HETATM 1085 O O   . HOH C 3 .   ? 3.278   11.280  -5.605  1.00 43.81 ? 936 HOH A O   1 
HETATM 1086 O O   . HOH C 3 .   ? -0.959  -14.302 10.072  1.00 58.26 ? 937 HOH A O   1 
HETATM 1087 O O   . HOH C 3 .   ? -15.031 -7.667  3.129   1.00 47.73 ? 938 HOH A O   1 
HETATM 1088 O O   . HOH C 3 .   ? -4.737  2.879   6.091   1.00 47.78 ? 939 HOH A O   1 
HETATM 1089 O O   . HOH C 3 .   ? -6.972  -9.766  -8.783  1.00 40.33 ? 940 HOH A O   1 
HETATM 1090 O O   . HOH C 3 .   ? 3.695   2.879   -16.254 1.00 45.77 ? 941 HOH A O   1 
HETATM 1091 O O   . HOH C 3 .   ? -5.219  4.506   -15.103 1.00 51.17 ? 942 HOH A O   1 
HETATM 1092 O O   . HOH C 3 .   ? -10.605 -9.943  5.524   1.00 54.32 ? 943 HOH A O   1 
HETATM 1093 O O   . HOH C 3 .   ? 6.563   -8.089  4.803   1.00 53.13 ? 944 HOH A O   1 
HETATM 1094 O O   . HOH C 3 .   ? 13.082  1.305   5.612   1.00 56.57 ? 945 HOH A O   1 
HETATM 1095 O O   . HOH C 3 .   ? 10.277  8.249   -6.221  1.00 50.98 ? 946 HOH A O   1 
HETATM 1096 O O   . HOH C 3 .   ? -12.972 -9.718  5.241   1.00 56.85 ? 947 HOH A O   1 
HETATM 1097 O O   . HOH C 3 .   ? -14.169 -5.168  -3.485  1.00 46.59 ? 948 HOH A O   1 
HETATM 1098 O O   . HOH C 3 .   ? -10.068 -11.643 7.710   1.00 56.38 ? 949 HOH A O   1 
HETATM 1099 O O   . HOH C 3 .   ? 19.139  -12.738 3.050   1.00 54.40 ? 950 HOH A O   1 
HETATM 1100 O O   . HOH C 3 .   ? 2.642   -7.151  -15.624 1.00 53.97 ? 951 HOH A O   1 
HETATM 1101 O O   . HOH C 3 .   ? 0.340   -16.479 -2.049  1.00 53.26 ? 952 HOH A O   1 
HETATM 1102 O O   . HOH C 3 .   ? 0.357   8.803   4.307   1.00 55.34 ? 953 HOH A O   1 
HETATM 1103 O O   . HOH C 3 .   ? 11.103  7.973   -9.725  1.00 57.80 ? 954 HOH A O   1 
HETATM 1104 O O   . HOH C 3 .   ? -22.475 25.074  11.009  1.00 67.69 ? 955 HOH A O   1 
HETATM 1105 O O   . HOH C 3 .   ? 3.036   -10.516 0.169   1.00 50.09 ? 956 HOH A O   1 
HETATM 1106 O O   . HOH C 3 .   ? 3.030   -15.547 0.706   1.00 46.71 ? 957 HOH A O   1 
HETATM 1107 O O   . HOH C 3 .   ? 5.073   10.904  -8.055  1.00 51.22 ? 958 HOH A O   1 
HETATM 1108 O O   . HOH C 3 .   ? 20.965  -13.765 6.434   1.00 54.99 ? 959 HOH A O   1 
HETATM 1109 O O   . HOH C 3 .   ? 3.664   6.344   -15.224 1.00 53.22 ? 960 HOH A O   1 
HETATM 1110 O O   . HOH C 3 .   ? -9.779  -11.733 4.432   1.00 58.37 ? 961 HOH A O   1 
HETATM 1111 O O   . HOH C 3 .   ? 0.739   6.687   -14.825 1.00 55.24 ? 962 HOH A O   1 
HETATM 1112 O O   . HOH C 3 .   ? 11.164  5.481   9.665   1.00 68.83 ? 963 HOH A O   1 
# 
